data_8XZO
# 
_entry.id   8XZO 
# 
_audit_conform.dict_name       mmcif_pdbx.dic 
_audit_conform.dict_version    5.395 
_audit_conform.dict_location   http://mmcif.pdb.org/dictionaries/ascii/mmcif_pdbx.dic 
# 
loop_
_database_2.database_id 
_database_2.database_code 
_database_2.pdbx_database_accession 
_database_2.pdbx_DOI 
PDB   8XZO         pdb_00008xzo 10.2210/pdb8xzo/pdb 
WWPDB D_1300044558 ?            ?                   
# 
loop_
_pdbx_audit_revision_history.ordinal 
_pdbx_audit_revision_history.data_content_type 
_pdbx_audit_revision_history.major_revision 
_pdbx_audit_revision_history.minor_revision 
_pdbx_audit_revision_history.revision_date 
1 'Structure model' 1 0 2024-07-24 
2 'Structure model' 1 1 2024-08-21 
# 
_pdbx_audit_revision_details.ordinal             1 
_pdbx_audit_revision_details.revision_ordinal    1 
_pdbx_audit_revision_details.data_content_type   'Structure model' 
_pdbx_audit_revision_details.provider            repository 
_pdbx_audit_revision_details.type                'Initial release' 
_pdbx_audit_revision_details.description         ? 
_pdbx_audit_revision_details.details             ? 
# 
_pdbx_audit_revision_group.ordinal             1 
_pdbx_audit_revision_group.revision_ordinal    2 
_pdbx_audit_revision_group.data_content_type   'Structure model' 
_pdbx_audit_revision_group.group               'Database references' 
# 
_pdbx_audit_revision_category.ordinal             1 
_pdbx_audit_revision_category.revision_ordinal    2 
_pdbx_audit_revision_category.data_content_type   'Structure model' 
_pdbx_audit_revision_category.category            citation 
# 
loop_
_pdbx_audit_revision_item.ordinal 
_pdbx_audit_revision_item.revision_ordinal 
_pdbx_audit_revision_item.data_content_type 
_pdbx_audit_revision_item.item 
1 2 'Structure model' '_citation.journal_volume' 
2 2 'Structure model' '_citation.page_first'     
3 2 'Structure model' '_citation.page_last'      
# 
_pdbx_database_status.status_code                     REL 
_pdbx_database_status.status_code_sf                  REL 
_pdbx_database_status.status_code_mr                  ? 
_pdbx_database_status.entry_id                        8XZO 
_pdbx_database_status.recvd_initial_deposition_date   2024-01-21 
_pdbx_database_status.SG_entry                        N 
_pdbx_database_status.deposit_site                    PDBJ 
_pdbx_database_status.process_site                    PDBJ 
_pdbx_database_status.status_code_cs                  ? 
_pdbx_database_status.status_code_nmr_data            ? 
_pdbx_database_status.methods_development_category    ? 
_pdbx_database_status.pdb_format_compatible           Y 
# 
_pdbx_contact_author.id                 2 
_pdbx_contact_author.email              aimingren@zju.edu.cn 
_pdbx_contact_author.name_first         Aiming 
_pdbx_contact_author.name_last          Ren 
_pdbx_contact_author.name_mi            ? 
_pdbx_contact_author.role               'principal investigator/group leader' 
_pdbx_contact_author.identifier_ORCID   0000-0002-5420-4899 
# 
loop_
_audit_author.name 
_audit_author.pdbx_ordinal 
_audit_author.identifier_ORCID 
'Li, C.Y.'  1 ? 
'Ren, A.M.' 2 ? 
# 
_citation.abstract                  ? 
_citation.abstract_id_CAS           ? 
_citation.book_id_ISBN              ? 
_citation.book_publisher            ? 
_citation.book_publisher_city       ? 
_citation.book_title                ? 
_citation.coordinate_linkage        ? 
_citation.country                   UK 
_citation.database_id_Medline       ? 
_citation.details                   ? 
_citation.id                        primary 
_citation.journal_abbrev            'Nucleic Acids Res.' 
_citation.journal_id_ASTM           NARHAD 
_citation.journal_id_CSD            0389 
_citation.journal_id_ISSN           1362-4962 
_citation.journal_full              ? 
_citation.journal_issue             ? 
_citation.journal_volume            52 
_citation.language                  ? 
_citation.page_first                8454 
_citation.page_last                 8465 
_citation.title                     
'Structure-based characterization and compound identification of the wild-type THF class-II riboswitch.' 
_citation.year                      2024 
_citation.database_id_CSD           ? 
_citation.pdbx_database_id_DOI      10.1093/nar/gkae377 
_citation.pdbx_database_id_PubMed   38769061 
_citation.pdbx_database_id_patent   ? 
_citation.unpublished_flag          ? 
# 
loop_
_citation_author.citation_id 
_citation_author.name 
_citation_author.ordinal 
_citation_author.identifier_ORCID 
primary 'Li, C.'    1  ?                   
primary 'Xu, X.'    2  ?                   
primary 'Geng, Z.'  3  ?                   
primary 'Zheng, L.' 4  ?                   
primary 'Song, Q.'  5  ?                   
primary 'Shen, X.'  6  ?                   
primary 'Wu, J.'    7  ?                   
primary 'Zhao, J.'  8  ?                   
primary 'Li, H.'    9  ?                   
primary 'He, M.'    10 ?                   
primary 'Tai, X.'   11 ?                   
primary 'Zhang, L.' 12 0000-0001-8139-0474 
primary 'Ma, J.'    13 ?                   
primary 'Dong, Y.'  14 ?                   
primary 'Ren, A.'   15 0000-0002-5420-4899 
# 
loop_
_entity.id 
_entity.type 
_entity.src_method 
_entity.pdbx_description 
_entity.formula_weight 
_entity.pdbx_number_of_molecules 
_entity.pdbx_ec 
_entity.pdbx_mutation 
_entity.pdbx_fragment 
_entity.details 
1 polymer     man 'RNA (53-MER)'  17174.043 1  ? ? ? ? 
2 non-polymer syn SPERMINE        202.340   1  ? ? ? ? 
3 non-polymer syn GUANINE         151.126   1  ? ? ? ? 
4 non-polymer syn 'MAGNESIUM ION' 24.305    4  ? ? ? ? 
5 water       nat water           18.015    24 ? ? ? ? 
# 
_entity_name_com.entity_id   1 
_entity_name_com.name        env6 
# 
_entity_poly.entity_id                      1 
_entity_poly.type                           polyribonucleotide 
_entity_poly.nstd_linkage                   no 
_entity_poly.nstd_monomer                   yes 
_entity_poly.pdbx_seq_one_letter_code       '(GTP)GGUGUGUACCGUUCAACUCGUCCCAGCUUCGACUGGGACUACGGGAGCGCCU' 
_entity_poly.pdbx_seq_one_letter_code_can   GGGUGUGUACCGUUCAACUCGUCCCAGCUUCGACUGGGACUACGGGAGCGCCU 
_entity_poly.pdbx_strand_id                 A 
_entity_poly.pdbx_target_identifier         ? 
# 
loop_
_pdbx_entity_nonpoly.entity_id 
_pdbx_entity_nonpoly.name 
_pdbx_entity_nonpoly.comp_id 
2 SPERMINE        SPM 
3 GUANINE         GUN 
4 'MAGNESIUM ION' MG  
5 water           HOH 
# 
loop_
_entity_poly_seq.entity_id 
_entity_poly_seq.num 
_entity_poly_seq.mon_id 
_entity_poly_seq.hetero 
1 1  GTP n 
1 2  G   n 
1 3  G   n 
1 4  U   n 
1 5  G   n 
1 6  U   n 
1 7  G   n 
1 8  U   n 
1 9  A   n 
1 10 C   n 
1 11 C   n 
1 12 G   n 
1 13 U   n 
1 14 U   n 
1 15 C   n 
1 16 A   n 
1 17 A   n 
1 18 C   n 
1 19 U   n 
1 20 C   n 
1 21 G   n 
1 22 U   n 
1 23 C   n 
1 24 C   n 
1 25 C   n 
1 26 A   n 
1 27 G   n 
1 28 C   n 
1 29 U   n 
1 30 U   n 
1 31 C   n 
1 32 G   n 
1 33 A   n 
1 34 C   n 
1 35 U   n 
1 36 G   n 
1 37 G   n 
1 38 G   n 
1 39 A   n 
1 40 C   n 
1 41 U   n 
1 42 A   n 
1 43 C   n 
1 44 G   n 
1 45 G   n 
1 46 G   n 
1 47 A   n 
1 48 G   n 
1 49 C   n 
1 50 G   n 
1 51 C   n 
1 52 C   n 
1 53 U   n 
# 
_entity_src_gen.entity_id                          1 
_entity_src_gen.pdbx_src_id                        1 
_entity_src_gen.pdbx_alt_source_flag               sample 
_entity_src_gen.pdbx_seq_type                      'Biological sequence' 
_entity_src_gen.pdbx_beg_seq_num                   1 
_entity_src_gen.pdbx_end_seq_num                   53 
_entity_src_gen.gene_src_common_name               ? 
_entity_src_gen.gene_src_genus                     ? 
_entity_src_gen.pdbx_gene_src_gene                 ? 
_entity_src_gen.gene_src_species                   ? 
_entity_src_gen.gene_src_strain                    ? 
_entity_src_gen.gene_src_tissue                    ? 
_entity_src_gen.gene_src_tissue_fraction           ? 
_entity_src_gen.gene_src_details                   ? 
_entity_src_gen.pdbx_gene_src_fragment             ? 
_entity_src_gen.pdbx_gene_src_scientific_name      'unidentified eubacterium clone A70' 
_entity_src_gen.pdbx_gene_src_ncbi_taxonomy_id     41312 
_entity_src_gen.pdbx_gene_src_variant              ? 
_entity_src_gen.pdbx_gene_src_cell_line            ? 
_entity_src_gen.pdbx_gene_src_atcc                 ? 
_entity_src_gen.pdbx_gene_src_organ                ? 
_entity_src_gen.pdbx_gene_src_organelle            ? 
_entity_src_gen.pdbx_gene_src_cell                 ? 
_entity_src_gen.pdbx_gene_src_cellular_location    ? 
_entity_src_gen.host_org_common_name               ? 
_entity_src_gen.pdbx_host_org_scientific_name      'in vitro transcription vector pT7-TP(deltai)' 
_entity_src_gen.pdbx_host_org_ncbi_taxonomy_id     905931 
_entity_src_gen.host_org_genus                     ? 
_entity_src_gen.pdbx_host_org_gene                 ? 
_entity_src_gen.pdbx_host_org_organ                ? 
_entity_src_gen.host_org_species                   ? 
_entity_src_gen.pdbx_host_org_tissue               ? 
_entity_src_gen.pdbx_host_org_tissue_fraction      ? 
_entity_src_gen.pdbx_host_org_strain               ? 
_entity_src_gen.pdbx_host_org_variant              ? 
_entity_src_gen.pdbx_host_org_cell_line            ? 
_entity_src_gen.pdbx_host_org_atcc                 ? 
_entity_src_gen.pdbx_host_org_culture_collection   ? 
_entity_src_gen.pdbx_host_org_cell                 ? 
_entity_src_gen.pdbx_host_org_organelle            ? 
_entity_src_gen.pdbx_host_org_cellular_location    ? 
_entity_src_gen.pdbx_host_org_vector_type          ? 
_entity_src_gen.pdbx_host_org_vector               ? 
_entity_src_gen.host_org_details                   ? 
_entity_src_gen.expression_system_id               ? 
_entity_src_gen.plasmid_name                       ? 
_entity_src_gen.plasmid_details                    ? 
_entity_src_gen.pdbx_description                   ? 
# 
loop_
_chem_comp.id 
_chem_comp.type 
_chem_comp.mon_nstd_flag 
_chem_comp.name 
_chem_comp.pdbx_synonyms 
_chem_comp.formula 
_chem_comp.formula_weight 
A   'RNA linking' y "ADENOSINE-5'-MONOPHOSPHATE" ? 'C10 H14 N5 O7 P'   347.221 
C   'RNA linking' y "CYTIDINE-5'-MONOPHOSPHATE"  ? 'C9 H14 N3 O8 P'    323.197 
G   'RNA linking' y "GUANOSINE-5'-MONOPHOSPHATE" ? 'C10 H14 N5 O8 P'   363.221 
GTP non-polymer   n "GUANOSINE-5'-TRIPHOSPHATE"  ? 'C10 H16 N5 O14 P3' 523.180 
GUN non-polymer   . GUANINE                      ? 'C5 H5 N5 O'        151.126 
HOH non-polymer   . WATER                        ? 'H2 O'              18.015  
MG  non-polymer   . 'MAGNESIUM ION'              ? 'Mg 2'              24.305  
SPM non-polymer   . SPERMINE                     ? 'C10 H26 N4'        202.340 
U   'RNA linking' y "URIDINE-5'-MONOPHOSPHATE"   ? 'C9 H13 N2 O9 P'    324.181 
# 
loop_
_pdbx_poly_seq_scheme.asym_id 
_pdbx_poly_seq_scheme.entity_id 
_pdbx_poly_seq_scheme.seq_id 
_pdbx_poly_seq_scheme.mon_id 
_pdbx_poly_seq_scheme.ndb_seq_num 
_pdbx_poly_seq_scheme.pdb_seq_num 
_pdbx_poly_seq_scheme.auth_seq_num 
_pdbx_poly_seq_scheme.pdb_mon_id 
_pdbx_poly_seq_scheme.auth_mon_id 
_pdbx_poly_seq_scheme.pdb_strand_id 
_pdbx_poly_seq_scheme.pdb_ins_code 
_pdbx_poly_seq_scheme.hetero 
A 1 1  GTP 1  1  1  GTP GTP A . n 
A 1 2  G   2  2  2  G   G   A . n 
A 1 3  G   3  3  3  G   G   A . n 
A 1 4  U   4  4  4  U   U   A . n 
A 1 5  G   5  5  5  G   G   A . n 
A 1 6  U   6  6  6  U   U   A . n 
A 1 7  G   7  7  7  G   G   A . n 
A 1 8  U   8  8  8  U   U   A . n 
A 1 9  A   9  9  9  A   A   A . n 
A 1 10 C   10 10 10 C   C   A . n 
A 1 11 C   11 11 11 C   C   A . n 
A 1 12 G   12 12 12 G   G   A . n 
A 1 13 U   13 13 13 U   U   A . n 
A 1 14 U   14 14 14 U   U   A . n 
A 1 15 C   15 15 15 C   C   A . n 
A 1 16 A   16 16 16 A   A   A . n 
A 1 17 A   17 17 17 A   A   A . n 
A 1 18 C   18 18 18 C   C   A . n 
A 1 19 U   19 19 19 U   U   A . n 
A 1 20 C   20 20 20 C   C   A . n 
A 1 21 G   21 21 21 G   G   A . n 
A 1 22 U   22 22 22 U   U   A . n 
A 1 23 C   23 23 23 C   C   A . n 
A 1 24 C   24 24 24 C   C   A . n 
A 1 25 C   25 25 25 C   C   A . n 
A 1 26 A   26 26 26 A   A   A . n 
A 1 27 G   27 27 27 G   G   A . n 
A 1 28 C   28 28 28 C   C   A . n 
A 1 29 U   29 29 29 U   U   A . n 
A 1 30 U   30 30 30 U   U   A . n 
A 1 31 C   31 31 31 C   C   A . n 
A 1 32 G   32 32 32 G   G   A . n 
A 1 33 A   33 33 33 A   A   A . n 
A 1 34 C   34 34 34 C   C   A . n 
A 1 35 U   35 35 35 U   U   A . n 
A 1 36 G   36 36 36 G   G   A . n 
A 1 37 G   37 37 37 G   G   A . n 
A 1 38 G   38 38 38 G   G   A . n 
A 1 39 A   39 39 39 A   A   A . n 
A 1 40 C   40 40 40 C   C   A . n 
A 1 41 U   41 41 41 U   U   A . n 
A 1 42 A   42 42 42 A   A   A . n 
A 1 43 C   43 43 43 C   C   A . n 
A 1 44 G   44 44 44 G   G   A . n 
A 1 45 G   45 45 45 G   G   A . n 
A 1 46 G   46 46 46 G   G   A . n 
A 1 47 A   47 47 47 A   A   A . n 
A 1 48 G   48 48 48 G   G   A . n 
A 1 49 C   49 49 49 C   C   A . n 
A 1 50 G   50 50 50 G   G   A . n 
A 1 51 C   51 51 51 C   C   A . n 
A 1 52 C   52 52 52 C   C   A . n 
A 1 53 U   53 53 53 U   U   A . n 
# 
loop_
_pdbx_nonpoly_scheme.asym_id 
_pdbx_nonpoly_scheme.entity_id 
_pdbx_nonpoly_scheme.mon_id 
_pdbx_nonpoly_scheme.ndb_seq_num 
_pdbx_nonpoly_scheme.pdb_seq_num 
_pdbx_nonpoly_scheme.auth_seq_num 
_pdbx_nonpoly_scheme.pdb_mon_id 
_pdbx_nonpoly_scheme.auth_mon_id 
_pdbx_nonpoly_scheme.pdb_strand_id 
_pdbx_nonpoly_scheme.pdb_ins_code 
B 2 SPM 1  201 201 SPM SPM A . 
C 3 GUN 1  202 101 GUN GUN A . 
D 4 MG  1  203 1   MG  MG  A . 
E 4 MG  1  204 2   MG  MG  A . 
F 4 MG  1  205 3   MG  MG  A . 
G 4 MG  1  206 4   MG  MG  A . 
H 5 HOH 1  301 1   HOH HOH A . 
H 5 HOH 2  302 12  HOH HOH A . 
H 5 HOH 3  303 8   HOH HOH A . 
H 5 HOH 4  304 17  HOH HOH A . 
H 5 HOH 5  305 5   HOH HOH A . 
H 5 HOH 6  306 16  HOH HOH A . 
H 5 HOH 7  307 7   HOH HOH A . 
H 5 HOH 8  308 19  HOH HOH A . 
H 5 HOH 9  309 3   HOH HOH A . 
H 5 HOH 10 310 20  HOH HOH A . 
H 5 HOH 11 311 9   HOH HOH A . 
H 5 HOH 12 312 13  HOH HOH A . 
H 5 HOH 13 313 24  HOH HOH A . 
H 5 HOH 14 314 2   HOH HOH A . 
H 5 HOH 15 315 23  HOH HOH A . 
H 5 HOH 16 316 10  HOH HOH A . 
H 5 HOH 17 317 6   HOH HOH A . 
H 5 HOH 18 318 11  HOH HOH A . 
H 5 HOH 19 319 4   HOH HOH A . 
H 5 HOH 20 320 21  HOH HOH A . 
H 5 HOH 21 321 15  HOH HOH A . 
H 5 HOH 22 322 14  HOH HOH A . 
H 5 HOH 23 323 22  HOH HOH A . 
H 5 HOH 24 324 18  HOH HOH A . 
# 
loop_
_software.citation_id 
_software.classification 
_software.compiler_name 
_software.compiler_version 
_software.contact_author 
_software.contact_author_email 
_software.date 
_software.description 
_software.dependencies 
_software.hardware 
_software.language 
_software.location 
_software.mods 
_software.name 
_software.os 
_software.os_version 
_software.type 
_software.version 
_software.pdbx_ordinal 
? refinement       ? ? ? ? ? ? ? ? ? ? ? PHENIX   ? ? ? '(1.18.2_3874: ???)' 1 
? 'data scaling'   ? ? ? ? ? ? ? ? ? ? ? Aimless  ? ? ? .                    2 
? 'data reduction' ? ? ? ? ? ? ? ? ? ? ? autoPROC ? ? ? .                    3 
? phasing          ? ? ? ? ? ? ? ? ? ? ? PHASER   ? ? ? .                    4 
# 
_cell.angle_alpha                  90.00 
_cell.angle_alpha_esd              ? 
_cell.angle_beta                   90.00 
_cell.angle_beta_esd               ? 
_cell.angle_gamma                  90.00 
_cell.angle_gamma_esd              ? 
_cell.entry_id                     8XZO 
_cell.details                      ? 
_cell.formula_units_Z              ? 
_cell.length_a                     50.018 
_cell.length_a_esd                 ? 
_cell.length_b                     57.795 
_cell.length_b_esd                 ? 
_cell.length_c                     62.454 
_cell.length_c_esd                 ? 
_cell.volume                       ? 
_cell.volume_esd                   ? 
_cell.Z_PDB                        4 
_cell.reciprocal_angle_alpha       ? 
_cell.reciprocal_angle_beta        ? 
_cell.reciprocal_angle_gamma       ? 
_cell.reciprocal_angle_alpha_esd   ? 
_cell.reciprocal_angle_beta_esd    ? 
_cell.reciprocal_angle_gamma_esd   ? 
_cell.reciprocal_length_a          ? 
_cell.reciprocal_length_b          ? 
_cell.reciprocal_length_c          ? 
_cell.reciprocal_length_a_esd      ? 
_cell.reciprocal_length_b_esd      ? 
_cell.reciprocal_length_c_esd      ? 
_cell.pdbx_unique_axis             ? 
_cell.pdbx_esd_method              ? 
# 
_symmetry.entry_id                         8XZO 
_symmetry.cell_setting                     ? 
_symmetry.Int_Tables_number                19 
_symmetry.space_group_name_Hall            ? 
_symmetry.space_group_name_H-M             'P 21 21 21' 
_symmetry.pdbx_full_space_group_name_H-M   ? 
# 
_exptl.absorpt_coefficient_mu     ? 
_exptl.absorpt_correction_T_max   ? 
_exptl.absorpt_correction_T_min   ? 
_exptl.absorpt_correction_type    ? 
_exptl.absorpt_process_details    ? 
_exptl.entry_id                   8XZO 
_exptl.crystals_number            1 
_exptl.details                    ? 
_exptl.method                     'X-RAY DIFFRACTION' 
_exptl.method_details             ? 
# 
_exptl_crystal.colour                       ? 
_exptl_crystal.density_diffrn               ? 
_exptl_crystal.density_Matthews             2.71 
_exptl_crystal.density_method               ? 
_exptl_crystal.density_percent_sol          54.58 
_exptl_crystal.description                  ? 
_exptl_crystal.F_000                        ? 
_exptl_crystal.id                           1 
_exptl_crystal.preparation                  ? 
_exptl_crystal.size_max                     ? 
_exptl_crystal.size_mid                     ? 
_exptl_crystal.size_min                     ? 
_exptl_crystal.size_rad                     ? 
_exptl_crystal.colour_lustre                ? 
_exptl_crystal.colour_modifier              ? 
_exptl_crystal.colour_primary               ? 
_exptl_crystal.density_meas                 ? 
_exptl_crystal.density_meas_esd             ? 
_exptl_crystal.density_meas_gt              ? 
_exptl_crystal.density_meas_lt              ? 
_exptl_crystal.density_meas_temp            ? 
_exptl_crystal.density_meas_temp_esd        ? 
_exptl_crystal.density_meas_temp_gt         ? 
_exptl_crystal.density_meas_temp_lt         ? 
_exptl_crystal.pdbx_crystal_image_url       ? 
_exptl_crystal.pdbx_crystal_image_format    ? 
_exptl_crystal.pdbx_mosaicity               ? 
_exptl_crystal.pdbx_mosaicity_esd           ? 
_exptl_crystal.pdbx_mosaic_method           ? 
_exptl_crystal.pdbx_mosaic_block_size       ? 
_exptl_crystal.pdbx_mosaic_block_size_esd   ? 
# 
_exptl_crystal_grow.apparatus       ? 
_exptl_crystal_grow.atmosphere      ? 
_exptl_crystal_grow.crystal_id      1 
_exptl_crystal_grow.details         ? 
_exptl_crystal_grow.method          'VAPOR DIFFUSION, SITTING DROP' 
_exptl_crystal_grow.method_ref      ? 
_exptl_crystal_grow.pH              ? 
_exptl_crystal_grow.pressure        ? 
_exptl_crystal_grow.pressure_esd    ? 
_exptl_crystal_grow.seeding         ? 
_exptl_crystal_grow.seeding_ref     ? 
_exptl_crystal_grow.temp_details    ? 
_exptl_crystal_grow.temp_esd        ? 
_exptl_crystal_grow.time            ? 
_exptl_crystal_grow.pdbx_details    
'0.08 M Sodium chloride, 0.04 M Sodium cacodylate trihydrate pH 7.0, 30% v/v MPD, 0.012 M Spermine tetrahydrochloride' 
_exptl_crystal_grow.pdbx_pH_range   ? 
_exptl_crystal_grow.temp            289 
# 
_diffrn.ambient_environment              ? 
_diffrn.ambient_temp                     100 
_diffrn.ambient_temp_details             ? 
_diffrn.ambient_temp_esd                 ? 
_diffrn.crystal_id                       1 
_diffrn.crystal_support                  ? 
_diffrn.crystal_treatment                ? 
_diffrn.details                          ? 
_diffrn.id                               1 
_diffrn.ambient_pressure                 ? 
_diffrn.ambient_pressure_esd             ? 
_diffrn.ambient_pressure_gt              ? 
_diffrn.ambient_pressure_lt              ? 
_diffrn.ambient_temp_gt                  ? 
_diffrn.ambient_temp_lt                  ? 
_diffrn.pdbx_serial_crystal_experiment   N 
# 
_diffrn_detector.details                      ? 
_diffrn_detector.detector                     PIXEL 
_diffrn_detector.diffrn_id                    1 
_diffrn_detector.type                         'DECTRIS PILATUS 6M' 
_diffrn_detector.area_resol_mean              ? 
_diffrn_detector.dtime                        ? 
_diffrn_detector.pdbx_frames_total            ? 
_diffrn_detector.pdbx_collection_time_total   ? 
_diffrn_detector.pdbx_collection_date         2022-09-03 
_diffrn_detector.pdbx_frequency               ? 
_diffrn_detector.id                           ? 
_diffrn_detector.number_of_axes               ? 
# 
_diffrn_radiation.collimation                      ? 
_diffrn_radiation.diffrn_id                        1 
_diffrn_radiation.filter_edge                      ? 
_diffrn_radiation.inhomogeneity                    ? 
_diffrn_radiation.monochromator                    ? 
_diffrn_radiation.polarisn_norm                    ? 
_diffrn_radiation.polarisn_ratio                   ? 
_diffrn_radiation.probe                            ? 
_diffrn_radiation.type                             ? 
_diffrn_radiation.xray_symbol                      ? 
_diffrn_radiation.wavelength_id                    1 
_diffrn_radiation.pdbx_monochromatic_or_laue_m_l   M 
_diffrn_radiation.pdbx_wavelength_list             ? 
_diffrn_radiation.pdbx_wavelength                  ? 
_diffrn_radiation.pdbx_diffrn_protocol             'SINGLE WAVELENGTH' 
_diffrn_radiation.pdbx_analyzer                    ? 
_diffrn_radiation.pdbx_scattering_type             x-ray 
# 
_diffrn_radiation_wavelength.id           1 
_diffrn_radiation_wavelength.wavelength   0.97853 
_diffrn_radiation_wavelength.wt           1.0 
# 
_diffrn_source.current                     ? 
_diffrn_source.details                     ? 
_diffrn_source.diffrn_id                   1 
_diffrn_source.power                       ? 
_diffrn_source.size                        ? 
_diffrn_source.source                      SYNCHROTRON 
_diffrn_source.target                      ? 
_diffrn_source.type                        'SSRF BEAMLINE BL19U1' 
_diffrn_source.voltage                     ? 
_diffrn_source.take-off_angle              ? 
_diffrn_source.pdbx_wavelength_list        0.97853 
_diffrn_source.pdbx_wavelength             ? 
_diffrn_source.pdbx_synchrotron_beamline   BL19U1 
_diffrn_source.pdbx_synchrotron_site       SSRF 
# 
_reflns.B_iso_Wilson_estimate                          ? 
_reflns.entry_id                                       8XZO 
_reflns.data_reduction_details                         ? 
_reflns.data_reduction_method                          ? 
_reflns.d_resolution_high                              1.26 
_reflns.d_resolution_low                               37.82 
_reflns.details                                        ? 
_reflns.limit_h_max                                    ? 
_reflns.limit_h_min                                    ? 
_reflns.limit_k_max                                    ? 
_reflns.limit_k_min                                    ? 
_reflns.limit_l_max                                    ? 
_reflns.limit_l_min                                    ? 
_reflns.number_all                                     ? 
_reflns.number_obs                                     34010 
_reflns.observed_criterion                             ? 
_reflns.observed_criterion_F_max                       ? 
_reflns.observed_criterion_F_min                       ? 
_reflns.observed_criterion_I_max                       ? 
_reflns.observed_criterion_I_min                       ? 
_reflns.observed_criterion_sigma_F                     ? 
_reflns.observed_criterion_sigma_I                     ? 
_reflns.percent_possible_obs                           67.4 
_reflns.R_free_details                                 ? 
_reflns.Rmerge_F_all                                   ? 
_reflns.Rmerge_F_obs                                   ? 
_reflns.Friedel_coverage                               ? 
_reflns.number_gt                                      ? 
_reflns.threshold_expression                           ? 
_reflns.pdbx_redundancy                                10.8 
_reflns.pdbx_netI_over_av_sigmaI                       ? 
_reflns.pdbx_netI_over_sigmaI                          12.2 
_reflns.pdbx_res_netI_over_av_sigmaI_2                 ? 
_reflns.pdbx_res_netI_over_sigmaI_2                    ? 
_reflns.pdbx_chi_squared                               0.75 
_reflns.pdbx_scaling_rejects                           ? 
_reflns.pdbx_d_res_high_opt                            ? 
_reflns.pdbx_d_res_low_opt                             ? 
_reflns.pdbx_d_res_opt_method                          ? 
_reflns.phase_calculation_details                      ? 
_reflns.pdbx_Rrim_I_all                                0.056 
_reflns.pdbx_Rpim_I_all                                0.017 
_reflns.pdbx_d_opt                                     ? 
_reflns.pdbx_number_measured_all                       367905 
_reflns.pdbx_diffrn_id                                 1 
_reflns.pdbx_ordinal                                   1 
_reflns.pdbx_CC_half                                   0.999 
_reflns.pdbx_CC_star                                   ? 
_reflns.pdbx_R_split                                   ? 
_reflns.pdbx_Rmerge_I_obs                              0.054 
_reflns.pdbx_Rmerge_I_all                              ? 
_reflns.pdbx_Rsym_value                                ? 
_reflns.pdbx_CC_split_method                           ? 
_reflns.pdbx_aniso_diffraction_limit_axis_1_ortho[1]   ? 
_reflns.pdbx_aniso_diffraction_limit_axis_1_ortho[2]   ? 
_reflns.pdbx_aniso_diffraction_limit_axis_1_ortho[3]   ? 
_reflns.pdbx_aniso_diffraction_limit_axis_2_ortho[1]   ? 
_reflns.pdbx_aniso_diffraction_limit_axis_2_ortho[2]   ? 
_reflns.pdbx_aniso_diffraction_limit_axis_2_ortho[3]   ? 
_reflns.pdbx_aniso_diffraction_limit_axis_3_ortho[1]   ? 
_reflns.pdbx_aniso_diffraction_limit_axis_3_ortho[2]   ? 
_reflns.pdbx_aniso_diffraction_limit_axis_3_ortho[3]   ? 
_reflns.pdbx_aniso_diffraction_limit_1                 ? 
_reflns.pdbx_aniso_diffraction_limit_2                 ? 
_reflns.pdbx_aniso_diffraction_limit_3                 ? 
_reflns.pdbx_aniso_B_tensor_eigenvector_1_ortho[1]     ? 
_reflns.pdbx_aniso_B_tensor_eigenvector_1_ortho[2]     ? 
_reflns.pdbx_aniso_B_tensor_eigenvector_1_ortho[3]     ? 
_reflns.pdbx_aniso_B_tensor_eigenvector_2_ortho[1]     ? 
_reflns.pdbx_aniso_B_tensor_eigenvector_2_ortho[2]     ? 
_reflns.pdbx_aniso_B_tensor_eigenvector_2_ortho[3]     ? 
_reflns.pdbx_aniso_B_tensor_eigenvector_3_ortho[1]     ? 
_reflns.pdbx_aniso_B_tensor_eigenvector_3_ortho[2]     ? 
_reflns.pdbx_aniso_B_tensor_eigenvector_3_ortho[3]     ? 
_reflns.pdbx_aniso_B_tensor_eigenvalue_1               ? 
_reflns.pdbx_aniso_B_tensor_eigenvalue_2               ? 
_reflns.pdbx_aniso_B_tensor_eigenvalue_3               ? 
_reflns.pdbx_orthogonalization_convention              ? 
_reflns.pdbx_percent_possible_ellipsoidal              ? 
_reflns.pdbx_percent_possible_spherical                ? 
_reflns.pdbx_percent_possible_ellipsoidal_anomalous    ? 
_reflns.pdbx_percent_possible_spherical_anomalous      ? 
_reflns.pdbx_redundancy_anomalous                      ? 
_reflns.pdbx_CC_half_anomalous                         ? 
_reflns.pdbx_absDiff_over_sigma_anomalous              ? 
_reflns.pdbx_percent_possible_anomalous                ? 
_reflns.pdbx_observed_signal_threshold                 ? 
_reflns.pdbx_signal_type                               ? 
_reflns.pdbx_signal_details                            ? 
_reflns.pdbx_signal_software_id                        ? 
# 
_reflns_shell.d_res_high                                    1.26 
_reflns_shell.d_res_low                                     1.32 
_reflns_shell.meanI_over_sigI_all                           ? 
_reflns_shell.meanI_over_sigI_obs                           ? 
_reflns_shell.number_measured_all                           ? 
_reflns_shell.number_measured_obs                           ? 
_reflns_shell.number_possible                               ? 
_reflns_shell.number_unique_all                             ? 
_reflns_shell.number_unique_obs                             1286 
_reflns_shell.percent_possible_obs                          ? 
_reflns_shell.Rmerge_F_all                                  ? 
_reflns_shell.Rmerge_F_obs                                  ? 
_reflns_shell.meanI_over_sigI_gt                            ? 
_reflns_shell.meanI_over_uI_all                             ? 
_reflns_shell.meanI_over_uI_gt                              ? 
_reflns_shell.number_measured_gt                            ? 
_reflns_shell.number_unique_gt                              ? 
_reflns_shell.percent_possible_gt                           ? 
_reflns_shell.Rmerge_F_gt                                   ? 
_reflns_shell.Rmerge_I_gt                                   ? 
_reflns_shell.pdbx_redundancy                               2.6 
_reflns_shell.pdbx_chi_squared                              0.64 
_reflns_shell.pdbx_netI_over_sigmaI_all                     ? 
_reflns_shell.pdbx_netI_over_sigmaI_obs                     ? 
_reflns_shell.pdbx_Rrim_I_all                               0.199 
_reflns_shell.pdbx_Rpim_I_all                               0.790 
_reflns_shell.pdbx_rejects                                  ? 
_reflns_shell.pdbx_ordinal                                  1 
_reflns_shell.pdbx_diffrn_id                                1 
_reflns_shell.pdbx_CC_half                                  0.303 
_reflns_shell.pdbx_CC_star                                  ? 
_reflns_shell.pdbx_R_split                                  ? 
_reflns_shell.percent_possible_all                          ? 
_reflns_shell.Rmerge_I_all                                  ? 
_reflns_shell.Rmerge_I_obs                                  1.603 
_reflns_shell.pdbx_Rsym_value                               ? 
_reflns_shell.pdbx_percent_possible_ellipsoidal             ? 
_reflns_shell.pdbx_percent_possible_spherical               ? 
_reflns_shell.pdbx_percent_possible_ellipsoidal_anomalous   ? 
_reflns_shell.pdbx_percent_possible_spherical_anomalous     ? 
_reflns_shell.pdbx_redundancy_anomalous                     ? 
_reflns_shell.pdbx_CC_half_anomalous                        ? 
_reflns_shell.pdbx_absDiff_over_sigma_anomalous             ? 
_reflns_shell.pdbx_percent_possible_anomalous               ? 
# 
_refine.aniso_B[1][1]                            ? 
_refine.aniso_B[1][2]                            ? 
_refine.aniso_B[1][3]                            ? 
_refine.aniso_B[2][2]                            ? 
_refine.aniso_B[2][3]                            ? 
_refine.aniso_B[3][3]                            ? 
_refine.B_iso_max                                ? 
_refine.B_iso_mean                               ? 
_refine.B_iso_min                                ? 
_refine.correlation_coeff_Fo_to_Fc               ? 
_refine.correlation_coeff_Fo_to_Fc_free          ? 
_refine.details                                  ? 
_refine.diff_density_max                         ? 
_refine.diff_density_max_esd                     ? 
_refine.diff_density_min                         ? 
_refine.diff_density_min_esd                     ? 
_refine.diff_density_rms                         ? 
_refine.diff_density_rms_esd                     ? 
_refine.entry_id                                 8XZO 
_refine.pdbx_refine_id                           'X-RAY DIFFRACTION' 
_refine.ls_abs_structure_details                 ? 
_refine.ls_abs_structure_Flack                   ? 
_refine.ls_abs_structure_Flack_esd               ? 
_refine.ls_abs_structure_Rogers                  ? 
_refine.ls_abs_structure_Rogers_esd              ? 
_refine.ls_d_res_high                            1.97 
_refine.ls_d_res_low                             26.23 
_refine.ls_extinction_coef                       ? 
_refine.ls_extinction_coef_esd                   ? 
_refine.ls_extinction_expression                 ? 
_refine.ls_extinction_method                     ? 
_refine.ls_goodness_of_fit_all                   ? 
_refine.ls_goodness_of_fit_all_esd               ? 
_refine.ls_goodness_of_fit_obs                   ? 
_refine.ls_goodness_of_fit_obs_esd               ? 
_refine.ls_hydrogen_treatment                    ? 
_refine.ls_matrix_type                           ? 
_refine.ls_number_constraints                    ? 
_refine.ls_number_parameters                     ? 
_refine.ls_number_reflns_all                     ? 
_refine.ls_number_reflns_obs                     12267 
_refine.ls_number_reflns_R_free                  1214 
_refine.ls_number_reflns_R_work                  ? 
_refine.ls_number_restraints                     ? 
_refine.ls_percent_reflns_obs                    91.46 
_refine.ls_percent_reflns_R_free                 9.90 
_refine.ls_R_factor_all                          ? 
_refine.ls_R_factor_obs                          0.2126 
_refine.ls_R_factor_R_free                       0.2416 
_refine.ls_R_factor_R_free_error                 ? 
_refine.ls_R_factor_R_free_error_details         ? 
_refine.ls_R_factor_R_work                       0.2094 
_refine.ls_R_Fsqd_factor_obs                     ? 
_refine.ls_R_I_factor_obs                        ? 
_refine.ls_redundancy_reflns_all                 ? 
_refine.ls_redundancy_reflns_obs                 ? 
_refine.ls_restrained_S_all                      ? 
_refine.ls_restrained_S_obs                      ? 
_refine.ls_shift_over_esd_max                    ? 
_refine.ls_shift_over_esd_mean                   ? 
_refine.ls_structure_factor_coef                 ? 
_refine.ls_weighting_details                     ? 
_refine.ls_weighting_scheme                      ? 
_refine.ls_wR_factor_all                         ? 
_refine.ls_wR_factor_obs                         ? 
_refine.ls_wR_factor_R_free                      ? 
_refine.ls_wR_factor_R_work                      ? 
_refine.occupancy_max                            ? 
_refine.occupancy_min                            ? 
_refine.solvent_model_details                    'FLAT BULK SOLVENT MODEL' 
_refine.solvent_model_param_bsol                 ? 
_refine.solvent_model_param_ksol                 ? 
_refine.pdbx_R_complete                          ? 
_refine.ls_R_factor_gt                           ? 
_refine.ls_goodness_of_fit_gt                    ? 
_refine.ls_goodness_of_fit_ref                   ? 
_refine.ls_shift_over_su_max                     ? 
_refine.ls_shift_over_su_max_lt                  ? 
_refine.ls_shift_over_su_mean                    ? 
_refine.ls_shift_over_su_mean_lt                 ? 
_refine.pdbx_ls_sigma_I                          ? 
_refine.pdbx_ls_sigma_F                          1.38 
_refine.pdbx_ls_sigma_Fsqd                       ? 
_refine.pdbx_data_cutoff_high_absF               ? 
_refine.pdbx_data_cutoff_high_rms_absF           ? 
_refine.pdbx_data_cutoff_low_absF                ? 
_refine.pdbx_isotropic_thermal_model             ? 
_refine.pdbx_ls_cross_valid_method               THROUGHOUT 
_refine.pdbx_method_to_determine_struct          'MOLECULAR REPLACEMENT' 
_refine.pdbx_starting_model                      ? 
_refine.pdbx_stereochemistry_target_values       ML 
_refine.pdbx_R_Free_selection_details            ? 
_refine.pdbx_stereochem_target_val_spec_case     ? 
_refine.pdbx_overall_ESU_R                       ? 
_refine.pdbx_overall_ESU_R_Free                  ? 
_refine.pdbx_solvent_vdw_probe_radii             1.11 
_refine.pdbx_solvent_ion_probe_radii             ? 
_refine.pdbx_solvent_shrinkage_radii             0.90 
_refine.pdbx_real_space_R                        ? 
_refine.pdbx_density_correlation                 ? 
_refine.pdbx_pd_number_of_powder_patterns        ? 
_refine.pdbx_pd_number_of_points                 ? 
_refine.pdbx_pd_meas_number_of_points            ? 
_refine.pdbx_pd_proc_ls_prof_R_factor            ? 
_refine.pdbx_pd_proc_ls_prof_wR_factor           ? 
_refine.pdbx_pd_Marquardt_correlation_coeff      ? 
_refine.pdbx_pd_Fsqrd_R_factor                   ? 
_refine.pdbx_pd_ls_matrix_band_width             ? 
_refine.pdbx_overall_phase_error                 29.85 
_refine.pdbx_overall_SU_R_free_Cruickshank_DPI   ? 
_refine.pdbx_overall_SU_R_free_Blow_DPI          ? 
_refine.pdbx_overall_SU_R_Blow_DPI               ? 
_refine.pdbx_TLS_residual_ADP_flag               ? 
_refine.pdbx_diffrn_id                           1 
_refine.overall_SU_B                             ? 
_refine.overall_SU_ML                            0.28 
_refine.overall_SU_R_Cruickshank_DPI             ? 
_refine.overall_SU_R_free                        ? 
_refine.overall_FOM_free_R_set                   ? 
_refine.overall_FOM_work_R_set                   ? 
_refine.pdbx_average_fsc_overall                 ? 
_refine.pdbx_average_fsc_work                    ? 
_refine.pdbx_average_fsc_free                    ? 
# 
_refine_hist.pdbx_refine_id                   'X-RAY DIFFRACTION' 
_refine_hist.cycle_id                         LAST 
_refine_hist.pdbx_number_atoms_protein        0 
_refine_hist.pdbx_number_atoms_nucleic_acid   1104 
_refine_hist.pdbx_number_atoms_ligand         61 
_refine_hist.number_atoms_solvent             24 
_refine_hist.number_atoms_total               1189 
_refine_hist.d_res_high                       1.97 
_refine_hist.d_res_low                        26.23 
# 
loop_
_refine_ls_restr.pdbx_refine_id 
_refine_ls_restr.criterion 
_refine_ls_restr.dev_ideal 
_refine_ls_restr.dev_ideal_target 
_refine_ls_restr.number 
_refine_ls_restr.rejects 
_refine_ls_restr.type 
_refine_ls_restr.weight 
_refine_ls_restr.pdbx_restraint_function 
'X-RAY DIFFRACTION' ? 0.005  ? 1290 ? f_bond_d           ? ? 
'X-RAY DIFFRACTION' ? 1.072  ? 1999 ? f_angle_d          ? ? 
'X-RAY DIFFRACTION' ? 14.941 ? 646  ? f_dihedral_angle_d ? ? 
'X-RAY DIFFRACTION' ? 0.042  ? 264  ? f_chiral_restr     ? ? 
'X-RAY DIFFRACTION' ? 0.006  ? 54   ? f_plane_restr      ? ? 
# 
loop_
_refine_ls_shell.pdbx_refine_id 
_refine_ls_shell.d_res_high 
_refine_ls_shell.d_res_low 
_refine_ls_shell.number_reflns_all 
_refine_ls_shell.number_reflns_obs 
_refine_ls_shell.number_reflns_R_free 
_refine_ls_shell.number_reflns_R_work 
_refine_ls_shell.percent_reflns_obs 
_refine_ls_shell.percent_reflns_R_free 
_refine_ls_shell.R_factor_all 
_refine_ls_shell.R_factor_obs 
_refine_ls_shell.R_factor_R_free_error 
_refine_ls_shell.R_factor_R_work 
_refine_ls_shell.redundancy_reflns_all 
_refine_ls_shell.redundancy_reflns_obs 
_refine_ls_shell.wR_factor_all 
_refine_ls_shell.wR_factor_obs 
_refine_ls_shell.wR_factor_R_free 
_refine_ls_shell.wR_factor_R_work 
_refine_ls_shell.pdbx_R_complete 
_refine_ls_shell.pdbx_total_number_of_bins_used 
_refine_ls_shell.pdbx_phase_error 
_refine_ls_shell.pdbx_fsc_work 
_refine_ls_shell.pdbx_fsc_free 
_refine_ls_shell.R_factor_R_free 
'X-RAY DIFFRACTION' 1.97 2.04  . . 145 1301 100.00 . . . . 0.2831 . . . . . . . . . . . 0.3507 
'X-RAY DIFFRACTION' 2.04 2.14  . . 90  808  61.00  . . . . 0.2856 . . . . . . . . . . . 0.3364 
'X-RAY DIFFRACTION' 2.14 2.24  . . 132 1265 100.00 . . . . 0.2886 . . . . . . . . . . . 0.3360 
'X-RAY DIFFRACTION' 2.26 2.39  . . 136 1156 100.00 . . . . 0.2890 . . . . . . . . . . . 0.2733 
'X-RAY DIFFRACTION' 2.39 2.57  . . 151 1318 100.00 . . . . 0.3034 . . . . . . . . . . . 0.3213 
'X-RAY DIFFRACTION' 2.57 2.83  . . 116 1170 87.00  . . . . 0.3272 . . . . . . . . . . . 0.3755 
'X-RAY DIFFRACTION' 2.83 3.24  . . 150 1335 100.00 . . . . 0.2564 . . . . . . . . . . . 0.3150 
'X-RAY DIFFRACTION' 3.24 4.08  . . 138 1260 92.00  . . . . 0.1858 . . . . . . . . . . . 0.2248 
'X-RAY DIFFRACTION' 4.08 26.23 . . 156 1440 100.00 . . . . 0.1407 . . . . . . . . . . . 0.1570 
# 
_struct.entry_id                     8XZO 
_struct.title                        'Crystal structure of folE riboswitch with Guanine' 
_struct.pdbx_model_details           ? 
_struct.pdbx_formula_weight          ? 
_struct.pdbx_formula_weight_method   ? 
_struct.pdbx_model_type_details      ? 
_struct.pdbx_CASP_flag               N 
# 
_struct_keywords.entry_id        8XZO 
_struct_keywords.text            'riboswitch, Guanine, RNA' 
_struct_keywords.pdbx_keywords   RNA 
# 
loop_
_struct_asym.id 
_struct_asym.pdbx_blank_PDB_chainid_flag 
_struct_asym.pdbx_modified 
_struct_asym.entity_id 
_struct_asym.details 
A N N 1 ? 
B N N 2 ? 
C N N 3 ? 
D N N 4 ? 
E N N 4 ? 
F N N 4 ? 
G N N 4 ? 
H N N 5 ? 
# 
_struct_ref.id                         1 
_struct_ref.db_name                    PDB 
_struct_ref.db_code                    8XZO 
_struct_ref.pdbx_db_accession          8XZO 
_struct_ref.pdbx_db_isoform            ? 
_struct_ref.entity_id                  1 
_struct_ref.pdbx_seq_one_letter_code   ? 
_struct_ref.pdbx_align_begin           1 
# 
_struct_ref_seq.align_id                      1 
_struct_ref_seq.ref_id                        1 
_struct_ref_seq.pdbx_PDB_id_code              8XZO 
_struct_ref_seq.pdbx_strand_id                A 
_struct_ref_seq.seq_align_beg                 1 
_struct_ref_seq.pdbx_seq_align_beg_ins_code   ? 
_struct_ref_seq.seq_align_end                 53 
_struct_ref_seq.pdbx_seq_align_end_ins_code   ? 
_struct_ref_seq.pdbx_db_accession             8XZO 
_struct_ref_seq.db_align_beg                  1 
_struct_ref_seq.pdbx_db_align_beg_ins_code    ? 
_struct_ref_seq.db_align_end                  53 
_struct_ref_seq.pdbx_db_align_end_ins_code    ? 
_struct_ref_seq.pdbx_auth_seq_align_beg       1 
_struct_ref_seq.pdbx_auth_seq_align_end       53 
# 
_pdbx_struct_assembly.id                   1 
_pdbx_struct_assembly.details              author_defined_assembly 
_pdbx_struct_assembly.method_details       ? 
_pdbx_struct_assembly.oligomeric_details   monomeric 
_pdbx_struct_assembly.oligomeric_count     1 
# 
_pdbx_struct_assembly_gen.assembly_id       1 
_pdbx_struct_assembly_gen.oper_expression   1 
_pdbx_struct_assembly_gen.asym_id_list      A,B,C,D,E,F,G,H 
# 
_pdbx_struct_assembly_auth_evidence.id                     1 
_pdbx_struct_assembly_auth_evidence.assembly_id            1 
_pdbx_struct_assembly_auth_evidence.experimental_support   'isothermal titration calorimetry' 
_pdbx_struct_assembly_auth_evidence.details                ? 
# 
_pdbx_struct_oper_list.id                   1 
_pdbx_struct_oper_list.type                 'identity operation' 
_pdbx_struct_oper_list.name                 1_555 
_pdbx_struct_oper_list.symmetry_operation   x,y,z 
_pdbx_struct_oper_list.matrix[1][1]         1.0000000000 
_pdbx_struct_oper_list.matrix[1][2]         0.0000000000 
_pdbx_struct_oper_list.matrix[1][3]         0.0000000000 
_pdbx_struct_oper_list.vector[1]            0.0000000000 
_pdbx_struct_oper_list.matrix[2][1]         0.0000000000 
_pdbx_struct_oper_list.matrix[2][2]         1.0000000000 
_pdbx_struct_oper_list.matrix[2][3]         0.0000000000 
_pdbx_struct_oper_list.vector[2]            0.0000000000 
_pdbx_struct_oper_list.matrix[3][1]         0.0000000000 
_pdbx_struct_oper_list.matrix[3][2]         0.0000000000 
_pdbx_struct_oper_list.matrix[3][3]         1.0000000000 
_pdbx_struct_oper_list.vector[3]            0.0000000000 
# 
loop_
_struct_conn.id 
_struct_conn.conn_type_id 
_struct_conn.pdbx_leaving_atom_flag 
_struct_conn.pdbx_PDB_id 
_struct_conn.ptnr1_label_asym_id 
_struct_conn.ptnr1_label_comp_id 
_struct_conn.ptnr1_label_seq_id 
_struct_conn.ptnr1_label_atom_id 
_struct_conn.pdbx_ptnr1_label_alt_id 
_struct_conn.pdbx_ptnr1_PDB_ins_code 
_struct_conn.pdbx_ptnr1_standard_comp_id 
_struct_conn.ptnr1_symmetry 
_struct_conn.ptnr2_label_asym_id 
_struct_conn.ptnr2_label_comp_id 
_struct_conn.ptnr2_label_seq_id 
_struct_conn.ptnr2_label_atom_id 
_struct_conn.pdbx_ptnr2_label_alt_id 
_struct_conn.pdbx_ptnr2_PDB_ins_code 
_struct_conn.ptnr1_auth_asym_id 
_struct_conn.ptnr1_auth_comp_id 
_struct_conn.ptnr1_auth_seq_id 
_struct_conn.ptnr2_auth_asym_id 
_struct_conn.ptnr2_auth_comp_id 
_struct_conn.ptnr2_auth_seq_id 
_struct_conn.ptnr2_symmetry 
_struct_conn.pdbx_ptnr3_label_atom_id 
_struct_conn.pdbx_ptnr3_label_seq_id 
_struct_conn.pdbx_ptnr3_label_comp_id 
_struct_conn.pdbx_ptnr3_label_asym_id 
_struct_conn.pdbx_ptnr3_label_alt_id 
_struct_conn.pdbx_ptnr3_PDB_ins_code 
_struct_conn.details 
_struct_conn.pdbx_dist_value 
_struct_conn.pdbx_value_order 
_struct_conn.pdbx_role 
covale1  covale both ? A GTP 1  "O3'" ? ? ? 1_555 A G   2  P  ? ? A GTP 1   A G   2   1_555 ? ? ? ? ? ? ?             1.607 ? ? 
metalc1  metalc ?    ? A G   5  O6    ? ? ? 1_555 E MG  .  MG ? ? A G   5   A MG  204 1_555 ? ? ? ? ? ? ?             2.830 ? ? 
metalc2  metalc ?    ? A G   38 O6    ? ? ? 1_555 F MG  .  MG ? ? A G   38  A MG  205 1_555 ? ? ? ? ? ? ?             2.693 ? ? 
metalc3  metalc ?    ? A U   53 "O3'" ? ? ? 1_555 G MG  .  MG ? ? A U   53  A MG  206 1_555 ? ? ? ? ? ? ?             2.845 ? ? 
metalc4  metalc ?    ? A U   53 "O2'" ? ? ? 1_555 G MG  .  MG ? ? A U   53  A MG  206 1_555 ? ? ? ? ? ? ?             1.873 ? ? 
metalc5  metalc ?    ? D MG  .  MG    ? ? ? 1_555 H HOH .  O  ? ? A MG  203 A HOH 308 1_555 ? ? ? ? ? ? ?             1.952 ? ? 
metalc6  metalc ?    ? D MG  .  MG    ? ? ? 1_555 H HOH .  O  ? ? A MG  203 A HOH 310 1_555 ? ? ? ? ? ? ?             1.982 ? ? 
metalc7  metalc ?    ? E MG  .  MG    ? ? ? 1_555 H HOH .  O  ? ? A MG  204 A HOH 319 1_555 ? ? ? ? ? ? ?             2.239 ? ? 
metalc8  metalc ?    ? E MG  .  MG    ? ? ? 1_555 H HOH .  O  ? ? A MG  204 A HOH 320 1_555 ? ? ? ? ? ? ?             2.793 ? ? 
metalc9  metalc ?    ? F MG  .  MG    ? ? ? 1_555 H HOH .  O  ? ? A MG  205 A HOH 303 1_555 ? ? ? ? ? ? ?             2.540 ? ? 
metalc10 metalc ?    ? F MG  .  MG    ? ? ? 1_555 H HOH .  O  ? ? A MG  205 A HOH 313 1_555 ? ? ? ? ? ? ?             2.229 ? ? 
metalc11 metalc ?    ? F MG  .  MG    ? ? ? 1_555 H HOH .  O  ? ? A MG  205 A HOH 323 1_555 ? ? ? ? ? ? ?             2.076 ? ? 
hydrog1  hydrog ?    ? A GTP 1  N1    ? ? ? 1_555 A U   53 O2 ? ? A GTP 1   A U   53  1_555 ? ? ? ? ? ? TYPE_28_PAIR  ?     ? ? 
hydrog2  hydrog ?    ? A GTP 1  O6    ? ? ? 1_555 A U   53 N3 ? ? A GTP 1   A U   53  1_555 ? ? ? ? ? ? TYPE_28_PAIR  ?     ? ? 
hydrog3  hydrog ?    ? A G   2  N1    ? ? ? 1_555 A C   52 N3 ? ? A G   2   A C   52  1_555 ? ? ? ? ? ? WATSON-CRICK  ?     ? ? 
hydrog4  hydrog ?    ? A G   2  N2    ? ? ? 1_555 A C   52 O2 ? ? A G   2   A C   52  1_555 ? ? ? ? ? ? WATSON-CRICK  ?     ? ? 
hydrog5  hydrog ?    ? A G   2  O6    ? ? ? 1_555 A C   52 N4 ? ? A G   2   A C   52  1_555 ? ? ? ? ? ? WATSON-CRICK  ?     ? ? 
hydrog6  hydrog ?    ? A G   3  N1    ? ? ? 1_555 A C   51 N3 ? ? A G   3   A C   51  1_555 ? ? ? ? ? ? WATSON-CRICK  ?     ? ? 
hydrog7  hydrog ?    ? A G   3  N2    ? ? ? 1_555 A C   51 O2 ? ? A G   3   A C   51  1_555 ? ? ? ? ? ? WATSON-CRICK  ?     ? ? 
hydrog8  hydrog ?    ? A G   3  O6    ? ? ? 1_555 A C   51 N4 ? ? A G   3   A C   51  1_555 ? ? ? ? ? ? WATSON-CRICK  ?     ? ? 
hydrog9  hydrog ?    ? A U   4  N3    ? ? ? 1_555 A G   50 O6 ? ? A U   4   A G   50  1_555 ? ? ? ? ? ? TYPE_28_PAIR  ?     ? ? 
hydrog10 hydrog ?    ? A U   4  O2    ? ? ? 1_555 A G   50 N1 ? ? A U   4   A G   50  1_555 ? ? ? ? ? ? TYPE_28_PAIR  ?     ? ? 
hydrog11 hydrog ?    ? A G   5  N1    ? ? ? 1_555 A C   49 N3 ? ? A G   5   A C   49  1_555 ? ? ? ? ? ? WATSON-CRICK  ?     ? ? 
hydrog12 hydrog ?    ? A G   5  N2    ? ? ? 1_555 A C   49 O2 ? ? A G   5   A C   49  1_555 ? ? ? ? ? ? WATSON-CRICK  ?     ? ? 
hydrog13 hydrog ?    ? A G   5  O6    ? ? ? 1_555 A C   49 N4 ? ? A G   5   A C   49  1_555 ? ? ? ? ? ? WATSON-CRICK  ?     ? ? 
hydrog14 hydrog ?    ? A U   6  N3    ? ? ? 1_555 A G   48 O6 ? ? A U   6   A G   48  1_555 ? ? ? ? ? ? TYPE_28_PAIR  ?     ? ? 
hydrog15 hydrog ?    ? A U   6  O2    ? ? ? 1_555 A G   48 N1 ? ? A U   6   A G   48  1_555 ? ? ? ? ? ? TYPE_28_PAIR  ?     ? ? 
hydrog16 hydrog ?    ? A G   7  N2    ? ? ? 1_555 A A   47 N7 ? ? A G   7   A A   47  1_555 ? ? ? ? ? ? TYPE_11_PAIR  ?     ? ? 
hydrog17 hydrog ?    ? A G   7  N3    ? ? ? 1_555 A A   47 N6 ? ? A G   7   A A   47  1_555 ? ? ? ? ? ? TYPE_11_PAIR  ?     ? ? 
hydrog18 hydrog ?    ? A A   9  N6    ? ? ? 1_555 A G   46 N3 ? ? A A   9   A G   46  1_555 ? ? ? ? ? ? TYPE_11_PAIR  ?     ? ? 
hydrog19 hydrog ?    ? A A   9  N7    ? ? ? 1_555 A G   46 N2 ? ? A A   9   A G   46  1_555 ? ? ? ? ? ? TYPE_11_PAIR  ?     ? ? 
hydrog20 hydrog ?    ? A C   10 N3    ? ? ? 1_555 A G   45 N1 ? ? A C   10  A G   45  1_555 ? ? ? ? ? ? WATSON-CRICK  ?     ? ? 
hydrog21 hydrog ?    ? A C   10 N4    ? ? ? 1_555 A G   45 O6 ? ? A C   10  A G   45  1_555 ? ? ? ? ? ? WATSON-CRICK  ?     ? ? 
hydrog22 hydrog ?    ? A C   10 O2    ? ? ? 1_555 A G   45 N2 ? ? A C   10  A G   45  1_555 ? ? ? ? ? ? WATSON-CRICK  ?     ? ? 
hydrog23 hydrog ?    ? A C   11 N3    ? ? ? 1_555 A G   44 N1 ? ? A C   11  A G   44  1_555 ? ? ? ? ? ? WATSON-CRICK  ?     ? ? 
hydrog24 hydrog ?    ? A C   11 N4    ? ? ? 1_555 A G   44 O6 ? ? A C   11  A G   44  1_555 ? ? ? ? ? ? WATSON-CRICK  ?     ? ? 
hydrog25 hydrog ?    ? A C   11 O2    ? ? ? 1_555 A G   44 N2 ? ? A C   11  A G   44  1_555 ? ? ? ? ? ? WATSON-CRICK  ?     ? ? 
hydrog26 hydrog ?    ? A G   12 N1    ? ? ? 1_555 A C   43 N3 ? ? A G   12  A C   43  1_555 ? ? ? ? ? ? WATSON-CRICK  ?     ? ? 
hydrog27 hydrog ?    ? A G   12 N2    ? ? ? 1_555 A C   43 O2 ? ? A G   12  A C   43  1_555 ? ? ? ? ? ? WATSON-CRICK  ?     ? ? 
hydrog28 hydrog ?    ? A G   12 O6    ? ? ? 1_555 A C   43 N4 ? ? A G   12  A C   43  1_555 ? ? ? ? ? ? WATSON-CRICK  ?     ? ? 
hydrog29 hydrog ?    ? A U   13 N3    ? ? ? 1_555 A A   42 N1 ? ? A U   13  A A   42  1_555 ? ? ? ? ? ? WATSON-CRICK  ?     ? ? 
hydrog30 hydrog ?    ? A U   13 O4    ? ? ? 1_555 A A   42 N6 ? ? A U   13  A A   42  1_555 ? ? ? ? ? ? WATSON-CRICK  ?     ? ? 
hydrog31 hydrog ?    ? A U   14 N3    ? ? ? 1_555 A A   17 N7 ? ? A U   14  A A   17  1_555 ? ? ? ? ? ? HOOGSTEEN     ?     ? ? 
hydrog32 hydrog ?    ? A U   14 O4    ? ? ? 1_555 A A   17 N6 ? ? A U   14  A A   17  1_555 ? ? ? ? ? ? HOOGSTEEN     ?     ? ? 
hydrog33 hydrog ?    ? A A   16 N6    ? ? ? 1_555 A C   43 O2 ? ? A A   16  A C   43  1_555 ? ? ? ? ? ? 'A-C MISPAIR' ?     ? ? 
hydrog34 hydrog ?    ? A A   17 N6    ? ? ? 1_555 A A   42 N3 ? ? A A   17  A A   42  1_555 ? ? ? ? ? ? 'A-A MISPAIR' ?     ? ? 
hydrog35 hydrog ?    ? A G   21 N1    ? ? ? 1_555 A C   40 N3 ? ? A G   21  A C   40  1_555 ? ? ? ? ? ? WATSON-CRICK  ?     ? ? 
hydrog36 hydrog ?    ? A G   21 N2    ? ? ? 1_555 A C   40 O2 ? ? A G   21  A C   40  1_555 ? ? ? ? ? ? WATSON-CRICK  ?     ? ? 
hydrog37 hydrog ?    ? A G   21 O6    ? ? ? 1_555 A C   40 N4 ? ? A G   21  A C   40  1_555 ? ? ? ? ? ? WATSON-CRICK  ?     ? ? 
hydrog38 hydrog ?    ? A U   22 N3    ? ? ? 1_555 A A   39 N1 ? ? A U   22  A A   39  1_555 ? ? ? ? ? ? WATSON-CRICK  ?     ? ? 
hydrog39 hydrog ?    ? A U   22 O4    ? ? ? 1_555 A A   39 N6 ? ? A U   22  A A   39  1_555 ? ? ? ? ? ? WATSON-CRICK  ?     ? ? 
hydrog40 hydrog ?    ? A C   23 N3    ? ? ? 1_555 A G   38 N1 ? ? A C   23  A G   38  1_555 ? ? ? ? ? ? WATSON-CRICK  ?     ? ? 
hydrog41 hydrog ?    ? A C   23 N4    ? ? ? 1_555 A G   38 O6 ? ? A C   23  A G   38  1_555 ? ? ? ? ? ? WATSON-CRICK  ?     ? ? 
hydrog42 hydrog ?    ? A C   23 O2    ? ? ? 1_555 A G   38 N2 ? ? A C   23  A G   38  1_555 ? ? ? ? ? ? WATSON-CRICK  ?     ? ? 
hydrog43 hydrog ?    ? A C   24 N3    ? ? ? 1_555 A G   37 N1 ? ? A C   24  A G   37  1_555 ? ? ? ? ? ? WATSON-CRICK  ?     ? ? 
hydrog44 hydrog ?    ? A C   24 N4    ? ? ? 1_555 A G   37 O6 ? ? A C   24  A G   37  1_555 ? ? ? ? ? ? WATSON-CRICK  ?     ? ? 
hydrog45 hydrog ?    ? A C   24 O2    ? ? ? 1_555 A G   37 N2 ? ? A C   24  A G   37  1_555 ? ? ? ? ? ? WATSON-CRICK  ?     ? ? 
hydrog46 hydrog ?    ? A C   25 N3    ? ? ? 1_555 A G   36 N1 ? ? A C   25  A G   36  1_555 ? ? ? ? ? ? WATSON-CRICK  ?     ? ? 
hydrog47 hydrog ?    ? A C   25 N4    ? ? ? 1_555 A G   36 O6 ? ? A C   25  A G   36  1_555 ? ? ? ? ? ? WATSON-CRICK  ?     ? ? 
hydrog48 hydrog ?    ? A C   25 O2    ? ? ? 1_555 A G   36 N2 ? ? A C   25  A G   36  1_555 ? ? ? ? ? ? WATSON-CRICK  ?     ? ? 
hydrog49 hydrog ?    ? A A   26 N1    ? ? ? 1_555 A U   35 N3 ? ? A A   26  A U   35  1_555 ? ? ? ? ? ? WATSON-CRICK  ?     ? ? 
hydrog50 hydrog ?    ? A A   26 N6    ? ? ? 1_555 A U   35 O4 ? ? A A   26  A U   35  1_555 ? ? ? ? ? ? WATSON-CRICK  ?     ? ? 
hydrog51 hydrog ?    ? A G   27 N1    ? ? ? 1_555 A C   34 N3 ? ? A G   27  A C   34  1_555 ? ? ? ? ? ? WATSON-CRICK  ?     ? ? 
hydrog52 hydrog ?    ? A G   27 N2    ? ? ? 1_555 A C   34 O2 ? ? A G   27  A C   34  1_555 ? ? ? ? ? ? WATSON-CRICK  ?     ? ? 
hydrog53 hydrog ?    ? A G   27 O6    ? ? ? 1_555 A C   34 N4 ? ? A G   27  A C   34  1_555 ? ? ? ? ? ? WATSON-CRICK  ?     ? ? 
hydrog54 hydrog ?    ? A C   28 N3    ? ? ? 1_555 A G   32 N1 ? ? A C   28  A G   32  1_555 ? ? ? ? ? ? WATSON-CRICK  ?     ? ? 
hydrog55 hydrog ?    ? A C   28 N4    ? ? ? 1_555 A G   32 O6 ? ? A C   28  A G   32  1_555 ? ? ? ? ? ? WATSON-CRICK  ?     ? ? 
hydrog56 hydrog ?    ? A C   28 O2    ? ? ? 1_555 A G   32 N2 ? ? A C   28  A G   32  1_555 ? ? ? ? ? ? WATSON-CRICK  ?     ? ? 
# 
loop_
_struct_conn_type.id 
_struct_conn_type.criteria 
_struct_conn_type.reference 
covale ? ? 
metalc ? ? 
hydrog ? ? 
# 
loop_
_pdbx_struct_conn_angle.id 
_pdbx_struct_conn_angle.ptnr1_label_atom_id 
_pdbx_struct_conn_angle.ptnr1_label_alt_id 
_pdbx_struct_conn_angle.ptnr1_label_asym_id 
_pdbx_struct_conn_angle.ptnr1_label_comp_id 
_pdbx_struct_conn_angle.ptnr1_label_seq_id 
_pdbx_struct_conn_angle.ptnr1_auth_atom_id 
_pdbx_struct_conn_angle.ptnr1_auth_asym_id 
_pdbx_struct_conn_angle.ptnr1_auth_comp_id 
_pdbx_struct_conn_angle.ptnr1_auth_seq_id 
_pdbx_struct_conn_angle.ptnr1_PDB_ins_code 
_pdbx_struct_conn_angle.ptnr1_symmetry 
_pdbx_struct_conn_angle.ptnr2_label_atom_id 
_pdbx_struct_conn_angle.ptnr2_label_alt_id 
_pdbx_struct_conn_angle.ptnr2_label_asym_id 
_pdbx_struct_conn_angle.ptnr2_label_comp_id 
_pdbx_struct_conn_angle.ptnr2_label_seq_id 
_pdbx_struct_conn_angle.ptnr2_auth_atom_id 
_pdbx_struct_conn_angle.ptnr2_auth_asym_id 
_pdbx_struct_conn_angle.ptnr2_auth_comp_id 
_pdbx_struct_conn_angle.ptnr2_auth_seq_id 
_pdbx_struct_conn_angle.ptnr2_PDB_ins_code 
_pdbx_struct_conn_angle.ptnr2_symmetry 
_pdbx_struct_conn_angle.ptnr3_label_atom_id 
_pdbx_struct_conn_angle.ptnr3_label_alt_id 
_pdbx_struct_conn_angle.ptnr3_label_asym_id 
_pdbx_struct_conn_angle.ptnr3_label_comp_id 
_pdbx_struct_conn_angle.ptnr3_label_seq_id 
_pdbx_struct_conn_angle.ptnr3_auth_atom_id 
_pdbx_struct_conn_angle.ptnr3_auth_asym_id 
_pdbx_struct_conn_angle.ptnr3_auth_comp_id 
_pdbx_struct_conn_angle.ptnr3_auth_seq_id 
_pdbx_struct_conn_angle.ptnr3_PDB_ins_code 
_pdbx_struct_conn_angle.ptnr3_symmetry 
_pdbx_struct_conn_angle.value 
_pdbx_struct_conn_angle.value_esd 
1  O6    ? A G   5  ? A G   5   ? 1_555 MG ? E MG . ? A MG 204 ? 1_555 O     ? H HOH .  ? A HOH 319 ? 1_555 79.2  ? 
2  O6    ? A G   5  ? A G   5   ? 1_555 MG ? E MG . ? A MG 204 ? 1_555 O     ? H HOH .  ? A HOH 320 ? 1_555 98.1  ? 
3  O     ? H HOH .  ? A HOH 319 ? 1_555 MG ? E MG . ? A MG 204 ? 1_555 O     ? H HOH .  ? A HOH 320 ? 1_555 126.0 ? 
4  O6    ? A G   38 ? A G   38  ? 1_555 MG ? F MG . ? A MG 205 ? 1_555 O     ? H HOH .  ? A HOH 303 ? 1_555 116.6 ? 
5  O6    ? A G   38 ? A G   38  ? 1_555 MG ? F MG . ? A MG 205 ? 1_555 O     ? H HOH .  ? A HOH 313 ? 1_555 85.6  ? 
6  O     ? H HOH .  ? A HOH 303 ? 1_555 MG ? F MG . ? A MG 205 ? 1_555 O     ? H HOH .  ? A HOH 313 ? 1_555 138.1 ? 
7  O6    ? A G   38 ? A G   38  ? 1_555 MG ? F MG . ? A MG 205 ? 1_555 O     ? H HOH .  ? A HOH 323 ? 1_555 135.7 ? 
8  O     ? H HOH .  ? A HOH 303 ? 1_555 MG ? F MG . ? A MG 205 ? 1_555 O     ? H HOH .  ? A HOH 323 ? 1_555 83.1  ? 
9  O     ? H HOH .  ? A HOH 313 ? 1_555 MG ? F MG . ? A MG 205 ? 1_555 O     ? H HOH .  ? A HOH 323 ? 1_555 106.0 ? 
10 "O3'" ? A U   53 ? A U   53  ? 1_555 MG ? G MG . ? A MG 206 ? 1_555 "O2'" ? A U   53 ? A U   53  ? 1_555 68.4  ? 
11 O     ? H HOH .  ? A HOH 308 ? 1_555 MG ? D MG . ? A MG 203 ? 1_555 O     ? H HOH .  ? A HOH 310 ? 1_555 69.8  ? 
# 
loop_
_pdbx_validate_close_contact.id 
_pdbx_validate_close_contact.PDB_model_num 
_pdbx_validate_close_contact.auth_atom_id_1 
_pdbx_validate_close_contact.auth_asym_id_1 
_pdbx_validate_close_contact.auth_comp_id_1 
_pdbx_validate_close_contact.auth_seq_id_1 
_pdbx_validate_close_contact.PDB_ins_code_1 
_pdbx_validate_close_contact.label_alt_id_1 
_pdbx_validate_close_contact.auth_atom_id_2 
_pdbx_validate_close_contact.auth_asym_id_2 
_pdbx_validate_close_contact.auth_comp_id_2 
_pdbx_validate_close_contact.auth_seq_id_2 
_pdbx_validate_close_contact.PDB_ins_code_2 
_pdbx_validate_close_contact.label_alt_id_2 
_pdbx_validate_close_contact.dist 
1 1 O     A HOH 321 ? ? O A HOH 324 ? ? 2.03 
2 1 "O3'" A U   53  ? ? O A HOH 301 ? ? 2.19 
# 
_pdbx_validate_rmsd_angle.id                         1 
_pdbx_validate_rmsd_angle.PDB_model_num              1 
_pdbx_validate_rmsd_angle.auth_atom_id_1             "O3'" 
_pdbx_validate_rmsd_angle.auth_asym_id_1             A 
_pdbx_validate_rmsd_angle.auth_comp_id_1             GTP 
_pdbx_validate_rmsd_angle.auth_seq_id_1              1 
_pdbx_validate_rmsd_angle.PDB_ins_code_1             ? 
_pdbx_validate_rmsd_angle.label_alt_id_1             ? 
_pdbx_validate_rmsd_angle.auth_atom_id_2             P 
_pdbx_validate_rmsd_angle.auth_asym_id_2             A 
_pdbx_validate_rmsd_angle.auth_comp_id_2             G 
_pdbx_validate_rmsd_angle.auth_seq_id_2              2 
_pdbx_validate_rmsd_angle.PDB_ins_code_2             ? 
_pdbx_validate_rmsd_angle.label_alt_id_2             ? 
_pdbx_validate_rmsd_angle.auth_atom_id_3             "O5'" 
_pdbx_validate_rmsd_angle.auth_asym_id_3             A 
_pdbx_validate_rmsd_angle.auth_comp_id_3             G 
_pdbx_validate_rmsd_angle.auth_seq_id_3              2 
_pdbx_validate_rmsd_angle.PDB_ins_code_3             ? 
_pdbx_validate_rmsd_angle.label_alt_id_3             ? 
_pdbx_validate_rmsd_angle.angle_value                90.48 
_pdbx_validate_rmsd_angle.angle_target_value         104.00 
_pdbx_validate_rmsd_angle.angle_deviation            -13.52 
_pdbx_validate_rmsd_angle.angle_standard_deviation   1.90 
_pdbx_validate_rmsd_angle.linker_flag                Y 
# 
_pdbx_entry_details.entry_id                 8XZO 
_pdbx_entry_details.has_ligand_of_interest   Y 
_pdbx_entry_details.compound_details         ? 
_pdbx_entry_details.source_details           ? 
_pdbx_entry_details.nonpolymer_details       ? 
_pdbx_entry_details.sequence_details         ? 
# 
loop_
_chem_comp_atom.comp_id 
_chem_comp_atom.atom_id 
_chem_comp_atom.type_symbol 
_chem_comp_atom.pdbx_aromatic_flag 
_chem_comp_atom.pdbx_stereo_config 
_chem_comp_atom.pdbx_ordinal 
A   OP3    O  N N 1   
A   P      P  N N 2   
A   OP1    O  N N 3   
A   OP2    O  N N 4   
A   "O5'"  O  N N 5   
A   "C5'"  C  N N 6   
A   "C4'"  C  N R 7   
A   "O4'"  O  N N 8   
A   "C3'"  C  N S 9   
A   "O3'"  O  N N 10  
A   "C2'"  C  N R 11  
A   "O2'"  O  N N 12  
A   "C1'"  C  N R 13  
A   N9     N  Y N 14  
A   C8     C  Y N 15  
A   N7     N  Y N 16  
A   C5     C  Y N 17  
A   C6     C  Y N 18  
A   N6     N  N N 19  
A   N1     N  Y N 20  
A   C2     C  Y N 21  
A   N3     N  Y N 22  
A   C4     C  Y N 23  
A   HOP3   H  N N 24  
A   HOP2   H  N N 25  
A   "H5'"  H  N N 26  
A   "H5''" H  N N 27  
A   "H4'"  H  N N 28  
A   "H3'"  H  N N 29  
A   "HO3'" H  N N 30  
A   "H2'"  H  N N 31  
A   "HO2'" H  N N 32  
A   "H1'"  H  N N 33  
A   H8     H  N N 34  
A   H61    H  N N 35  
A   H62    H  N N 36  
A   H2     H  N N 37  
C   OP3    O  N N 38  
C   P      P  N N 39  
C   OP1    O  N N 40  
C   OP2    O  N N 41  
C   "O5'"  O  N N 42  
C   "C5'"  C  N N 43  
C   "C4'"  C  N R 44  
C   "O4'"  O  N N 45  
C   "C3'"  C  N S 46  
C   "O3'"  O  N N 47  
C   "C2'"  C  N R 48  
C   "O2'"  O  N N 49  
C   "C1'"  C  N R 50  
C   N1     N  N N 51  
C   C2     C  N N 52  
C   O2     O  N N 53  
C   N3     N  N N 54  
C   C4     C  N N 55  
C   N4     N  N N 56  
C   C5     C  N N 57  
C   C6     C  N N 58  
C   HOP3   H  N N 59  
C   HOP2   H  N N 60  
C   "H5'"  H  N N 61  
C   "H5''" H  N N 62  
C   "H4'"  H  N N 63  
C   "H3'"  H  N N 64  
C   "HO3'" H  N N 65  
C   "H2'"  H  N N 66  
C   "HO2'" H  N N 67  
C   "H1'"  H  N N 68  
C   H41    H  N N 69  
C   H42    H  N N 70  
C   H5     H  N N 71  
C   H6     H  N N 72  
G   OP3    O  N N 73  
G   P      P  N N 74  
G   OP1    O  N N 75  
G   OP2    O  N N 76  
G   "O5'"  O  N N 77  
G   "C5'"  C  N N 78  
G   "C4'"  C  N R 79  
G   "O4'"  O  N N 80  
G   "C3'"  C  N S 81  
G   "O3'"  O  N N 82  
G   "C2'"  C  N R 83  
G   "O2'"  O  N N 84  
G   "C1'"  C  N R 85  
G   N9     N  Y N 86  
G   C8     C  Y N 87  
G   N7     N  Y N 88  
G   C5     C  Y N 89  
G   C6     C  N N 90  
G   O6     O  N N 91  
G   N1     N  N N 92  
G   C2     C  N N 93  
G   N2     N  N N 94  
G   N3     N  N N 95  
G   C4     C  Y N 96  
G   HOP3   H  N N 97  
G   HOP2   H  N N 98  
G   "H5'"  H  N N 99  
G   "H5''" H  N N 100 
G   "H4'"  H  N N 101 
G   "H3'"  H  N N 102 
G   "HO3'" H  N N 103 
G   "H2'"  H  N N 104 
G   "HO2'" H  N N 105 
G   "H1'"  H  N N 106 
G   H8     H  N N 107 
G   H1     H  N N 108 
G   H21    H  N N 109 
G   H22    H  N N 110 
GTP PG     P  N N 111 
GTP O1G    O  N N 112 
GTP O2G    O  N N 113 
GTP O3G    O  N N 114 
GTP O3B    O  N N 115 
GTP PB     P  N N 116 
GTP O1B    O  N N 117 
GTP O2B    O  N N 118 
GTP O3A    O  N N 119 
GTP PA     P  N N 120 
GTP O1A    O  N N 121 
GTP O2A    O  N N 122 
GTP "O5'"  O  N N 123 
GTP "C5'"  C  N N 124 
GTP "C4'"  C  N R 125 
GTP "O4'"  O  N N 126 
GTP "C3'"  C  N S 127 
GTP "O3'"  O  N N 128 
GTP "C2'"  C  N R 129 
GTP "O2'"  O  N N 130 
GTP "C1'"  C  N R 131 
GTP N9     N  Y N 132 
GTP C8     C  Y N 133 
GTP N7     N  Y N 134 
GTP C5     C  Y N 135 
GTP C6     C  N N 136 
GTP O6     O  N N 137 
GTP N1     N  N N 138 
GTP C2     C  N N 139 
GTP N2     N  N N 140 
GTP N3     N  N N 141 
GTP C4     C  Y N 142 
GTP HOG2   H  N N 143 
GTP HOG3   H  N N 144 
GTP HOB2   H  N N 145 
GTP HOA2   H  N N 146 
GTP "H5'"  H  N N 147 
GTP "H5''" H  N N 148 
GTP "H4'"  H  N N 149 
GTP "H3'"  H  N N 150 
GTP "HO3'" H  N N 151 
GTP "H2'"  H  N N 152 
GTP "HO2'" H  N N 153 
GTP "H1'"  H  N N 154 
GTP H8     H  N N 155 
GTP HN1    H  N N 156 
GTP HN21   H  N N 157 
GTP HN22   H  N N 158 
GUN N9     N  Y N 159 
GUN C8     C  Y N 160 
GUN N7     N  Y N 161 
GUN C5     C  Y N 162 
GUN C6     C  N N 163 
GUN O6     O  N N 164 
GUN N1     N  N N 165 
GUN C2     C  N N 166 
GUN N2     N  N N 167 
GUN N3     N  N N 168 
GUN C4     C  Y N 169 
GUN HN9    H  N N 170 
GUN H8     H  N N 171 
GUN HN1    H  N N 172 
GUN HN21   H  N N 173 
GUN HN22   H  N N 174 
HOH O      O  N N 175 
HOH H1     H  N N 176 
HOH H2     H  N N 177 
MG  MG     MG N N 178 
SPM N1     N  N N 179 
SPM C2     C  N N 180 
SPM C3     C  N N 181 
SPM C4     C  N N 182 
SPM N5     N  N N 183 
SPM C6     C  N N 184 
SPM C7     C  N N 185 
SPM C8     C  N N 186 
SPM C9     C  N N 187 
SPM N10    N  N N 188 
SPM C11    C  N N 189 
SPM C12    C  N N 190 
SPM C13    C  N N 191 
SPM N14    N  N N 192 
SPM HN11   H  N N 193 
SPM HN12   H  N N 194 
SPM H21    H  N N 195 
SPM H22    H  N N 196 
SPM H31    H  N N 197 
SPM H32    H  N N 198 
SPM H41    H  N N 199 
SPM H42    H  N N 200 
SPM HN5    H  N N 201 
SPM H61    H  N N 202 
SPM H62    H  N N 203 
SPM H71    H  N N 204 
SPM H72    H  N N 205 
SPM H81    H  N N 206 
SPM H82    H  N N 207 
SPM H91    H  N N 208 
SPM H92    H  N N 209 
SPM HN0    H  N N 210 
SPM H111   H  N N 211 
SPM H112   H  N N 212 
SPM H121   H  N N 213 
SPM H122   H  N N 214 
SPM H131   H  N N 215 
SPM H132   H  N N 216 
SPM HN41   H  N N 217 
SPM HN42   H  N N 218 
U   OP3    O  N N 219 
U   P      P  N N 220 
U   OP1    O  N N 221 
U   OP2    O  N N 222 
U   "O5'"  O  N N 223 
U   "C5'"  C  N N 224 
U   "C4'"  C  N R 225 
U   "O4'"  O  N N 226 
U   "C3'"  C  N S 227 
U   "O3'"  O  N N 228 
U   "C2'"  C  N R 229 
U   "O2'"  O  N N 230 
U   "C1'"  C  N R 231 
U   N1     N  N N 232 
U   C2     C  N N 233 
U   O2     O  N N 234 
U   N3     N  N N 235 
U   C4     C  N N 236 
U   O4     O  N N 237 
U   C5     C  N N 238 
U   C6     C  N N 239 
U   HOP3   H  N N 240 
U   HOP2   H  N N 241 
U   "H5'"  H  N N 242 
U   "H5''" H  N N 243 
U   "H4'"  H  N N 244 
U   "H3'"  H  N N 245 
U   "HO3'" H  N N 246 
U   "H2'"  H  N N 247 
U   "HO2'" H  N N 248 
U   "H1'"  H  N N 249 
U   H3     H  N N 250 
U   H5     H  N N 251 
U   H6     H  N N 252 
# 
loop_
_chem_comp_bond.comp_id 
_chem_comp_bond.atom_id_1 
_chem_comp_bond.atom_id_2 
_chem_comp_bond.value_order 
_chem_comp_bond.pdbx_aromatic_flag 
_chem_comp_bond.pdbx_stereo_config 
_chem_comp_bond.pdbx_ordinal 
A   OP3   P      sing N N 1   
A   OP3   HOP3   sing N N 2   
A   P     OP1    doub N N 3   
A   P     OP2    sing N N 4   
A   P     "O5'"  sing N N 5   
A   OP2   HOP2   sing N N 6   
A   "O5'" "C5'"  sing N N 7   
A   "C5'" "C4'"  sing N N 8   
A   "C5'" "H5'"  sing N N 9   
A   "C5'" "H5''" sing N N 10  
A   "C4'" "O4'"  sing N N 11  
A   "C4'" "C3'"  sing N N 12  
A   "C4'" "H4'"  sing N N 13  
A   "O4'" "C1'"  sing N N 14  
A   "C3'" "O3'"  sing N N 15  
A   "C3'" "C2'"  sing N N 16  
A   "C3'" "H3'"  sing N N 17  
A   "O3'" "HO3'" sing N N 18  
A   "C2'" "O2'"  sing N N 19  
A   "C2'" "C1'"  sing N N 20  
A   "C2'" "H2'"  sing N N 21  
A   "O2'" "HO2'" sing N N 22  
A   "C1'" N9     sing N N 23  
A   "C1'" "H1'"  sing N N 24  
A   N9    C8     sing Y N 25  
A   N9    C4     sing Y N 26  
A   C8    N7     doub Y N 27  
A   C8    H8     sing N N 28  
A   N7    C5     sing Y N 29  
A   C5    C6     sing Y N 30  
A   C5    C4     doub Y N 31  
A   C6    N6     sing N N 32  
A   C6    N1     doub Y N 33  
A   N6    H61    sing N N 34  
A   N6    H62    sing N N 35  
A   N1    C2     sing Y N 36  
A   C2    N3     doub Y N 37  
A   C2    H2     sing N N 38  
A   N3    C4     sing Y N 39  
C   OP3   P      sing N N 40  
C   OP3   HOP3   sing N N 41  
C   P     OP1    doub N N 42  
C   P     OP2    sing N N 43  
C   P     "O5'"  sing N N 44  
C   OP2   HOP2   sing N N 45  
C   "O5'" "C5'"  sing N N 46  
C   "C5'" "C4'"  sing N N 47  
C   "C5'" "H5'"  sing N N 48  
C   "C5'" "H5''" sing N N 49  
C   "C4'" "O4'"  sing N N 50  
C   "C4'" "C3'"  sing N N 51  
C   "C4'" "H4'"  sing N N 52  
C   "O4'" "C1'"  sing N N 53  
C   "C3'" "O3'"  sing N N 54  
C   "C3'" "C2'"  sing N N 55  
C   "C3'" "H3'"  sing N N 56  
C   "O3'" "HO3'" sing N N 57  
C   "C2'" "O2'"  sing N N 58  
C   "C2'" "C1'"  sing N N 59  
C   "C2'" "H2'"  sing N N 60  
C   "O2'" "HO2'" sing N N 61  
C   "C1'" N1     sing N N 62  
C   "C1'" "H1'"  sing N N 63  
C   N1    C2     sing N N 64  
C   N1    C6     sing N N 65  
C   C2    O2     doub N N 66  
C   C2    N3     sing N N 67  
C   N3    C4     doub N N 68  
C   C4    N4     sing N N 69  
C   C4    C5     sing N N 70  
C   N4    H41    sing N N 71  
C   N4    H42    sing N N 72  
C   C5    C6     doub N N 73  
C   C5    H5     sing N N 74  
C   C6    H6     sing N N 75  
G   OP3   P      sing N N 76  
G   OP3   HOP3   sing N N 77  
G   P     OP1    doub N N 78  
G   P     OP2    sing N N 79  
G   P     "O5'"  sing N N 80  
G   OP2   HOP2   sing N N 81  
G   "O5'" "C5'"  sing N N 82  
G   "C5'" "C4'"  sing N N 83  
G   "C5'" "H5'"  sing N N 84  
G   "C5'" "H5''" sing N N 85  
G   "C4'" "O4'"  sing N N 86  
G   "C4'" "C3'"  sing N N 87  
G   "C4'" "H4'"  sing N N 88  
G   "O4'" "C1'"  sing N N 89  
G   "C3'" "O3'"  sing N N 90  
G   "C3'" "C2'"  sing N N 91  
G   "C3'" "H3'"  sing N N 92  
G   "O3'" "HO3'" sing N N 93  
G   "C2'" "O2'"  sing N N 94  
G   "C2'" "C1'"  sing N N 95  
G   "C2'" "H2'"  sing N N 96  
G   "O2'" "HO2'" sing N N 97  
G   "C1'" N9     sing N N 98  
G   "C1'" "H1'"  sing N N 99  
G   N9    C8     sing Y N 100 
G   N9    C4     sing Y N 101 
G   C8    N7     doub Y N 102 
G   C8    H8     sing N N 103 
G   N7    C5     sing Y N 104 
G   C5    C6     sing N N 105 
G   C5    C4     doub Y N 106 
G   C6    O6     doub N N 107 
G   C6    N1     sing N N 108 
G   N1    C2     sing N N 109 
G   N1    H1     sing N N 110 
G   C2    N2     sing N N 111 
G   C2    N3     doub N N 112 
G   N2    H21    sing N N 113 
G   N2    H22    sing N N 114 
G   N3    C4     sing N N 115 
GTP PG    O1G    doub N N 116 
GTP PG    O2G    sing N N 117 
GTP PG    O3G    sing N N 118 
GTP PG    O3B    sing N N 119 
GTP O2G   HOG2   sing N N 120 
GTP O3G   HOG3   sing N N 121 
GTP O3B   PB     sing N N 122 
GTP PB    O1B    doub N N 123 
GTP PB    O2B    sing N N 124 
GTP PB    O3A    sing N N 125 
GTP O2B   HOB2   sing N N 126 
GTP O3A   PA     sing N N 127 
GTP PA    O1A    doub N N 128 
GTP PA    O2A    sing N N 129 
GTP PA    "O5'"  sing N N 130 
GTP O2A   HOA2   sing N N 131 
GTP "O5'" "C5'"  sing N N 132 
GTP "C5'" "C4'"  sing N N 133 
GTP "C5'" "H5'"  sing N N 134 
GTP "C5'" "H5''" sing N N 135 
GTP "C4'" "O4'"  sing N N 136 
GTP "C4'" "C3'"  sing N N 137 
GTP "C4'" "H4'"  sing N N 138 
GTP "O4'" "C1'"  sing N N 139 
GTP "C3'" "O3'"  sing N N 140 
GTP "C3'" "C2'"  sing N N 141 
GTP "C3'" "H3'"  sing N N 142 
GTP "O3'" "HO3'" sing N N 143 
GTP "C2'" "O2'"  sing N N 144 
GTP "C2'" "C1'"  sing N N 145 
GTP "C2'" "H2'"  sing N N 146 
GTP "O2'" "HO2'" sing N N 147 
GTP "C1'" N9     sing N N 148 
GTP "C1'" "H1'"  sing N N 149 
GTP N9    C8     sing Y N 150 
GTP N9    C4     sing Y N 151 
GTP C8    N7     doub Y N 152 
GTP C8    H8     sing N N 153 
GTP N7    C5     sing Y N 154 
GTP C5    C6     sing N N 155 
GTP C5    C4     doub Y N 156 
GTP C6    O6     doub N N 157 
GTP C6    N1     sing N N 158 
GTP N1    C2     sing N N 159 
GTP N1    HN1    sing N N 160 
GTP C2    N2     sing N N 161 
GTP C2    N3     doub N N 162 
GTP N2    HN21   sing N N 163 
GTP N2    HN22   sing N N 164 
GTP N3    C4     sing N N 165 
GUN N9    C8     sing Y N 166 
GUN N9    C4     sing Y N 167 
GUN N9    HN9    sing N N 168 
GUN C8    N7     doub Y N 169 
GUN C8    H8     sing N N 170 
GUN N7    C5     sing Y N 171 
GUN C5    C6     sing N N 172 
GUN C5    C4     doub Y N 173 
GUN C6    O6     doub N N 174 
GUN C6    N1     sing N N 175 
GUN N1    C2     sing N N 176 
GUN N1    HN1    sing N N 177 
GUN C2    N2     sing N N 178 
GUN C2    N3     doub N N 179 
GUN N2    HN21   sing N N 180 
GUN N2    HN22   sing N N 181 
GUN N3    C4     sing N N 182 
HOH O     H1     sing N N 183 
HOH O     H2     sing N N 184 
SPM N1    C2     sing N N 185 
SPM N1    HN11   sing N N 186 
SPM N1    HN12   sing N N 187 
SPM C2    C3     sing N N 188 
SPM C2    H21    sing N N 189 
SPM C2    H22    sing N N 190 
SPM C3    C4     sing N N 191 
SPM C3    H31    sing N N 192 
SPM C3    H32    sing N N 193 
SPM C4    N5     sing N N 194 
SPM C4    H41    sing N N 195 
SPM C4    H42    sing N N 196 
SPM N5    C6     sing N N 197 
SPM N5    HN5    sing N N 198 
SPM C6    C7     sing N N 199 
SPM C6    H61    sing N N 200 
SPM C6    H62    sing N N 201 
SPM C7    C8     sing N N 202 
SPM C7    H71    sing N N 203 
SPM C7    H72    sing N N 204 
SPM C8    C9     sing N N 205 
SPM C8    H81    sing N N 206 
SPM C8    H82    sing N N 207 
SPM C9    N10    sing N N 208 
SPM C9    H91    sing N N 209 
SPM C9    H92    sing N N 210 
SPM N10   C11    sing N N 211 
SPM N10   HN0    sing N N 212 
SPM C11   C12    sing N N 213 
SPM C11   H111   sing N N 214 
SPM C11   H112   sing N N 215 
SPM C12   C13    sing N N 216 
SPM C12   H121   sing N N 217 
SPM C12   H122   sing N N 218 
SPM C13   N14    sing N N 219 
SPM C13   H131   sing N N 220 
SPM C13   H132   sing N N 221 
SPM N14   HN41   sing N N 222 
SPM N14   HN42   sing N N 223 
U   OP3   P      sing N N 224 
U   OP3   HOP3   sing N N 225 
U   P     OP1    doub N N 226 
U   P     OP2    sing N N 227 
U   P     "O5'"  sing N N 228 
U   OP2   HOP2   sing N N 229 
U   "O5'" "C5'"  sing N N 230 
U   "C5'" "C4'"  sing N N 231 
U   "C5'" "H5'"  sing N N 232 
U   "C5'" "H5''" sing N N 233 
U   "C4'" "O4'"  sing N N 234 
U   "C4'" "C3'"  sing N N 235 
U   "C4'" "H4'"  sing N N 236 
U   "O4'" "C1'"  sing N N 237 
U   "C3'" "O3'"  sing N N 238 
U   "C3'" "C2'"  sing N N 239 
U   "C3'" "H3'"  sing N N 240 
U   "O3'" "HO3'" sing N N 241 
U   "C2'" "O2'"  sing N N 242 
U   "C2'" "C1'"  sing N N 243 
U   "C2'" "H2'"  sing N N 244 
U   "O2'" "HO2'" sing N N 245 
U   "C1'" N1     sing N N 246 
U   "C1'" "H1'"  sing N N 247 
U   N1    C2     sing N N 248 
U   N1    C6     sing N N 249 
U   C2    O2     doub N N 250 
U   C2    N3     sing N N 251 
U   N3    C4     sing N N 252 
U   N3    H3     sing N N 253 
U   C4    O4     doub N N 254 
U   C4    C5     sing N N 255 
U   C5    C6     doub N N 256 
U   C5    H5     sing N N 257 
U   C6    H6     sing N N 258 
# 
loop_
_ndb_struct_conf_na.entry_id 
_ndb_struct_conf_na.feature 
8XZO 'double helix'         
8XZO 'a-form double helix'  
8XZO 'hairpin loop'         
8XZO 'bulge loop'           
8XZO 'mismatched base pair' 
8XZO 'triple helix'         
# 
loop_
_ndb_struct_na_base_pair.model_number 
_ndb_struct_na_base_pair.i_label_asym_id 
_ndb_struct_na_base_pair.i_label_comp_id 
_ndb_struct_na_base_pair.i_label_seq_id 
_ndb_struct_na_base_pair.i_symmetry 
_ndb_struct_na_base_pair.j_label_asym_id 
_ndb_struct_na_base_pair.j_label_comp_id 
_ndb_struct_na_base_pair.j_label_seq_id 
_ndb_struct_na_base_pair.j_symmetry 
_ndb_struct_na_base_pair.shear 
_ndb_struct_na_base_pair.stretch 
_ndb_struct_na_base_pair.stagger 
_ndb_struct_na_base_pair.buckle 
_ndb_struct_na_base_pair.propeller 
_ndb_struct_na_base_pair.opening 
_ndb_struct_na_base_pair.pair_number 
_ndb_struct_na_base_pair.pair_name 
_ndb_struct_na_base_pair.i_auth_asym_id 
_ndb_struct_na_base_pair.i_auth_seq_id 
_ndb_struct_na_base_pair.i_PDB_ins_code 
_ndb_struct_na_base_pair.j_auth_asym_id 
_ndb_struct_na_base_pair.j_auth_seq_id 
_ndb_struct_na_base_pair.j_PDB_ins_code 
_ndb_struct_na_base_pair.hbond_type_28 
_ndb_struct_na_base_pair.hbond_type_12 
1 A GTP 1  1_555 A U 53 1_555 -2.358 0.008  -0.323 -6.235  3.007   8.503   1  A_GTP1:U53_A A 1  ? A 53 ? 28 1  
1 A G   2  1_555 A C 52 1_555 -0.255 -0.116 -0.170 -3.801  -9.191  0.626   2  A_G2:C52_A   A 2  ? A 52 ? 19 1  
1 A G   3  1_555 A C 51 1_555 -0.406 -0.083 -0.264 -10.004 -13.683 2.041   3  A_G3:C51_A   A 3  ? A 51 ? 19 1  
1 A U   4  1_555 A G 50 1_555 2.324  -0.591 0.164  -6.368  -8.439  2.717   4  A_U4:G50_A   A 4  ? A 50 ? 28 1  
1 A G   5  1_555 A C 49 1_555 -0.363 -0.130 -0.316 -11.357 -10.690 0.528   5  A_G5:C49_A   A 5  ? A 49 ? 19 1  
1 A U   6  1_555 A G 48 1_555 2.508  -0.543 -0.025 -4.743  1.686   -2.634  6  A_U6:G48_A   A 6  ? A 48 ? 28 1  
1 A G   7  1_555 A A 47 1_555 6.885  -4.694 0.368  9.523   0.627   -9.904  7  A_G7:A47_A   A 7  ? A 47 ? 11 10 
1 A A   9  1_555 A G 46 1_555 -6.772 -4.196 0.785  -17.129 -12.096 1.540   8  A_A9:G46_A   A 9  ? A 46 ? 11 9  
1 A C   10 1_555 A G 45 1_555 0.082  -0.038 0.236  -2.256  -7.428  0.011   9  A_C10:G45_A  A 10 ? A 45 ? 19 1  
1 A C   11 1_555 A G 44 1_555 0.203  -0.089 -0.199 5.219   -8.596  -1.268  10 A_C11:G44_A  A 11 ? A 44 ? 19 1  
1 A G   12 1_555 A C 43 1_555 -0.362 -0.134 0.052  -12.633 -18.824 1.124   11 A_G12:C43_A  A 12 ? A 43 ? 19 1  
1 A U   13 1_555 A A 42 1_555 0.067  0.039  0.404  -14.611 -14.648 -0.422  12 A_U13:A42_A  A 13 ? A 42 ? 20 1  
1 A G   21 1_555 A C 40 1_555 -0.384 -0.219 0.151  0.727   -15.271 -0.566  13 A_G21:C40_A  A 21 ? A 40 ? 19 1  
1 A U   22 1_555 A A 39 1_555 0.032  -0.142 -0.051 -1.404  -19.324 3.866   14 A_U22:A39_A  A 22 ? A 39 ? 20 1  
1 A C   23 1_555 A G 38 1_555 0.259  -0.114 0.101  1.802   -10.911 -1.939  15 A_C23:G38_A  A 23 ? A 38 ? 19 1  
1 A C   24 1_555 A G 37 1_555 0.327  -0.112 0.052  0.464   -12.802 2.338   16 A_C24:G37_A  A 24 ? A 37 ? 19 1  
1 A C   25 1_555 A G 36 1_555 0.174  -0.023 0.079  0.834   -12.345 2.223   17 A_C25:G36_A  A 25 ? A 36 ? 19 1  
1 A A   26 1_555 A U 35 1_555 0.126  -0.061 0.103  -4.389  -14.781 3.703   18 A_A26:U35_A  A 26 ? A 35 ? 20 1  
1 A G   27 1_555 A C 34 1_555 -0.312 -0.121 0.150  -6.135  -16.569 1.487   19 A_G27:C34_A  A 27 ? A 34 ? 19 1  
1 A C   28 1_555 A G 32 1_555 0.455  -0.096 -0.252 4.304   -3.645  -2.548  20 A_C28:G32_A  A 28 ? A 32 ? 19 1  
1 A U   14 1_555 A A 17 1_555 -1.031 3.686  -0.215 4.639   18.606  -75.391 21 A_U14:A17_A  A 14 ? A 17 ? 23 3  
# 
loop_
_ndb_struct_na_base_pair_step.model_number 
_ndb_struct_na_base_pair_step.i_label_asym_id_1 
_ndb_struct_na_base_pair_step.i_label_comp_id_1 
_ndb_struct_na_base_pair_step.i_label_seq_id_1 
_ndb_struct_na_base_pair_step.i_symmetry_1 
_ndb_struct_na_base_pair_step.j_label_asym_id_1 
_ndb_struct_na_base_pair_step.j_label_comp_id_1 
_ndb_struct_na_base_pair_step.j_label_seq_id_1 
_ndb_struct_na_base_pair_step.j_symmetry_1 
_ndb_struct_na_base_pair_step.i_label_asym_id_2 
_ndb_struct_na_base_pair_step.i_label_comp_id_2 
_ndb_struct_na_base_pair_step.i_label_seq_id_2 
_ndb_struct_na_base_pair_step.i_symmetry_2 
_ndb_struct_na_base_pair_step.j_label_asym_id_2 
_ndb_struct_na_base_pair_step.j_label_comp_id_2 
_ndb_struct_na_base_pair_step.j_label_seq_id_2 
_ndb_struct_na_base_pair_step.j_symmetry_2 
_ndb_struct_na_base_pair_step.shift 
_ndb_struct_na_base_pair_step.slide 
_ndb_struct_na_base_pair_step.rise 
_ndb_struct_na_base_pair_step.tilt 
_ndb_struct_na_base_pair_step.roll 
_ndb_struct_na_base_pair_step.twist 
_ndb_struct_na_base_pair_step.x_displacement 
_ndb_struct_na_base_pair_step.y_displacement 
_ndb_struct_na_base_pair_step.helical_rise 
_ndb_struct_na_base_pair_step.inclination 
_ndb_struct_na_base_pair_step.tip 
_ndb_struct_na_base_pair_step.helical_twist 
_ndb_struct_na_base_pair_step.step_number 
_ndb_struct_na_base_pair_step.step_name 
_ndb_struct_na_base_pair_step.i_auth_asym_id_1 
_ndb_struct_na_base_pair_step.i_auth_seq_id_1 
_ndb_struct_na_base_pair_step.i_PDB_ins_code_1 
_ndb_struct_na_base_pair_step.j_auth_asym_id_1 
_ndb_struct_na_base_pair_step.j_auth_seq_id_1 
_ndb_struct_na_base_pair_step.j_PDB_ins_code_1 
_ndb_struct_na_base_pair_step.i_auth_asym_id_2 
_ndb_struct_na_base_pair_step.i_auth_seq_id_2 
_ndb_struct_na_base_pair_step.i_PDB_ins_code_2 
_ndb_struct_na_base_pair_step.j_auth_asym_id_2 
_ndb_struct_na_base_pair_step.j_auth_seq_id_2 
_ndb_struct_na_base_pair_step.j_PDB_ins_code_2 
1 A GTP 1  1_555 A U 53 1_555 A G 2  1_555 A C 52 1_555 -0.479 -1.522 3.357 -2.681 5.187  35.196 -3.237  0.393  3.135 8.505  4.396 
35.662 1  AA_GTP1G2:C52U53_AA A 1  ? A 53 ? A 2  ? A 52 ? 
1 A G   2  1_555 A C 52 1_555 A G 3  1_555 A C 51 1_555 0.035  -1.804 3.376 -0.819 7.265  32.122 -4.389  -0.197 2.907 12.921 1.456 
32.922 2  AA_G2G3:C51C52_AA   A 2  ? A 52 ? A 3  ? A 51 ? 
1 A G   3  1_555 A C 51 1_555 A U 4  1_555 A G 50 1_555 0.174  -1.301 3.239 -1.294 3.435  41.812 -2.164  -0.375 3.121 4.803  1.809 
41.965 3  AA_G3U4:G50C51_AA   A 3  ? A 51 ? A 4  ? A 50 ? 
1 A U   4  1_555 A G 50 1_555 A G 5  1_555 A C 49 1_555 -0.461 -2.078 3.278 5.802  9.735  23.062 -7.051  2.450  2.070 22.675 
-13.514 25.662 4  AA_U4G5:C49G50_AA   A 4  ? A 50 ? A 5  ? A 49 ? 
1 A G   5  1_555 A C 49 1_555 A U 6  1_555 A G 48 1_555 0.101  -1.190 3.170 -1.043 4.556  40.055 -2.215  -0.258 3.019 6.624  1.516 
40.315 5  AA_G5U6:G48C49_AA   A 5  ? A 49 ? A 6  ? A 48 ? 
1 A U   6  1_555 A G 48 1_555 A G 7  1_555 A A 47 1_555 -0.227 -1.346 2.916 4.153  7.370  51.667 -1.946  0.494  2.689 8.392  
-4.729  52.308 6  AA_U6G7:A47G48_AA   A 6  ? A 48 ? A 7  ? A 47 ? 
1 A G   7  1_555 A A 47 1_555 A A 9  1_555 A G 46 1_555 -1.870 -0.514 5.560 6.361  16.805 8.102  -13.511 10.011 1.255 61.654 
-23.338 19.697 7  AA_G7A9:G46A47_AA   A 7  ? A 47 ? A 9  ? A 46 ? 
1 A A   9  1_555 A G 46 1_555 A C 10 1_555 A G 45 1_555 0.031  -0.619 3.057 0.819  7.608  57.664 -1.009  0.008  2.961 7.850  
-0.845  58.126 8  AA_A9C10:G45G46_AA  A 9  ? A 46 ? A 10 ? A 45 ? 
1 A C   10 1_555 A G 45 1_555 A C 11 1_555 A G 44 1_555 0.349  -2.160 3.020 3.624  5.627  26.309 -5.828  0.044  2.536 12.115 
-7.803  27.133 9  AA_C10C11:G44G45_AA A 10 ? A 45 ? A 11 ? A 44 ? 
1 A C   11 1_555 A G 44 1_555 A G 12 1_555 A C 43 1_555 0.088  -1.824 3.516 -0.708 14.232 31.696 -5.163  -0.252 2.491 24.564 1.222 
34.677 10 AA_C11G12:C43G44_AA A 11 ? A 44 ? A 12 ? A 43 ? 
1 A G   12 1_555 A C 43 1_555 A U 13 1_555 A A 42 1_555 -0.119 -1.419 3.360 -0.926 2.550  33.970 -2.832  0.055  3.250 4.356  1.581 
34.075 11 AA_G12U13:A42C43_AA A 12 ? A 43 ? A 13 ? A 42 ? 
1 A U   13 1_555 A A 42 1_555 A G 21 1_555 A C 40 1_555 -2.860 -2.775 5.877 1.079  5.096  76.596 -2.497  2.359  5.677 4.107  
-0.869  76.746 12 AA_U13G21:C40A42_AA A 13 ? A 42 ? A 21 ? A 40 ? 
1 A G   21 1_555 A C 40 1_555 A U 22 1_555 A A 39 1_555 0.061  -1.267 3.297 1.438  8.377  34.038 -3.317  0.106  2.913 14.041 
-2.410  35.052 13 AA_G21U22:A39C40_AA A 21 ? A 40 ? A 22 ? A 39 ? 
1 A U   22 1_555 A A 39 1_555 A C 23 1_555 A G 38 1_555 -0.225 -1.137 3.176 -2.033 6.428  34.342 -2.806  0.086  2.930 10.759 3.403 
34.978 14 AA_U22C23:G38A39_AA A 22 ? A 39 ? A 23 ? A 38 ? 
1 A C   23 1_555 A G 38 1_555 A C 24 1_555 A G 37 1_555 0.487  -1.708 3.206 3.149  8.363  30.747 -4.491  -0.360 2.695 15.370 
-5.787  31.989 15 AA_C23C24:G37G38_AA A 23 ? A 38 ? A 24 ? A 37 ? 
1 A C   24 1_555 A G 37 1_555 A C 25 1_555 A G 36 1_555 0.337  -1.943 3.164 1.537  6.344  28.907 -5.017  -0.364 2.700 12.508 
-3.029  29.619 16 AA_C24C25:G36G37_AA A 24 ? A 37 ? A 25 ? A 36 ? 
1 A C   25 1_555 A G 36 1_555 A A 26 1_555 A U 35 1_555 0.107  -1.764 3.270 1.497  8.083  28.725 -4.986  0.081  2.687 15.885 
-2.942  29.855 17 AA_C25A26:U35G36_AA A 25 ? A 36 ? A 26 ? A 35 ? 
1 A A   26 1_555 A U 35 1_555 A G 27 1_555 A C 34 1_555 -0.166 -1.585 3.198 0.738  5.425  33.865 -3.489  0.390  2.912 9.239  
-1.256  34.292 18 AA_A26G27:C34U35_AA A 26 ? A 35 ? A 27 ? A 34 ? 
1 A G   27 1_555 A C 34 1_555 A C 28 1_555 A G 32 1_555 -0.674 -0.601 3.054 5.781  7.398  27.548 -2.643  2.472  2.616 14.994 
-11.718 29.074 19 AA_G27C28:G32C34_AA A 27 ? A 34 ? A 28 ? A 32 ? 
# 
_pdbx_audit_support.funding_organization   'National Natural Science Foundation of China (NSFC)' 
_pdbx_audit_support.country                China 
_pdbx_audit_support.grant_number           ? 
_pdbx_audit_support.ordinal                1 
# 
_pdbx_entity_instance_feature.ordinal        1 
_pdbx_entity_instance_feature.comp_id        GUN 
_pdbx_entity_instance_feature.asym_id        ? 
_pdbx_entity_instance_feature.seq_num        ? 
_pdbx_entity_instance_feature.auth_comp_id   GUN 
_pdbx_entity_instance_feature.auth_asym_id   ? 
_pdbx_entity_instance_feature.auth_seq_num   ? 
_pdbx_entity_instance_feature.feature_type   'SUBJECT OF INVESTIGATION' 
_pdbx_entity_instance_feature.details        ? 
# 
_pdbx_initial_refinement_model.id               1 
_pdbx_initial_refinement_model.entity_id_list   ? 
_pdbx_initial_refinement_model.type             'experimental model' 
_pdbx_initial_refinement_model.source_name      PDB 
_pdbx_initial_refinement_model.accession_code   8XZE 
_pdbx_initial_refinement_model.details          ? 
# 
_atom_sites.entry_id                    8XZO 
_atom_sites.Cartn_transf_matrix[1][1]   ? 
_atom_sites.Cartn_transf_matrix[1][2]   ? 
_atom_sites.Cartn_transf_matrix[1][3]   ? 
_atom_sites.Cartn_transf_matrix[2][1]   ? 
_atom_sites.Cartn_transf_matrix[2][2]   ? 
_atom_sites.Cartn_transf_matrix[2][3]   ? 
_atom_sites.Cartn_transf_matrix[3][1]   ? 
_atom_sites.Cartn_transf_matrix[3][2]   ? 
_atom_sites.Cartn_transf_matrix[3][3]   ? 
_atom_sites.Cartn_transf_vector[1]      ? 
_atom_sites.Cartn_transf_vector[2]      ? 
_atom_sites.Cartn_transf_vector[3]      ? 
_atom_sites.Cartn_transform_axes        ? 
_atom_sites.fract_transf_matrix[1][1]   0.00845076 
_atom_sites.fract_transf_matrix[1][2]   0.00646662 
_atom_sites.fract_transf_matrix[1][3]   -0.01692594 
_atom_sites.fract_transf_matrix[2][1]   0.01399062 
_atom_sites.fract_transf_matrix[2][2]   -0.00962937 
_atom_sites.fract_transf_matrix[2][3]   0.00330628 
_atom_sites.fract_transf_matrix[3][1]   -0.00655431 
_atom_sites.fract_transf_matrix[3][2]   -0.01225389 
_atom_sites.fract_transf_matrix[3][3]   -0.00795408 
_atom_sites.fract_transf_vector[1]      -0.045708 
_atom_sites.fract_transf_vector[2]      0.118415 
_atom_sites.fract_transf_vector[3]      -0.063536 
_atom_sites.solution_primary            ? 
_atom_sites.solution_secondary          ? 
_atom_sites.solution_hydrogens          ? 
_atom_sites.special_details             ? 
# 
loop_
_atom_type.symbol 
C  
MG 
N  
O  
P  
# 
loop_
_atom_site.group_PDB 
_atom_site.id 
_atom_site.type_symbol 
_atom_site.label_atom_id 
_atom_site.label_alt_id 
_atom_site.label_comp_id 
_atom_site.label_asym_id 
_atom_site.label_entity_id 
_atom_site.label_seq_id 
_atom_site.pdbx_PDB_ins_code 
_atom_site.Cartn_x 
_atom_site.Cartn_y 
_atom_site.Cartn_z 
_atom_site.occupancy 
_atom_site.B_iso_or_equiv 
_atom_site.pdbx_formal_charge 
_atom_site.auth_seq_id 
_atom_site.auth_comp_id 
_atom_site.auth_asym_id 
_atom_site.auth_atom_id 
_atom_site.pdbx_PDB_model_num 
HETATM 1    P  PG    . GTP A 1 1  ? -15.079 -10.243 -24.270 1.00 125.09 ? 1   GTP A PG    1 
HETATM 2    O  O1G   . GTP A 1 1  ? -15.053 -9.343  -23.053 1.00 117.28 ? 1   GTP A O1G   1 
HETATM 3    O  O2G   . GTP A 1 1  ? -14.971 -11.696 -23.846 1.00 109.26 ? 1   GTP A O2G   1 
HETATM 4    O  O3G   . GTP A 1 1  ? -13.897 -9.896  -25.149 1.00 113.57 ? 1   GTP A O3G   1 
HETATM 5    O  O3B   . GTP A 1 1  ? -16.447 -9.984  -25.111 1.00 122.48 ? 1   GTP A O3B   1 
HETATM 6    P  PB    . GTP A 1 1  ? -17.887 -9.710  -24.417 1.00 119.44 ? 1   GTP A PB    1 
HETATM 7    O  O1B   . GTP A 1 1  ? -18.129 -8.217  -24.361 1.00 115.94 ? 1   GTP A O1B   1 
HETATM 8    O  O2B   . GTP A 1 1  ? -19.021 -10.404 -25.143 1.00 111.00 ? 1   GTP A O2B   1 
HETATM 9    O  O3A   . GTP A 1 1  ? -17.681 -10.343 -22.946 1.00 109.08 ? 1   GTP A O3A   1 
HETATM 10   P  PA    . GTP A 1 1  ? -17.830 -9.570  -21.538 1.00 107.38 ? 1   GTP A PA    1 
HETATM 11   O  O1A   . GTP A 1 1  ? -16.551 -9.692  -20.737 1.00 102.50 ? 1   GTP A O1A   1 
HETATM 12   O  O2A   . GTP A 1 1  ? -18.259 -8.126  -21.678 1.00 107.90 ? 1   GTP A O2A   1 
HETATM 13   O  "O5'" . GTP A 1 1  ? -18.985 -10.472 -20.874 1.00 93.39  ? 1   GTP A "O5'" 1 
HETATM 14   C  "C5'" . GTP A 1 1  ? -20.331 -10.060 -20.836 1.00 90.77  ? 1   GTP A "C5'" 1 
HETATM 15   C  "C4'" . GTP A 1 1  ? -21.055 -11.063 -19.955 1.00 86.98  ? 1   GTP A "C4'" 1 
HETATM 16   O  "O4'" . GTP A 1 1  ? -21.394 -12.172 -20.765 1.00 88.17  ? 1   GTP A "O4'" 1 
HETATM 17   C  "C3'" . GTP A 1 1  ? -20.147 -11.630 -18.875 1.00 79.20  ? 1   GTP A "C3'" 1 
HETATM 18   O  "O3'" . GTP A 1 1  ? -20.178 -10.897 -17.671 1.00 80.62  ? 1   GTP A "O3'" 1 
HETATM 19   C  "C2'" . GTP A 1 1  ? -20.674 -13.043 -18.713 1.00 78.23  ? 1   GTP A "C2'" 1 
HETATM 20   O  "O2'" . GTP A 1 1  ? -21.792 -13.078 -17.853 1.00 77.18  ? 1   GTP A "O2'" 1 
HETATM 21   C  "C1'" . GTP A 1 1  ? -21.090 -13.399 -20.127 1.00 79.72  ? 1   GTP A "C1'" 1 
HETATM 22   N  N9    . GTP A 1 1  ? -19.900 -13.989 -20.776 1.00 79.06  ? 1   GTP A N9    1 
HETATM 23   C  C8    . GTP A 1 1  ? -19.202 -13.456 -21.830 1.00 82.25  ? 1   GTP A C8    1 
HETATM 24   N  N7    . GTP A 1 1  ? -18.173 -14.283 -22.136 1.00 77.02  ? 1   GTP A N7    1 
HETATM 25   C  C5    . GTP A 1 1  ? -18.207 -15.346 -21.301 1.00 71.58  ? 1   GTP A C5    1 
HETATM 26   C  C6    . GTP A 1 1  ? -17.402 -16.477 -21.179 1.00 68.23  ? 1   GTP A C6    1 
HETATM 27   O  O6    . GTP A 1 1  ? -16.443 -16.661 -21.926 1.00 69.44  ? 1   GTP A O6    1 
HETATM 28   N  N1    . GTP A 1 1  ? -17.682 -17.413 -20.207 1.00 66.58  ? 1   GTP A N1    1 
HETATM 29   C  C2    . GTP A 1 1  ? -18.758 -17.231 -19.361 1.00 68.35  ? 1   GTP A C2    1 
HETATM 30   N  N2    . GTP A 1 1  ? -19.020 -18.137 -18.426 1.00 63.77  ? 1   GTP A N2    1 
HETATM 31   N  N3    . GTP A 1 1  ? -19.556 -16.108 -19.483 1.00 72.68  ? 1   GTP A N3    1 
HETATM 32   C  C4    . GTP A 1 1  ? -19.287 -15.175 -20.438 1.00 75.66  ? 1   GTP A C4    1 
ATOM   33   P  P     . G   A 1 2  ? -18.846 -10.327 -16.977 1.00 78.70  ? 2   G   A P     1 
ATOM   34   O  OP1   . G   A 1 2  ? -19.214 -9.300  -15.961 1.00 77.21  ? 2   G   A OP1   1 
ATOM   35   O  OP2   . G   A 1 2  ? -17.680 -10.084 -17.867 1.00 82.48  ? 2   G   A OP2   1 
ATOM   36   O  "O5'" . G   A 1 2  ? -18.622 -11.723 -16.231 1.00 71.27  ? 2   G   A "O5'" 1 
ATOM   37   C  "C5'" . G   A 1 2  ? -19.606 -12.244 -15.347 1.00 68.54  ? 2   G   A "C5'" 1 
ATOM   38   C  "C4'" . G   A 1 2  ? -19.319 -13.674 -14.957 1.00 68.15  ? 2   G   A "C4'" 1 
ATOM   39   O  "O4'" . G   A 1 2  ? -19.292 -14.522 -16.137 1.00 66.24  ? 2   G   A "O4'" 1 
ATOM   40   C  "C3'" . G   A 1 2  ? -17.977 -13.934 -14.294 1.00 63.37  ? 2   G   A "C3'" 1 
ATOM   41   O  "O3'" . G   A 1 2  ? -17.971 -13.596 -12.921 1.00 60.47  ? 2   G   A "O3'" 1 
ATOM   42   C  "C2'" . G   A 1 2  ? -17.767 -15.416 -14.559 1.00 62.57  ? 2   G   A "C2'" 1 
ATOM   43   O  "O2'" . G   A 1 2  ? -18.567 -16.198 -13.687 1.00 60.42  ? 2   G   A "O2'" 1 
ATOM   44   C  "C1'" . G   A 1 2  ? -18.336 -15.546 -15.970 1.00 64.57  ? 2   G   A "C1'" 1 
ATOM   45   N  N9    . G   A 1 2  ? -17.284 -15.380 -16.989 1.00 63.21  ? 2   G   A N9    1 
ATOM   46   C  C8    . G   A 1 2  ? -17.118 -14.339 -17.870 1.00 65.14  ? 2   G   A C8    1 
ATOM   47   N  N7    . G   A 1 2  ? -16.076 -14.486 -18.645 1.00 63.03  ? 2   G   A N7    1 
ATOM   48   C  C5    . G   A 1 2  ? -15.518 -15.692 -18.245 1.00 59.40  ? 2   G   A C5    1 
ATOM   49   C  C6    . G   A 1 2  ? -14.368 -16.374 -18.718 1.00 57.58  ? 2   G   A C6    1 
ATOM   50   O  O6    . G   A 1 2  ? -13.590 -16.030 -19.625 1.00 56.62  ? 2   G   A O6    1 
ATOM   51   N  N1    . G   A 1 2  ? -14.164 -17.569 -18.022 1.00 52.67  ? 2   G   A N1    1 
ATOM   52   C  C2    . G   A 1 2  ? -14.962 -18.047 -17.003 1.00 56.54  ? 2   G   A C2    1 
ATOM   53   N  N2    . G   A 1 2  ? -14.605 -19.216 -16.455 1.00 53.80  ? 2   G   A N2    1 
ATOM   54   N  N3    . G   A 1 2  ? -16.039 -17.422 -16.555 1.00 56.66  ? 2   G   A N3    1 
ATOM   55   C  C4    . G   A 1 2  ? -16.253 -16.259 -17.218 1.00 63.09  ? 2   G   A C4    1 
ATOM   56   P  P     . G   A 1 3  ? -16.651 -12.978 -12.244 1.00 70.31  ? 3   G   A P     1 
ATOM   57   O  OP1   . G   A 1 3  ? -17.022 -12.500 -10.889 1.00 64.85  ? 3   G   A OP1   1 
ATOM   58   O  OP2   . G   A 1 3  ? -16.029 -12.018 -13.186 1.00 61.27  ? 3   G   A OP2   1 
ATOM   59   O  "O5'" . G   A 1 3  ? -15.691 -14.238 -12.075 1.00 64.41  ? 3   G   A "O5'" 1 
ATOM   60   C  "C5'" . G   A 1 3  ? -16.092 -15.350 -11.286 1.00 62.86  ? 3   G   A "C5'" 1 
ATOM   61   C  "C4'" . G   A 1 3  ? -15.152 -16.521 -11.439 1.00 55.70  ? 3   G   A "C4'" 1 
ATOM   62   O  "O4'" . G   A 1 3  ? -15.202 -17.028 -12.797 1.00 58.32  ? 3   G   A "O4'" 1 
ATOM   63   C  "C3'" . G   A 1 3  ? -13.676 -16.237 -11.208 1.00 54.39  ? 3   G   A "C3'" 1 
ATOM   64   O  "O3'" . G   A 1 3  ? -13.325 -16.209 -9.838  1.00 56.96  ? 3   G   A "O3'" 1 
ATOM   65   C  "C2'" . G   A 1 3  ? -13.002 -17.364 -11.972 1.00 51.11  ? 3   G   A "C2'" 1 
ATOM   66   O  "O2'" . G   A 1 3  ? -13.059 -18.571 -11.233 1.00 55.37  ? 3   G   A "O2'" 1 
ATOM   67   C  "C1'" . G   A 1 3  ? -13.924 -17.497 -13.180 1.00 55.00  ? 3   G   A "C1'" 1 
ATOM   68   N  N9    . G   A 1 3  ? -13.435 -16.685 -14.306 1.00 55.80  ? 3   G   A N9    1 
ATOM   69   C  C8    . G   A 1 3  ? -13.954 -15.514 -14.813 1.00 56.11  ? 3   G   A C8    1 
ATOM   70   N  N7    . G   A 1 3  ? -13.259 -15.043 -15.817 1.00 52.45  ? 3   G   A N7    1 
ATOM   71   C  C5    . G   A 1 3  ? -12.223 -15.959 -15.976 1.00 51.03  ? 3   G   A C5    1 
ATOM   72   C  C6    . G   A 1 3  ? -11.152 -15.979 -16.902 1.00 48.11  ? 3   G   A C6    1 
ATOM   73   O  O6    . G   A 1 3  ? -10.918 -15.160 -17.804 1.00 47.03  ? 3   G   A O6    1 
ATOM   74   N  N1    . G   A 1 3  ? -10.326 -17.081 -16.709 1.00 44.44  ? 3   G   A N1    1 
ATOM   75   C  C2    . G   A 1 3  ? -10.511 -18.043 -15.744 1.00 48.77  ? 3   G   A C2    1 
ATOM   76   N  N2    . G   A 1 3  ? -9.618  -19.036 -15.699 1.00 40.31  ? 3   G   A N2    1 
ATOM   77   N  N3    . G   A 1 3  ? -11.505 -18.034 -14.874 1.00 49.23  ? 3   G   A N3    1 
ATOM   78   C  C4    . G   A 1 3  ? -12.313 -16.970 -15.051 1.00 52.27  ? 3   G   A C4    1 
ATOM   79   P  P     . U   A 1 4  ? -12.283 -15.112 -9.304  1.00 61.79  ? 4   U   A P     1 
ATOM   80   O  OP1   . U   A 1 4  ? -12.162 -15.224 -7.827  1.00 59.93  ? 4   U   A OP1   1 
ATOM   81   O  OP2   . U   A 1 4  ? -12.650 -13.828 -9.962  1.00 57.26  ? 4   U   A OP2   1 
ATOM   82   O  "O5'" . U   A 1 4  ? -10.886 -15.605 -9.888  1.00 55.38  ? 4   U   A "O5'" 1 
ATOM   83   C  "C5'" . U   A 1 4  ? -10.326 -16.845 -9.485  1.00 49.02  ? 4   U   A "C5'" 1 
ATOM   84   C  "C4'" . U   A 1 4  ? -9.206  -17.256 -10.405 1.00 47.57  ? 4   U   A "C4'" 1 
ATOM   85   O  "O4'" . U   A 1 4  ? -9.687  -17.311 -11.772 1.00 47.39  ? 4   U   A "O4'" 1 
ATOM   86   C  "C3'" . U   A 1 4  ? -8.026  -16.305 -10.485 1.00 48.83  ? 4   U   A "C3'" 1 
ATOM   87   O  "O3'" . U   A 1 4  ? -7.136  -16.427 -9.395  1.00 48.52  ? 4   U   A "O3'" 1 
ATOM   88   C  "C2'" . U   A 1 4  ? -7.400  -16.689 -11.812 1.00 47.73  ? 4   U   A "C2'" 1 
ATOM   89   O  "O2'" . U   A 1 4  ? -6.700  -17.914 -11.668 1.00 41.29  ? 4   U   A "O2'" 1 
ATOM   90   C  "C1'" . U   A 1 4  ? -8.644  -16.950 -12.656 1.00 47.61  ? 4   U   A "C1'" 1 
ATOM   91   N  N1    . U   A 1 4  ? -9.058  -15.757 -13.431 1.00 44.62  ? 4   U   A N1    1 
ATOM   92   C  C2    . U   A 1 4  ? -8.307  -15.424 -14.549 1.00 44.26  ? 4   U   A C2    1 
ATOM   93   O  O2    . U   A 1 4  ? -7.340  -16.075 -14.903 1.00 39.15  ? 4   U   A O2    1 
ATOM   94   N  N3    . U   A 1 4  ? -8.739  -14.313 -15.241 1.00 42.32  ? 4   U   A N3    1 
ATOM   95   C  C4    . U   A 1 4  ? -9.822  -13.508 -14.924 1.00 48.44  ? 4   U   A C4    1 
ATOM   96   O  O4    . U   A 1 4  ? -10.098 -12.536 -15.633 1.00 47.27  ? 4   U   A O4    1 
ATOM   97   C  C5    . U   A 1 4  ? -10.536 -13.914 -13.752 1.00 48.17  ? 4   U   A C5    1 
ATOM   98   C  C6    . U   A 1 4  ? -10.144 -14.997 -13.065 1.00 46.70  ? 4   U   A C6    1 
ATOM   99   P  P     . G   A 1 5  ? -6.225  -15.183 -8.963  1.00 49.35  ? 5   G   A P     1 
ATOM   100  O  OP1   . G   A 1 5  ? -5.728  -15.449 -7.591  1.00 51.80  ? 5   G   A OP1   1 
ATOM   101  O  OP2   . G   A 1 5  ? -6.968  -13.924 -9.245  1.00 48.85  ? 5   G   A OP2   1 
ATOM   102  O  "O5'" . G   A 1 5  ? -4.984  -15.263 -9.953  1.00 47.21  ? 5   G   A "O5'" 1 
ATOM   103  C  "C5'" . G   A 1 5  ? -4.078  -16.351 -9.890  1.00 45.14  ? 5   G   A "C5'" 1 
ATOM   104  C  "C4'" . G   A 1 5  ? -3.036  -16.264 -10.972 1.00 40.17  ? 5   G   A "C4'" 1 
ATOM   105  O  "O4'" . G   A 1 5  ? -3.678  -16.395 -12.266 1.00 43.43  ? 5   G   A "O4'" 1 
ATOM   106  C  "C3'" . G   A 1 5  ? -2.274  -14.955 -11.082 1.00 41.51  ? 5   G   A "C3'" 1 
ATOM   107  O  "O3'" . G   A 1 5  ? -1.240  -14.803 -10.121 1.00 41.52  ? 5   G   A "O3'" 1 
ATOM   108  C  "C2'" . G   A 1 5  ? -1.780  -15.004 -12.521 1.00 43.91  ? 5   G   A "C2'" 1 
ATOM   109  O  "O2'" . G   A 1 5  ? -0.717  -15.942 -12.643 1.00 40.32  ? 5   G   A "O2'" 1 
ATOM   110  C  "C1'" . G   A 1 5  ? -3.000  -15.600 -13.221 1.00 41.85  ? 5   G   A "C1'" 1 
ATOM   111  N  N9    . G   A 1 5  ? -3.919  -14.553 -13.715 1.00 37.71  ? 5   G   A N9    1 
ATOM   112  C  C8    . G   A 1 5  ? -5.069  -14.096 -13.104 1.00 39.07  ? 5   G   A C8    1 
ATOM   113  N  N7    . G   A 1 5  ? -5.675  -13.153 -13.788 1.00 42.86  ? 5   G   A N7    1 
ATOM   114  C  C5    . G   A 1 5  ? -4.879  -12.974 -14.917 1.00 38.36  ? 5   G   A C5    1 
ATOM   115  C  C6    . G   A 1 5  ? -5.013  -12.080 -16.014 1.00 40.82  ? 5   G   A C6    1 
ATOM   116  O  O6    . G   A 1 5  ? -5.910  -11.257 -16.228 1.00 35.90  ? 5   G   A O6    1 
ATOM   117  N  N1    . G   A 1 5  ? -3.976  -12.220 -16.937 1.00 38.51  ? 5   G   A N1    1 
ATOM   118  C  C2    . G   A 1 5  ? -2.931  -13.107 -16.803 1.00 41.03  ? 5   G   A C2    1 
ATOM   119  N  N2    . G   A 1 5  ? -2.008  -13.115 -17.786 1.00 37.73  ? 5   G   A N2    1 
ATOM   120  N  N3    . G   A 1 5  ? -2.798  -13.934 -15.777 1.00 37.09  ? 5   G   A N3    1 
ATOM   121  C  C4    . G   A 1 5  ? -3.797  -13.827 -14.885 1.00 36.19  ? 5   G   A C4    1 
ATOM   122  P  P     . U   A 1 6  ? -0.889  -13.339 -9.550  1.00 44.52  ? 6   U   A P     1 
ATOM   123  O  OP1   . U   A 1 6  ? 0.178   -13.434 -8.535  1.00 40.74  ? 6   U   A OP1   1 
ATOM   124  O  OP2   . U   A 1 6  ? -2.141  -12.610 -9.210  1.00 44.68  ? 6   U   A OP2   1 
ATOM   125  O  "O5'" . U   A 1 6  ? -0.283  -12.582 -10.816 1.00 41.18  ? 6   U   A "O5'" 1 
ATOM   126  C  "C5'" . U   A 1 6  ? 0.899   -13.047 -11.448 1.00 43.90  ? 6   U   A "C5'" 1 
ATOM   127  C  "C4'" . U   A 1 6  ? 1.151   -12.320 -12.750 1.00 36.36  ? 6   U   A "C4'" 1 
ATOM   128  O  "O4'" . U   A 1 6  ? 0.059   -12.570 -13.668 1.00 36.22  ? 6   U   A "O4'" 1 
ATOM   129  C  "C3'" . U   A 1 6  ? 1.205   -10.809 -12.678 1.00 34.77  ? 6   U   A "C3'" 1 
ATOM   130  O  "O3'" . U   A 1 6  ? 2.431   -10.320 -12.168 1.00 38.68  ? 6   U   A "O3'" 1 
ATOM   131  C  "C2'" . U   A 1 6  ? 0.925   -10.419 -14.123 1.00 38.41  ? 6   U   A "C2'" 1 
ATOM   132  O  "O2'" . U   A 1 6  ? 2.060   -10.694 -14.939 1.00 34.52  ? 6   U   A "O2'" 1 
ATOM   133  C  "C1'" . U   A 1 6  ? -0.159  -11.432 -14.472 1.00 37.18  ? 6   U   A "C1'" 1 
ATOM   134  N  N1    . U   A 1 6  ? -1.509  -10.906 -14.174 1.00 37.05  ? 6   U   A N1    1 
ATOM   135  C  C2    . U   A 1 6  ? -2.043  -10.028 -15.091 1.00 39.49  ? 6   U   A C2    1 
ATOM   136  O  O2    . U   A 1 6  ? -1.418  -9.684  -16.082 1.00 40.77  ? 6   U   A O2    1 
ATOM   137  N  N3    . U   A 1 6  ? -3.303  -9.567  -14.791 1.00 36.06  ? 6   U   A N3    1 
ATOM   138  C  C4    . U   A 1 6  ? -4.064  -9.888  -13.681 1.00 37.87  ? 6   U   A C4    1 
ATOM   139  O  O4    . U   A 1 6  ? -5.186  -9.390  -13.538 1.00 42.16  ? 6   U   A O4    1 
ATOM   140  C  C5    . U   A 1 6  ? -3.444  -10.810 -12.780 1.00 40.62  ? 6   U   A C5    1 
ATOM   141  C  C6    . U   A 1 6  ? -2.215  -11.281 -13.053 1.00 37.98  ? 6   U   A C6    1 
ATOM   142  P  P     . G   A 1 7  ? 2.450   -9.078  -11.169 1.00 41.60  ? 7   G   A P     1 
ATOM   143  O  OP1   . G   A 1 7  ? 3.881   -8.900  -10.798 1.00 36.42  ? 7   G   A OP1   1 
ATOM   144  O  OP2   . G   A 1 7  ? 1.384   -9.237  -10.142 1.00 41.31  ? 7   G   A OP2   1 
ATOM   145  O  "O5'" . G   A 1 7  ? 1.976   -7.848  -12.050 1.00 37.19  ? 7   G   A "O5'" 1 
ATOM   146  C  "C5'" . G   A 1 7  ? 2.654   -7.502  -13.249 1.00 37.34  ? 7   G   A "C5'" 1 
ATOM   147  C  "C4'" . G   A 1 7  ? 1.824   -6.546  -14.054 1.00 36.15  ? 7   G   A "C4'" 1 
ATOM   148  O  "O4'" . G   A 1 7  ? 0.568   -7.176  -14.419 1.00 37.24  ? 7   G   A "O4'" 1 
ATOM   149  C  "C3'" . G   A 1 7  ? 1.425   -5.268  -13.333 1.00 38.30  ? 7   G   A "C3'" 1 
ATOM   150  O  "O3'" . G   A 1 7  ? 2.482   -4.321  -13.416 1.00 37.49  ? 7   G   A "O3'" 1 
ATOM   151  C  "C2'" . G   A 1 7  ? 0.135   -4.859  -14.040 1.00 39.91  ? 7   G   A "C2'" 1 
ATOM   152  O  "O2'" . G   A 1 7  ? 0.404   -4.119  -15.222 1.00 39.91  ? 7   G   A "O2'" 1 
ATOM   153  C  "C1'" . G   A 1 7  ? -0.469  -6.227  -14.422 1.00 40.38  ? 7   G   A "C1'" 1 
ATOM   154  N  N9    . G   A 1 7  ? -1.503  -6.673  -13.467 1.00 37.83  ? 7   G   A N9    1 
ATOM   155  C  C8    . G   A 1 7  ? -1.333  -7.490  -12.366 1.00 42.48  ? 7   G   A C8    1 
ATOM   156  N  N7    . G   A 1 7  ? -2.446  -7.696  -11.696 1.00 39.10  ? 7   G   A N7    1 
ATOM   157  C  C5    . G   A 1 7  ? -3.400  -6.967  -12.403 1.00 39.11  ? 7   G   A C5    1 
ATOM   158  C  C6    . G   A 1 7  ? -4.789  -6.812  -12.159 1.00 40.86  ? 7   G   A C6    1 
ATOM   159  O  O6    . G   A 1 7  ? -5.456  -7.305  -11.239 1.00 44.73  ? 7   G   A O6    1 
ATOM   160  N  N1    . G   A 1 7  ? -5.387  -5.997  -13.114 1.00 40.14  ? 7   G   A N1    1 
ATOM   161  C  C2    . G   A 1 7  ? -4.742  -5.416  -14.174 1.00 42.37  ? 7   G   A C2    1 
ATOM   162  N  N2    . G   A 1 7  ? -5.509  -4.675  -14.981 1.00 44.17  ? 7   G   A N2    1 
ATOM   163  N  N3    . G   A 1 7  ? -3.438  -5.544  -14.419 1.00 39.91  ? 7   G   A N3    1 
ATOM   164  C  C4    . G   A 1 7  ? -2.837  -6.330  -13.494 1.00 39.72  ? 7   G   A C4    1 
ATOM   165  P  P     . U   A 1 8  ? 2.361   -2.779  -13.010 1.00 42.64  ? 8   U   A P     1 
ATOM   166  O  OP1   . U   A 1 8  ? 3.685   -2.468  -12.438 1.00 37.57  ? 8   U   A OP1   1 
ATOM   167  O  OP2   . U   A 1 8  ? 1.124   -2.441  -12.247 1.00 39.42  ? 8   U   A OP2   1 
ATOM   168  O  "O5'" . U   A 1 8  ? 2.335   -2.015  -14.403 1.00 43.95  ? 8   U   A "O5'" 1 
ATOM   169  C  "C5'" . U   A 1 8  ? 3.211   -2.403  -15.450 1.00 45.06  ? 8   U   A "C5'" 1 
ATOM   170  C  "C4'" . U   A 1 8  ? 2.961   -1.603  -16.701 1.00 43.20  ? 8   U   A "C4'" 1 
ATOM   171  O  "O4'" . U   A 1 8  ? 1.705   -1.993  -17.305 1.00 44.77  ? 8   U   A "O4'" 1 
ATOM   172  C  "C3'" . U   A 1 8  ? 2.819   -0.110  -16.506 1.00 43.41  ? 8   U   A "C3'" 1 
ATOM   173  O  "O3'" . U   A 1 8  ? 4.071   0.535   -16.360 1.00 47.91  ? 8   U   A "O3'" 1 
ATOM   174  C  "C2'" . U   A 1 8  ? 2.048   0.319   -17.753 1.00 48.55  ? 8   U   A "C2'" 1 
ATOM   175  O  "O2'" . U   A 1 8  ? 2.915   0.480   -18.864 1.00 45.54  ? 8   U   A "O2'" 1 
ATOM   176  C  "C1'" . U   A 1 8  ? 1.162   -0.903  -18.014 1.00 42.83  ? 8   U   A "C1'" 1 
ATOM   177  N  N1    . U   A 1 8  ? -0.247  -0.695  -17.620 1.00 44.62  ? 8   U   A N1    1 
ATOM   178  C  C2    . U   A 1 8  ? -0.978  0.185   -18.398 1.00 48.78  ? 8   U   A C2    1 
ATOM   179  O  O2    . U   A 1 8  ? -0.499  0.783   -19.346 1.00 49.39  ? 8   U   A O2    1 
ATOM   180  N  N3    . U   A 1 8  ? -2.279  0.376   -18.022 1.00 46.50  ? 8   U   A N3    1 
ATOM   181  C  C4    . U   A 1 8  ? -2.927  -0.236  -16.981 1.00 46.67  ? 8   U   A C4    1 
ATOM   182  O  O4    . U   A 1 8  ? -4.113  0.031   -16.781 1.00 49.79  ? 8   U   A O4    1 
ATOM   183  C  C5    . U   A 1 8  ? -2.113  -1.145  -16.223 1.00 46.16  ? 8   U   A C5    1 
ATOM   184  C  C6    . U   A 1 8  ? -0.830  -1.350  -16.562 1.00 46.57  ? 8   U   A C6    1 
ATOM   185  P  P     . A   A 1 9  ? 4.242   1.756   -15.329 1.00 46.29  ? 9   A   A P     1 
ATOM   186  O  OP1   . A   A 1 9  ? 5.662   2.195   -15.434 1.00 51.64  ? 9   A   A OP1   1 
ATOM   187  O  OP2   . A   A 1 9  ? 3.660   1.319   -14.026 1.00 46.20  ? 9   A   A OP2   1 
ATOM   188  O  "O5'" . A   A 1 9  ? 3.316   2.907   -15.915 1.00 49.21  ? 9   A   A "O5'" 1 
ATOM   189  C  "C5'" . A   A 1 9  ? 3.665   3.583   -17.110 1.00 50.77  ? 9   A   A "C5'" 1 
ATOM   190  C  "C4'" . A   A 1 9  ? 2.508   4.383   -17.649 1.00 51.15  ? 9   A   A "C4'" 1 
ATOM   191  O  "O4'" . A   A 1 9  ? 1.410   3.499   -17.990 1.00 50.49  ? 9   A   A "O4'" 1 
ATOM   192  C  "C3'" . A   A 1 9  ? 1.881   5.388   -16.700 1.00 51.47  ? 9   A   A "C3'" 1 
ATOM   193  O  "O3'" . A   A 1 9  ? 2.613   6.598   -16.599 1.00 57.21  ? 9   A   A "O3'" 1 
ATOM   194  C  "C2'" . A   A 1 9  ? 0.497   5.576   -17.298 1.00 55.34  ? 9   A   A "C2'" 1 
ATOM   195  O  "O2'" . A   A 1 9  ? 0.557   6.419   -18.439 1.00 59.17  ? 9   A   A "O2'" 1 
ATOM   196  C  "C1'" . A   A 1 9  ? 0.181   4.157   -17.766 1.00 51.05  ? 9   A   A "C1'" 1 
ATOM   197  N  N9    . A   A 1 9  ? -0.573  3.416   -16.743 1.00 49.28  ? 9   A   A N9    1 
ATOM   198  C  C8    . A   A 1 9  ? -0.145  2.403   -15.924 1.00 49.91  ? 9   A   A C8    1 
ATOM   199  N  N7    . A   A 1 9  ? -1.074  1.966   -15.100 1.00 46.60  ? 9   A   A N7    1 
ATOM   200  C  C5    . A   A 1 9  ? -2.182  2.753   -15.391 1.00 47.45  ? 9   A   A C5    1 
ATOM   201  C  C6    . A   A 1 9  ? -3.489  2.793   -14.877 1.00 47.52  ? 9   A   A C6    1 
ATOM   202  N  N6    . A   A 1 9  ? -3.944  1.992   -13.909 1.00 47.73  ? 9   A   A N6    1 
ATOM   203  N  N1    . A   A 1 9  ? -4.335  3.707   -15.404 1.00 52.15  ? 9   A   A N1    1 
ATOM   204  C  C2    . A   A 1 9  ? -3.900  4.520   -16.375 1.00 51.81  ? 9   A   A C2    1 
ATOM   205  N  N3    . A   A 1 9  ? -2.698  4.579   -16.940 1.00 49.84  ? 9   A   A N3    1 
ATOM   206  C  C4    . A   A 1 9  ? -1.881  3.657   -16.399 1.00 50.94  ? 9   A   A C4    1 
ATOM   207  P  P     . C   A 1 10 ? 3.098   7.124   -15.160 1.00 55.00  ? 10  C   A P     1 
ATOM   208  O  OP1   . C   A 1 10 ? 3.792   8.418   -15.371 1.00 66.50  ? 10  C   A OP1   1 
ATOM   209  O  OP2   . C   A 1 10 ? 3.815   6.007   -14.495 1.00 55.56  ? 10  C   A OP2   1 
ATOM   210  O  "O5'" . C   A 1 10 ? 1.738   7.419   -14.380 1.00 59.97  ? 10  C   A "O5'" 1 
ATOM   211  C  "C5'" . C   A 1 10 ? 0.924   8.515   -14.761 1.00 58.03  ? 10  C   A "C5'" 1 
ATOM   212  C  "C4'" . C   A 1 10 ? -0.512  8.321   -14.354 1.00 55.69  ? 10  C   A "C4'" 1 
ATOM   213  O  "O4'" . C   A 1 10 ? -0.960  6.989   -14.726 1.00 54.41  ? 10  C   A "O4'" 1 
ATOM   214  C  "C3'" . C   A 1 10 ? -0.810  8.384   -12.868 1.00 57.20  ? 10  C   A "C3'" 1 
ATOM   215  O  "O3'" . C   A 1 10 ? -0.806  9.695   -12.323 1.00 61.71  ? 10  C   A "O3'" 1 
ATOM   216  C  "C2'" . C   A 1 10 ? -2.148  7.660   -12.786 1.00 54.59  ? 10  C   A "C2'" 1 
ATOM   217  O  "O2'" . C   A 1 10 ? -3.206  8.465   -13.288 1.00 56.19  ? 10  C   A "O2'" 1 
ATOM   218  C  "C1'" . C   A 1 10 ? -1.911  6.528   -13.782 1.00 54.46  ? 10  C   A "C1'" 1 
ATOM   219  N  N1    . C   A 1 10 ? -1.371  5.332   -13.097 1.00 52.26  ? 10  C   A N1    1 
ATOM   220  C  C2    . C   A 1 10 ? -2.287  4.542   -12.385 1.00 50.23  ? 10  C   A C2    1 
ATOM   221  O  O2    . C   A 1 10 ? -3.492  4.855   -12.364 1.00 48.79  ? 10  C   A O2    1 
ATOM   222  N  N3    . C   A 1 10 ? -1.839  3.443   -11.745 1.00 44.86  ? 10  C   A N3    1 
ATOM   223  C  C4    . C   A 1 10 ? -0.547  3.126   -11.769 1.00 47.37  ? 10  C   A C4    1 
ATOM   224  N  N4    . C   A 1 10 ? -0.189  2.025   -11.096 1.00 37.95  ? 10  C   A N4    1 
ATOM   225  C  C5    . C   A 1 10 ? 0.409   3.918   -12.478 1.00 48.03  ? 10  C   A C5    1 
ATOM   226  C  C6    . C   A 1 10 ? -0.041  5.007   -13.123 1.00 49.81  ? 10  C   A C6    1 
ATOM   227  P  P     . C   A 1 11 ? -0.201  9.935   -10.850 1.00 63.10  ? 11  C   A P     1 
ATOM   228  O  OP1   . C   A 1 11 ? -0.141  11.404  -10.636 1.00 67.95  ? 11  C   A OP1   1 
ATOM   229  O  OP2   . C   A 1 11 ? 1.018   9.105   -10.696 1.00 63.00  ? 11  C   A OP2   1 
ATOM   230  O  "O5'" . C   A 1 11 ? -1.280  9.289   -9.864  1.00 56.34  ? 11  C   A "O5'" 1 
ATOM   231  C  "C5'" . C   A 1 11 ? -2.597  9.802   -9.800  1.00 54.85  ? 11  C   A "C5'" 1 
ATOM   232  C  "C4'" . C   A 1 11 ? -3.587  8.826   -9.200  1.00 55.46  ? 11  C   A "C4'" 1 
ATOM   233  O  "O4'" . C   A 1 11 ? -3.518  7.519   -9.834  1.00 52.30  ? 11  C   A "O4'" 1 
ATOM   234  C  "C3'" . C   A 1 11 ? -3.462  8.489   -7.727  1.00 51.16  ? 11  C   A "C3'" 1 
ATOM   235  O  "O3'" . C   A 1 11 ? -3.865  9.525   -6.859  1.00 51.67  ? 11  C   A "O3'" 1 
ATOM   236  C  "C2'" . C   A 1 11 ? -4.357  7.267   -7.627  1.00 50.58  ? 11  C   A "C2'" 1 
ATOM   237  O  "O2'" . C   A 1 11 ? -5.718  7.658   -7.694  1.00 44.45  ? 11  C   A "O2'" 1 
ATOM   238  C  "C1'" . C   A 1 11 ? -4.012  6.543   -8.928  1.00 48.75  ? 11  C   A "C1'" 1 
ATOM   239  N  N1    . C   A 1 11 ? -2.993  5.495   -8.697  1.00 46.71  ? 11  C   A N1    1 
ATOM   240  C  C2    . C   A 1 11 ? -3.413  4.296   -8.093  1.00 46.60  ? 11  C   A C2    1 
ATOM   241  O  O2    . C   A 1 11 ? -4.607  4.161   -7.787  1.00 47.58  ? 11  C   A O2    1 
ATOM   242  N  N3    . C   A 1 11 ? -2.518  3.306   -7.848  1.00 42.27  ? 11  C   A N3    1 
ATOM   243  C  C4    . C   A 1 11 ? -1.249  3.497   -8.195  1.00 41.42  ? 11  C   A C4    1 
ATOM   244  N  N4    . C   A 1 11 ? -0.393  2.513   -7.938  1.00 42.13  ? 11  C   A N4    1 
ATOM   245  C  C5    . C   A 1 11 ? -0.788  4.707   -8.798  1.00 46.70  ? 11  C   A C5    1 
ATOM   246  C  C6    . C   A 1 11 ? -1.685  5.676   -9.037  1.00 44.53  ? 11  C   A C6    1 
ATOM   247  P  P     . G   A 1 12 ? -3.237  9.599   -5.387  1.00 48.90  ? 12  G   A P     1 
ATOM   248  O  OP1   . G   A 1 12 ? -3.581  10.912  -4.785  1.00 57.39  ? 12  G   A OP1   1 
ATOM   249  O  OP2   . G   A 1 12 ? -1.819  9.194   -5.525  1.00 51.90  ? 12  G   A OP2   1 
ATOM   250  O  "O5'" . G   A 1 12 ? -4.022  8.489   -4.559  1.00 48.39  ? 12  G   A "O5'" 1 
ATOM   251  C  "C5'" . G   A 1 12 ? -5.440  8.518   -4.480  1.00 47.01  ? 12  G   A "C5'" 1 
ATOM   252  C  "C4'" . G   A 1 12 ? -5.984  7.274   -3.823  1.00 47.93  ? 12  G   A "C4'" 1 
ATOM   253  O  "O4'" . G   A 1 12 ? -5.691  6.109   -4.635  1.00 47.70  ? 12  G   A "O4'" 1 
ATOM   254  C  "C3'" . G   A 1 12 ? -5.387  6.934   -2.473  1.00 46.40  ? 12  G   A "C3'" 1 
ATOM   255  O  "O3'" . G   A 1 12 ? -5.961  7.679   -1.423  1.00 43.77  ? 12  G   A "O3'" 1 
ATOM   256  C  "C2'" . G   A 1 12 ? -5.641  5.442   -2.361  1.00 43.55  ? 12  G   A "C2'" 1 
ATOM   257  O  "O2'" . G   A 1 12 ? -6.999  5.207   -2.048  1.00 40.64  ? 12  G   A "O2'" 1 
ATOM   258  C  "C1'" . G   A 1 12 ? -5.423  4.998   -3.802  1.00 39.97  ? 12  G   A "C1'" 1 
ATOM   259  N  N9    . G   A 1 12 ? -4.041  4.543   -4.040  1.00 43.59  ? 12  G   A N9    1 
ATOM   260  C  C8    . G   A 1 12 ? -3.074  5.186   -4.778  1.00 42.88  ? 12  G   A C8    1 
ATOM   261  N  N7    . G   A 1 12 ? -1.949  4.525   -4.814  1.00 43.79  ? 12  G   A N7    1 
ATOM   262  C  C5    . G   A 1 12 ? -2.179  3.375   -4.066  1.00 38.83  ? 12  G   A C5    1 
ATOM   263  C  C6    . G   A 1 12 ? -1.317  2.286   -3.769  1.00 39.65  ? 12  G   A C6    1 
ATOM   264  O  O6    . G   A 1 12 ? -0.132  2.102   -4.112  1.00 38.33  ? 12  G   A O6    1 
ATOM   265  N  N1    . G   A 1 12 ? -1.955  1.339   -2.980  1.00 36.41  ? 12  G   A N1    1 
ATOM   266  C  C2    . G   A 1 12 ? -3.258  1.431   -2.539  1.00 40.92  ? 12  G   A C2    1 
ATOM   267  N  N2    . G   A 1 12 ? -3.685  0.409   -1.793  1.00 34.17  ? 12  G   A N2    1 
ATOM   268  N  N3    . G   A 1 12 ? -4.076  2.441   -2.816  1.00 39.74  ? 12  G   A N3    1 
ATOM   269  C  C4    . G   A 1 12 ? -3.470  3.374   -3.581  1.00 42.28  ? 12  G   A C4    1 
ATOM   270  P  P     . U   A 1 13 ? -5.041  8.102   -0.185  1.00 48.13  ? 13  U   A P     1 
ATOM   271  O  OP1   . U   A 1 13 ? -5.851  9.012   0.678   1.00 52.81  ? 13  U   A OP1   1 
ATOM   272  O  OP2   . U   A 1 13 ? -3.733  8.538   -0.732  1.00 43.78  ? 13  U   A OP2   1 
ATOM   273  O  "O5'" . U   A 1 13 ? -4.800  6.736   0.601   1.00 42.64  ? 13  U   A "O5'" 1 
ATOM   274  C  "C5'" . U   A 1 13 ? -5.898  5.978   1.081   1.00 43.62  ? 13  U   A "C5'" 1 
ATOM   275  C  "C4'" . U   A 1 13 ? -5.465  4.658   1.662   1.00 45.08  ? 13  U   A "C4'" 1 
ATOM   276  O  "O4'" . U   A 1 13 ? -4.980  3.779   0.611   1.00 40.77  ? 13  U   A "O4'" 1 
ATOM   277  C  "C3'" . U   A 1 13 ? -4.312  4.700   2.645   1.00 45.41  ? 13  U   A "C3'" 1 
ATOM   278  O  "O3'" . U   A 1 13 ? -4.684  5.141   3.935   1.00 46.74  ? 13  U   A "O3'" 1 
ATOM   279  C  "C2'" . U   A 1 13 ? -3.814  3.267   2.608   1.00 40.09  ? 13  U   A "C2'" 1 
ATOM   280  O  "O2'" . U   A 1 13 ? -4.701  2.415   3.318   1.00 41.01  ? 13  U   A "O2'" 1 
ATOM   281  C  "C1'" . U   A 1 13 ? -3.946  2.959   1.119   1.00 39.02  ? 13  U   A "C1'" 1 
ATOM   282  N  N1    . U   A 1 13 ? -2.691  3.273   0.404   1.00 38.31  ? 13  U   A N1    1 
ATOM   283  C  C2    . U   A 1 13 ? -1.693  2.327   0.499   1.00 36.52  ? 13  U   A C2    1 
ATOM   284  O  O2    . U   A 1 13 ? -1.856  1.289   1.118   1.00 40.33  ? 13  U   A O2    1 
ATOM   285  N  N3    . U   A 1 13 ? -0.528  2.629   -0.171  1.00 36.15  ? 13  U   A N3    1 
ATOM   286  C  C4    . U   A 1 13 ? -0.263  3.787   -0.887  1.00 37.21  ? 13  U   A C4    1 
ATOM   287  O  O4    . U   A 1 13 ? 0.840   3.921   -1.436  1.00 40.43  ? 13  U   A O4    1 
ATOM   288  C  C5    . U   A 1 13 ? -1.337  4.725   -0.930  1.00 36.41  ? 13  U   A C5    1 
ATOM   289  C  C6    . U   A 1 13 ? -2.492  4.449   -0.296  1.00 39.70  ? 13  U   A C6    1 
ATOM   290  P  P     . U   A 1 14 ? -3.568  5.769   4.911   1.00 49.67  ? 14  U   A P     1 
ATOM   291  O  OP1   . U   A 1 14 ? -4.055  7.118   5.318   1.00 53.13  ? 14  U   A OP1   1 
ATOM   292  O  OP2   . U   A 1 14 ? -2.213  5.608   4.325   1.00 49.10  ? 14  U   A OP2   1 
ATOM   293  O  "O5'" . U   A 1 14 ? -3.561  4.792   6.151   1.00 47.75  ? 14  U   A "O5'" 1 
ATOM   294  C  "C5'" . U   A 1 14 ? -4.765  4.460   6.824   1.00 50.19  ? 14  U   A "C5'" 1 
ATOM   295  C  "C4'" . U   A 1 14 ? -4.514  3.378   7.836   1.00 53.69  ? 14  U   A "C4'" 1 
ATOM   296  O  "O4'" . U   A 1 14 ? -4.234  2.138   7.136   1.00 52.12  ? 14  U   A "O4'" 1 
ATOM   297  C  "C3'" . U   A 1 14 ? -3.324  3.627   8.757   1.00 58.51  ? 14  U   A "C3'" 1 
ATOM   298  O  "O3'" . U   A 1 14 ? -3.597  3.086   10.044  1.00 67.38  ? 14  U   A "O3'" 1 
ATOM   299  C  "C2'" . U   A 1 14 ? -2.212  2.822   8.099   1.00 55.62  ? 14  U   A "C2'" 1 
ATOM   300  O  "O2'" . U   A 1 14 ? -1.179  2.430   8.979   1.00 53.71  ? 14  U   A "O2'" 1 
ATOM   301  C  "C1'" . U   A 1 14 ? -2.989  1.626   7.549   1.00 48.21  ? 14  U   A "C1'" 1 
ATOM   302  N  N1    . U   A 1 14 ? -2.348  0.991   6.391   1.00 42.33  ? 14  U   A N1    1 
ATOM   303  C  C2    . U   A 1 14 ? -2.188  -0.379  6.409   1.00 43.16  ? 14  U   A C2    1 
ATOM   304  O  O2    . U   A 1 14 ? -2.563  -1.080  7.331   1.00 43.17  ? 14  U   A O2    1 
ATOM   305  N  N3    . U   A 1 14 ? -1.573  -0.909  5.299   1.00 43.03  ? 14  U   A N3    1 
ATOM   306  C  C4    . U   A 1 14 ? -1.105  -0.200  4.209   1.00 39.63  ? 14  U   A C4    1 
ATOM   307  O  O4    . U   A 1 14 ? -0.546  -0.807  3.293   1.00 38.86  ? 14  U   A O4    1 
ATOM   308  C  C5    . U   A 1 14 ? -1.308  1.214   4.273   1.00 43.45  ? 14  U   A C5    1 
ATOM   309  C  C6    . U   A 1 14 ? -1.906  1.757   5.344   1.00 40.93  ? 14  U   A C6    1 
ATOM   310  P  P     . C   A 1 15 ? -3.264  3.958   11.347  1.00 75.04  ? 15  C   A P     1 
ATOM   311  O  OP1   . C   A 1 15 ? -2.983  5.354   10.930  1.00 64.64  ? 15  C   A OP1   1 
ATOM   312  O  OP2   . C   A 1 15 ? -2.251  3.199   12.120  1.00 73.29  ? 15  C   A OP2   1 
ATOM   313  O  "O5'" . C   A 1 15 ? -4.642  4.012   12.138  1.00 82.38  ? 15  C   A "O5'" 1 
ATOM   314  C  "C5'" . C   A 1 15 ? -5.024  2.987   13.050  1.00 83.75  ? 15  C   A "C5'" 1 
ATOM   315  C  "C4'" . C   A 1 15 ? -6.508  2.726   12.978  1.00 85.25  ? 15  C   A "C4'" 1 
ATOM   316  O  "O4'" . C   A 1 15 ? -7.228  3.986   13.128  1.00 88.72  ? 15  C   A "O4'" 1 
ATOM   317  C  "C3'" . C   A 1 15 ? -6.965  2.140   11.649  1.00 81.62  ? 15  C   A "C3'" 1 
ATOM   318  O  "O3'" . C   A 1 15 ? -8.085  1.287   11.863  1.00 80.49  ? 15  C   A "O3'" 1 
ATOM   319  C  "C2'" . C   A 1 15 ? -7.389  3.375   10.859  1.00 85.72  ? 15  C   A "C2'" 1 
ATOM   320  O  "O2'" . C   A 1 15 ? -8.298  3.129   9.804   1.00 83.46  ? 15  C   A "O2'" 1 
ATOM   321  C  "C1'" . C   A 1 15 ? -7.992  4.247   11.960  1.00 93.32  ? 15  C   A "C1'" 1 
ATOM   322  N  N1    . C   A 1 15 ? -7.929  5.691   11.666  1.00 99.95  ? 15  C   A N1    1 
ATOM   323  C  C2    . C   A 1 15 ? -9.121  6.387   11.405  1.00 101.37 ? 15  C   A C2    1 
ATOM   324  O  O2    . C   A 1 15 ? -10.207 5.775   11.441  1.00 97.66  ? 15  C   A O2    1 
ATOM   325  N  N3    . C   A 1 15 ? -9.057  7.716   11.124  1.00 104.70 ? 15  C   A N3    1 
ATOM   326  C  C4    . C   A 1 15 ? -7.879  8.354   11.092  1.00 103.12 ? 15  C   A C4    1 
ATOM   327  N  N4    . C   A 1 15 ? -7.878  9.664   10.812  1.00 97.09  ? 15  C   A N4    1 
ATOM   328  C  C5    . C   A 1 15 ? -6.652  7.667   11.346  1.00 98.97  ? 15  C   A C5    1 
ATOM   329  C  C6    . C   A 1 15 ? -6.725  6.354   11.622  1.00 96.51  ? 15  C   A C6    1 
ATOM   330  P  P     . A   A 1 16 ? -8.363  0.082   10.843  1.00 69.81  ? 16  A   A P     1 
ATOM   331  O  OP1   . A   A 1 16 ? -9.797  0.143   10.457  1.00 74.09  ? 16  A   A OP1   1 
ATOM   332  O  OP2   . A   A 1 16 ? -7.837  -1.159  11.473  1.00 72.64  ? 16  A   A OP2   1 
ATOM   333  O  "O5'" . A   A 1 16 ? -7.480  0.462   9.565   1.00 74.38  ? 16  A   A "O5'" 1 
ATOM   334  C  "C5'" . A   A 1 16 ? -6.261  -0.210  9.280   1.00 58.37  ? 16  A   A "C5'" 1 
ATOM   335  C  "C4'" . A   A 1 16 ? -6.521  -1.506  8.567   1.00 56.43  ? 16  A   A "C4'" 1 
ATOM   336  O  "O4'" . A   A 1 16 ? -6.809  -1.248  7.176   1.00 51.80  ? 16  A   A "O4'" 1 
ATOM   337  C  "C3'" . A   A 1 16 ? -5.368  -2.483  8.535   1.00 49.62  ? 16  A   A "C3'" 1 
ATOM   338  O  "O3'" . A   A 1 16 ? -5.300  -3.230  9.738   1.00 55.91  ? 16  A   A "O3'" 1 
ATOM   339  C  "C2'" . A   A 1 16 ? -5.659  -3.332  7.296   1.00 47.70  ? 16  A   A "C2'" 1 
ATOM   340  O  "O2'" . A   A 1 16 ? -6.558  -4.393  7.595   1.00 47.07  ? 16  A   A "O2'" 1 
ATOM   341  C  "C1'" . A   A 1 16 ? -6.381  -2.329  6.390   1.00 45.60  ? 16  A   A "C1'" 1 
ATOM   342  N  N9    . A   A 1 16 ? -5.565  -1.792  5.285   1.00 45.22  ? 16  A   A N9    1 
ATOM   343  C  C8    . A   A 1 16 ? -5.290  -0.467  5.035   1.00 43.51  ? 16  A   A C8    1 
ATOM   344  N  N7    . A   A 1 16 ? -4.580  -0.267  3.947   1.00 39.58  ? 16  A   A N7    1 
ATOM   345  C  C5    . A   A 1 16 ? -4.400  -1.552  3.449   1.00 38.88  ? 16  A   A C5    1 
ATOM   346  C  C6    . A   A 1 16 ? -3.735  -2.036  2.315   1.00 38.47  ? 16  A   A C6    1 
ATOM   347  N  N6    . A   A 1 16 ? -3.111  -1.239  1.441   1.00 36.58  ? 16  A   A N6    1 
ATOM   348  N  N1    . A   A 1 16 ? -3.729  -3.370  2.107   1.00 38.14  ? 16  A   A N1    1 
ATOM   349  C  C2    . A   A 1 16 ? -4.365  -4.167  2.975   1.00 42.75  ? 16  A   A C2    1 
ATOM   350  N  N3    . A   A 1 16 ? -5.027  -3.828  4.079   1.00 41.08  ? 16  A   A N3    1 
ATOM   351  C  C4    . A   A 1 16 ? -5.004  -2.498  4.258   1.00 39.74  ? 16  A   A C4    1 
ATOM   352  P  P     . A   A 1 17 ? -3.888  -3.748  10.291  1.00 54.76  ? 17  A   A P     1 
ATOM   353  O  OP1   . A   A 1 17 ? -4.100  -4.461  11.579  1.00 57.63  ? 17  A   A OP1   1 
ATOM   354  O  OP2   . A   A 1 17 ? -2.945  -2.603  10.236  1.00 52.94  ? 17  A   A OP2   1 
ATOM   355  O  "O5'" . A   A 1 17 ? -3.487  -4.871  9.240   1.00 48.25  ? 17  A   A "O5'" 1 
ATOM   356  C  "C5'" . A   A 1 17 ? -4.122  -6.136  9.265   1.00 49.62  ? 17  A   A "C5'" 1 
ATOM   357  C  "C4'" . A   A 1 17 ? -3.581  -7.059  8.203   1.00 49.82  ? 17  A   A "C4'" 1 
ATOM   358  O  "O4'" . A   A 1 17 ? -3.763  -6.470  6.889   1.00 51.03  ? 17  A   A "O4'" 1 
ATOM   359  C  "C3'" . A   A 1 17 ? -2.094  -7.346  8.247   1.00 46.06  ? 17  A   A "C3'" 1 
ATOM   360  O  "O3'" . A   A 1 17 ? -1.698  -8.235  9.282   1.00 48.92  ? 17  A   A "O3'" 1 
ATOM   361  C  "C2'" . A   A 1 17 ? -1.825  -7.851  6.831   1.00 45.85  ? 17  A   A "C2'" 1 
ATOM   362  O  "O2'" . A   A 1 17 ? -2.250  -9.195  6.667   1.00 46.09  ? 17  A   A "O2'" 1 
ATOM   363  C  "C1'" . A   A 1 17 ? -2.758  -6.956  6.015   1.00 46.81  ? 17  A   A "C1'" 1 
ATOM   364  N  N9    . A   A 1 17 ? -2.048  -5.818  5.403   1.00 43.92  ? 17  A   A N9    1 
ATOM   365  C  C8    . A   A 1 17 ? -2.168  -4.482  5.696   1.00 38.67  ? 17  A   A C8    1 
ATOM   366  N  N7    . A   A 1 17 ? -1.406  -3.711  4.960   1.00 42.56  ? 17  A   A N7    1 
ATOM   367  C  C5    . A   A 1 17 ? -0.744  -4.605  4.126   1.00 40.08  ? 17  A   A C5    1 
ATOM   368  C  C6    . A   A 1 17 ? 0.214   -4.412  3.116   1.00 35.11  ? 17  A   A C6    1 
ATOM   369  N  N6    . A   A 1 17 ? 0.674   -3.212  2.760   1.00 33.90  ? 17  A   A N6    1 
ATOM   370  N  N1    . A   A 1 17 ? 0.680   -5.505  2.477   1.00 37.64  ? 17  A   A N1    1 
ATOM   371  C  C2    . A   A 1 17 ? 0.211   -6.709  2.836   1.00 39.77  ? 17  A   A C2    1 
ATOM   372  N  N3    . A   A 1 17 ? -0.687  -7.011  3.777   1.00 41.83  ? 17  A   A N3    1 
ATOM   373  C  C4    . A   A 1 17 ? -1.125  -5.903  4.392   1.00 36.96  ? 17  A   A C4    1 
ATOM   374  P  P     . C   A 1 18 ? -0.527  -7.787  10.308  1.00 49.33  ? 18  C   A P     1 
ATOM   375  O  OP1   . C   A 1 18 ? -0.232  -8.926  11.193  1.00 51.19  ? 18  C   A OP1   1 
ATOM   376  O  OP2   . C   A 1 18 ? -0.842  -6.459  10.894  1.00 42.50  ? 18  C   A OP2   1 
ATOM   377  O  "O5'" . C   A 1 18 ? 0.718   -7.559  9.351   1.00 40.45  ? 18  C   A "O5'" 1 
ATOM   378  C  "C5'" . C   A 1 18 ? 1.205   -8.617  8.546   1.00 38.86  ? 18  C   A "C5'" 1 
ATOM   379  C  "C4'" . C   A 1 18 ? 2.077   -8.088  7.450   1.00 39.44  ? 18  C   A "C4'" 1 
ATOM   380  O  "O4'" . C   A 1 18 ? 1.366   -7.074  6.699   1.00 42.55  ? 18  C   A "O4'" 1 
ATOM   381  C  "C3'" . C   A 1 18 ? 3.336   -7.371  7.900   1.00 38.32  ? 18  C   A "C3'" 1 
ATOM   382  O  "O3'" . C   A 1 18 ? 4.358   -8.274  8.288   1.00 39.61  ? 18  C   A "O3'" 1 
ATOM   383  C  "C2'" . C   A 1 18 ? 3.680   -6.540  6.670   1.00 36.55  ? 18  C   A "C2'" 1 
ATOM   384  O  "O2'" . C   A 1 18 ? 4.257   -7.350  5.669   1.00 34.42  ? 18  C   A "O2'" 1 
ATOM   385  C  "C1'" . C   A 1 18 ? 2.286   -6.139  6.184   1.00 39.72  ? 18  C   A "C1'" 1 
ATOM   386  N  N1    . C   A 1 18 ? 1.901   -4.784  6.625   1.00 37.21  ? 18  C   A N1    1 
ATOM   387  C  C2    . C   A 1 18 ? 2.402   -3.729  5.862   1.00 35.62  ? 18  C   A C2    1 
ATOM   388  O  O2    . C   A 1 18 ? 3.144   -3.986  4.903   1.00 34.29  ? 18  C   A O2    1 
ATOM   389  N  N3    . C   A 1 18 ? 2.074   -2.460  6.180   1.00 33.99  ? 18  C   A N3    1 
ATOM   390  C  C4    . C   A 1 18 ? 1.291   -2.231  7.221   1.00 34.82  ? 18  C   A C4    1 
ATOM   391  N  N4    . C   A 1 18 ? 1.022   -0.948  7.477   1.00 36.45  ? 18  C   A N4    1 
ATOM   392  C  C5    . C   A 1 18 ? 0.762   -3.292  8.031   1.00 36.93  ? 18  C   A C5    1 
ATOM   393  C  C6    . C   A 1 18 ? 1.080   -4.555  7.693   1.00 38.39  ? 18  C   A C6    1 
ATOM   394  P  P     . U   A 1 19 ? 5.665   -7.765  9.063   1.00 40.70  ? 19  U   A P     1 
ATOM   395  O  OP1   . U   A 1 19 ? 6.304   -6.693  8.258   1.00 35.50  ? 19  U   A OP1   1 
ATOM   396  O  OP2   . U   A 1 19 ? 6.464   -8.982  9.411   1.00 42.15  ? 19  U   A OP2   1 
ATOM   397  O  "O5'" . U   A 1 19 ? 5.094   -7.091  10.382  1.00 36.13  ? 19  U   A "O5'" 1 
ATOM   398  C  "C5'" . U   A 1 19 ? 4.382   -7.861  11.352  1.00 38.50  ? 19  U   A "C5'" 1 
ATOM   399  C  "C4'" . U   A 1 19 ? 4.895   -7.606  12.757  1.00 44.02  ? 19  U   A "C4'" 1 
ATOM   400  O  "O4'" . U   A 1 19 ? 6.202   -8.221  12.915  1.00 43.64  ? 19  U   A "O4'" 1 
ATOM   401  C  "C3'" . U   A 1 19 ? 5.063   -6.137  13.154  1.00 43.59  ? 19  U   A "C3'" 1 
ATOM   402  O  "O3'" . U   A 1 19 ? 4.668   -5.959  14.511  1.00 37.43  ? 19  U   A "O3'" 1 
ATOM   403  C  "C2'" . U   A 1 19 ? 6.566   -5.911  13.045  1.00 42.58  ? 19  U   A "C2'" 1 
ATOM   404  O  "O2'" . U   A 1 19 ? 7.051   -4.901  13.898  1.00 39.96  ? 19  U   A "O2'" 1 
ATOM   405  C  "C1'" . U   A 1 19 ? 7.108   -7.274  13.451  1.00 42.68  ? 19  U   A "C1'" 1 
ATOM   406  N  N1    . U   A 1 19 ? 8.438   -7.579  12.919  1.00 40.97  ? 19  U   A N1    1 
ATOM   407  C  C2    . U   A 1 19 ? 9.328   -8.169  13.786  1.00 45.11  ? 19  U   A C2    1 
ATOM   408  O  O2    . U   A 1 19 ? 9.025   -8.419  14.939  1.00 41.93  ? 19  U   A O2    1 
ATOM   409  N  N3    . U   A 1 19 ? 10.564  -8.447  13.256  1.00 44.09  ? 19  U   A N3    1 
ATOM   410  C  C4    . U   A 1 19 ? 10.978  -8.202  11.964  1.00 45.80  ? 19  U   A C4    1 
ATOM   411  O  O4    . U   A 1 19 ? 12.119  -8.519  11.616  1.00 44.08  ? 19  U   A O4    1 
ATOM   412  C  C5    . U   A 1 19 ? 9.992   -7.593  11.133  1.00 44.34  ? 19  U   A C5    1 
ATOM   413  C  C6    . U   A 1 19 ? 8.785   -7.305  11.624  1.00 45.29  ? 19  U   A C6    1 
ATOM   414  P  P     . C   A 1 20 ? 3.276   -5.232  14.813  1.00 41.92  ? 20  C   A P     1 
ATOM   415  O  OP1   . C   A 1 20 ? 3.089   -5.139  16.280  1.00 38.91  ? 20  C   A OP1   1 
ATOM   416  O  OP2   . C   A 1 20 ? 2.252   -5.888  13.961  1.00 44.31  ? 20  C   A OP2   1 
ATOM   417  O  "O5'" . C   A 1 20 ? 3.489   -3.772  14.220  1.00 41.99  ? 20  C   A "O5'" 1 
ATOM   418  C  "C5'" . C   A 1 20 ? 4.341   -2.845  14.867  1.00 34.43  ? 20  C   A "C5'" 1 
ATOM   419  C  "C4'" . C   A 1 20 ? 3.734   -1.471  14.848  1.00 33.85  ? 20  C   A "C4'" 1 
ATOM   420  O  "O4'" . C   A 1 20 ? 4.449   -0.600  15.753  1.00 39.23  ? 20  C   A "O4'" 1 
ATOM   421  C  "C3'" . C   A 1 20 ? 3.774   -0.754  13.510  1.00 33.80  ? 20  C   A "C3'" 1 
ATOM   422  O  "O3'" . C   A 1 20 ? 2.691   -1.168  12.693  1.00 42.25  ? 20  C   A "O3'" 1 
ATOM   423  C  "C2'" . C   A 1 20 ? 3.719   0.718   13.910  1.00 45.15  ? 20  C   A "C2'" 1 
ATOM   424  O  "O2'" . C   A 1 20 ? 2.380   1.115   14.157  1.00 44.40  ? 20  C   A "O2'" 1 
ATOM   425  C  "C1'" . C   A 1 20 ? 4.471   0.716   15.245  1.00 37.32  ? 20  C   A "C1'" 1 
ATOM   426  N  N1    . C   A 1 20 ? 5.884   1.143   15.126  1.00 41.04  ? 20  C   A N1    1 
ATOM   427  C  C2    . C   A 1 20 ? 6.181   2.498   15.258  1.00 41.67  ? 20  C   A C2    1 
ATOM   428  O  O2    . C   A 1 20 ? 5.249   3.284   15.437  1.00 42.91  ? 20  C   A O2    1 
ATOM   429  N  N3    . C   A 1 20 ? 7.464   2.910   15.168  1.00 39.80  ? 20  C   A N3    1 
ATOM   430  C  C4    . C   A 1 20 ? 8.440   2.031   14.974  1.00 43.22  ? 20  C   A C4    1 
ATOM   431  N  N4    . C   A 1 20 ? 9.692   2.492   14.908  1.00 44.32  ? 20  C   A N4    1 
ATOM   432  C  C5    . C   A 1 20 ? 8.170   0.632   14.839  1.00 41.93  ? 20  C   A C5    1 
ATOM   433  C  C6    . C   A 1 20 ? 6.890   0.237   14.933  1.00 39.27  ? 20  C   A C6    1 
ATOM   434  P  P     . G   A 1 21 ? 2.605   -0.777  11.135  1.00 40.29  ? 21  G   A P     1 
ATOM   435  O  OP1   . G   A 1 21 ? 2.951   0.654   10.936  1.00 38.70  ? 21  G   A OP1   1 
ATOM   436  O  OP2   . G   A 1 21 ? 1.295   -1.313  10.675  1.00 43.86  ? 21  G   A OP2   1 
ATOM   437  O  "O5'" . G   A 1 21 ? 3.755   -1.630  10.445  1.00 35.57  ? 21  G   A "O5'" 1 
ATOM   438  C  "C5'" . G   A 1 21 ? 3.739   -3.049  10.463  1.00 34.22  ? 21  G   A "C5'" 1 
ATOM   439  C  "C4'" . G   A 1 21 ? 4.894   -3.590  9.663   1.00 33.04  ? 21  G   A "C4'" 1 
ATOM   440  O  "O4'" . G   A 1 21 ? 4.597   -3.477  8.245   1.00 35.01  ? 21  G   A "O4'" 1 
ATOM   441  C  "C3'" . G   A 1 21 ? 6.194   -2.823  9.836   1.00 32.61  ? 21  G   A "C3'" 1 
ATOM   442  O  "O3'" . G   A 1 21 ? 6.898   -3.242  10.982  1.00 34.77  ? 21  G   A "O3'" 1 
ATOM   443  C  "C2'" . G   A 1 21 ? 6.925   -3.086  8.525   1.00 32.33  ? 21  G   A "C2'" 1 
ATOM   444  O  "O2'" . G   A 1 21 ? 7.529   -4.371  8.521   1.00 36.06  ? 21  G   A "O2'" 1 
ATOM   445  C  "C1'" . G   A 1 21 ? 5.758   -3.102  7.535   1.00 35.10  ? 21  G   A "C1'" 1 
ATOM   446  N  N9    . G   A 1 21 ? 5.524   -1.767  6.960   1.00 37.45  ? 21  G   A N9    1 
ATOM   447  C  C8    . G   A 1 21 ? 4.547   -0.857  7.283   1.00 34.57  ? 21  G   A C8    1 
ATOM   448  N  N7    . G   A 1 21 ? 4.625   0.235   6.568   1.00 33.11  ? 21  G   A N7    1 
ATOM   449  C  C5    . G   A 1 21 ? 5.721   0.018   5.740   1.00 32.92  ? 21  G   A C5    1 
ATOM   450  C  C6    . G   A 1 21 ? 6.294   0.849   4.746   1.00 35.49  ? 21  G   A C6    1 
ATOM   451  O  O6    . G   A 1 21 ? 5.932   1.982   4.378   1.00 36.74  ? 21  G   A O6    1 
ATOM   452  N  N1    . G   A 1 21 ? 7.400   0.241   4.161   1.00 35.57  ? 21  G   A N1    1 
ATOM   453  C  C2    . G   A 1 21 ? 7.886   -1.006  4.474   1.00 35.78  ? 21  G   A C2    1 
ATOM   454  N  N2    . G   A 1 21 ? 8.964   -1.402  3.781   1.00 36.92  ? 21  G   A N2    1 
ATOM   455  N  N3    . G   A 1 21 ? 7.357   -1.792  5.404   1.00 34.15  ? 21  G   A N3    1 
ATOM   456  C  C4    . G   A 1 21 ? 6.289   -1.206  5.983   1.00 33.70  ? 21  G   A C4    1 
ATOM   457  P  P     . U   A 1 22 ? 7.869   -2.226  11.747  1.00 35.29  ? 22  U   A P     1 
ATOM   458  O  OP1   . U   A 1 22 ? 8.355   -2.986  12.942  1.00 33.28  ? 22  U   A OP1   1 
ATOM   459  O  OP2   . U   A 1 22 ? 7.258   -0.881  11.918  1.00 31.99  ? 22  U   A OP2   1 
ATOM   460  O  "O5'" . U   A 1 22 ? 9.046   -2.023  10.705  1.00 34.43  ? 22  U   A "O5'" 1 
ATOM   461  C  "C5'" . U   A 1 22 ? 9.980   -3.047  10.452  1.00 33.19  ? 22  U   A "C5'" 1 
ATOM   462  C  "C4'" . U   A 1 22 ? 10.960  -2.579  9.417   1.00 35.76  ? 22  U   A "C4'" 1 
ATOM   463  O  "O4'" . U   A 1 22 ? 10.246  -2.258  8.206   1.00 34.01  ? 22  U   A "O4'" 1 
ATOM   464  C  "C3'" . U   A 1 22 ? 11.694  -1.295  9.749   1.00 36.78  ? 22  U   A "C3'" 1 
ATOM   465  O  "O3'" . U   A 1 22 ? 12.809  -1.529  10.566  1.00 38.93  ? 22  U   A "O3'" 1 
ATOM   466  C  "C2'" . U   A 1 22 ? 12.079  -0.785  8.379   1.00 38.23  ? 22  U   A "C2'" 1 
ATOM   467  O  "O2'" . U   A 1 22 ? 13.128  -1.587  7.871   1.00 36.41  ? 22  U   A "O2'" 1 
ATOM   468  C  "C1'" . U   A 1 22 ? 10.836  -1.139  7.584   1.00 37.02  ? 22  U   A "C1'" 1 
ATOM   469  N  N1    . U   A 1 22 ? 9.852   -0.031  7.528   1.00 38.22  ? 22  U   A N1    1 
ATOM   470  C  C2    . U   A 1 22 ? 10.068  0.916   6.539   1.00 39.52  ? 22  U   A C2    1 
ATOM   471  O  O2    . U   A 1 22 ? 11.020  0.885   5.769   1.00 35.06  ? 22  U   A O2    1 
ATOM   472  N  N3    . U   A 1 22 ? 9.146   1.931   6.495   1.00 36.15  ? 22  U   A N3    1 
ATOM   473  C  C4    . U   A 1 22 ? 8.038   2.091   7.290   1.00 36.33  ? 22  U   A C4    1 
ATOM   474  O  O4    . U   A 1 22 ? 7.316   3.070   7.071   1.00 35.37  ? 22  U   A O4    1 
ATOM   475  C  C5    . U   A 1 22 ? 7.870   1.080   8.295   1.00 31.03  ? 22  U   A C5    1 
ATOM   476  C  C6    . U   A 1 22 ? 8.759   0.073   8.372   1.00 36.65  ? 22  U   A C6    1 
ATOM   477  P  P     . C   A 1 23 ? 13.241  -0.447  11.653  1.00 39.81  ? 23  C   A P     1 
ATOM   478  O  OP1   . C   A 1 23 ? 14.153  -1.199  12.564  1.00 41.54  ? 23  C   A OP1   1 
ATOM   479  O  OP2   . C   A 1 23 ? 12.066  0.288   12.186  1.00 41.64  ? 23  C   A OP2   1 
ATOM   480  O  "O5'" . C   A 1 23 ? 14.057  0.645   10.820  1.00 41.81  ? 23  C   A "O5'" 1 
ATOM   481  C  "C5'" . C   A 1 23 ? 15.265  0.316   10.154  1.00 40.34  ? 23  C   A "C5'" 1 
ATOM   482  C  "C4'" . C   A 1 23 ? 15.635  1.363   9.132   1.00 40.49  ? 23  C   A "C4'" 1 
ATOM   483  O  "O4'" . C   A 1 23 ? 14.598  1.450   8.123   1.00 40.53  ? 23  C   A "O4'" 1 
ATOM   484  C  "C3'" . C   A 1 23 ? 15.753  2.783   9.643   1.00 42.94  ? 23  C   A "C3'" 1 
ATOM   485  O  "O3'" . C   A 1 23 ? 16.981  3.048   10.304  1.00 45.60  ? 23  C   A "O3'" 1 
ATOM   486  C  "C2'" . C   A 1 23 ? 15.540  3.602   8.374   1.00 43.25  ? 23  C   A "C2'" 1 
ATOM   487  O  "O2'" . C   A 1 23 ? 16.693  3.564   7.547   1.00 42.61  ? 23  C   A "O2'" 1 
ATOM   488  C  "C1'" . C   A 1 23 ? 14.463  2.784   7.684   1.00 39.59  ? 23  C   A "C1'" 1 
ATOM   489  N  N1    . C   A 1 23 ? 13.102  3.279   8.005   1.00 40.94  ? 23  C   A N1    1 
ATOM   490  C  C2    . C   A 1 23 ? 12.644  4.376   7.271   1.00 44.83  ? 23  C   A C2    1 
ATOM   491  O  O2    . C   A 1 23 ? 13.423  4.851   6.418   1.00 41.38  ? 23  C   A O2    1 
ATOM   492  N  N3    . C   A 1 23 ? 11.396  4.882   7.503   1.00 40.21  ? 23  C   A N3    1 
ATOM   493  C  C4    . C   A 1 23 ? 10.626  4.304   8.444   1.00 41.15  ? 23  C   A C4    1 
ATOM   494  N  N4    . C   A 1 23 ? 9.405   4.803   8.663   1.00 36.75  ? 23  C   A N4    1 
ATOM   495  C  C5    . C   A 1 23 ? 11.073  3.179   9.205   1.00 40.74  ? 23  C   A C5    1 
ATOM   496  C  C6    . C   A 1 23 ? 12.308  2.703   8.965   1.00 40.09  ? 23  C   A C6    1 
ATOM   497  P  P     . C   A 1 24 ? 17.016  4.113   11.504  1.00 50.66  ? 24  C   A P     1 
ATOM   498  O  OP1   . C   A 1 24 ? 18.393  3.986   12.045  1.00 50.15  ? 24  C   A OP1   1 
ATOM   499  O  OP2   . C   A 1 24 ? 15.830  3.883   12.373  1.00 45.39  ? 24  C   A OP2   1 
ATOM   500  O  "O5'" . C   A 1 24 ? 16.744  5.526   10.802  1.00 48.02  ? 24  C   A "O5'" 1 
ATOM   501  C  "C5'" . C   A 1 24 ? 17.665  6.074   9.871   1.00 49.53  ? 24  C   A "C5'" 1 
ATOM   502  C  "C4'" . C   A 1 24 ? 17.134  7.305   9.168   1.00 54.18  ? 24  C   A "C4'" 1 
ATOM   503  O  "O4'" . C   A 1 24 ? 15.957  6.982   8.378   1.00 53.14  ? 24  C   A "O4'" 1 
ATOM   504  C  "C3'" . C   A 1 24 ? 16.669  8.467   10.033  1.00 55.31  ? 24  C   A "C3'" 1 
ATOM   505  O  "O3'" . C   A 1 24 ? 17.729  9.234   10.578  1.00 60.02  ? 24  C   A "O3'" 1 
ATOM   506  C  "C2'" . C   A 1 24 ? 15.805  9.252   9.061   1.00 52.31  ? 24  C   A "C2'" 1 
ATOM   507  O  "O2'" . C   A 1 24 ? 16.624  9.974   8.151   1.00 61.02  ? 24  C   A "O2'" 1 
ATOM   508  C  "C1'" . C   A 1 24 ? 15.115  8.118   8.298   1.00 53.01  ? 24  C   A "C1'" 1 
ATOM   509  N  N1    . C   A 1 24 ? 13.798  7.803   8.900   1.00 47.25  ? 24  C   A N1    1 
ATOM   510  C  C2    . C   A 1 24 ? 12.708  8.614   8.549   1.00 46.98  ? 24  C   A C2    1 
ATOM   511  O  O2    . C   A 1 24 ? 12.867  9.533   7.727   1.00 50.26  ? 24  C   A O2    1 
ATOM   512  N  N3    . C   A 1 24 ? 11.497  8.382   9.094   1.00 43.39  ? 24  C   A N3    1 
ATOM   513  C  C4    . C   A 1 24 ? 11.346  7.400   9.978   1.00 43.91  ? 24  C   A C4    1 
ATOM   514  N  N4    . C   A 1 24 ? 10.119  7.225   10.478  1.00 41.85  ? 24  C   A N4    1 
ATOM   515  C  C5    . C   A 1 24 ? 12.438  6.562   10.375  1.00 44.78  ? 24  C   A C5    1 
ATOM   516  C  C6    . C   A 1 24 ? 13.635  6.799   9.818   1.00 46.37  ? 24  C   A C6    1 
ATOM   517  P  P     . C   A 1 25 ? 17.526  10.021  11.965  1.00 58.40  ? 25  C   A P     1 
ATOM   518  O  OP1   . C   A 1 25 ? 18.866  10.545  12.325  1.00 62.40  ? 25  C   A OP1   1 
ATOM   519  O  OP2   . C   A 1 25 ? 16.865  9.112   12.932  1.00 62.42  ? 25  C   A OP2   1 
ATOM   520  O  "O5'" . C   A 1 25 ? 16.509  11.207  11.615  1.00 55.41  ? 25  C   A "O5'" 1 
ATOM   521  C  "C5'" . C   A 1 25 ? 16.881  12.228  10.699  1.00 55.51  ? 25  C   A "C5'" 1 
ATOM   522  C  "C4'" . C   A 1 25 ? 15.720  13.093  10.265  1.00 55.57  ? 25  C   A "C4'" 1 
ATOM   523  O  "O4'" . C   A 1 25 ? 14.675  12.290  9.649   1.00 57.70  ? 25  C   A "O4'" 1 
ATOM   524  C  "C3'" . C   A 1 25 ? 14.973  13.864  11.343  1.00 55.89  ? 25  C   A "C3'" 1 
ATOM   525  O  "O3'" . C   A 1 25 ? 15.677  14.992  11.843  1.00 60.15  ? 25  C   A "O3'" 1 
ATOM   526  C  "C2'" . C   A 1 25 ? 13.672  14.208  10.628  1.00 49.37  ? 25  C   A "C2'" 1 
ATOM   527  O  "O2'" . C   A 1 25 ? 13.879  15.241  9.681   1.00 51.63  ? 25  C   A "O2'" 1 
ATOM   528  C  "C1'" . C   A 1 25 ? 13.415  12.916  9.851   1.00 51.20  ? 25  C   A "C1'" 1 
ATOM   529  N  N1    . C   A 1 25 ? 12.506  12.004  10.596  1.00 47.31  ? 25  C   A N1    1 
ATOM   530  C  C2    . C   A 1 25 ? 11.125  12.282  10.582  1.00 47.06  ? 25  C   A C2    1 
ATOM   531  O  O2    . C   A 1 25 ? 10.709  13.268  9.945   1.00 50.84  ? 25  C   A O2    1 
ATOM   532  N  N3    . C   A 1 25 ? 10.274  11.480  11.268  1.00 44.07  ? 25  C   A N3    1 
ATOM   533  C  C4    . C   A 1 25 ? 10.758  10.429  11.947  1.00 42.88  ? 25  C   A C4    1 
ATOM   534  N  N4    . C   A 1 25 ? 9.899   9.654   12.612  1.00 43.05  ? 25  C   A N4    1 
ATOM   535  C  C5    . C   A 1 25 ? 12.151  10.122  11.983  1.00 46.52  ? 25  C   A C5    1 
ATOM   536  C  C6    . C   A 1 25 ? 12.982  10.927  11.306  1.00 47.54  ? 25  C   A C6    1 
ATOM   537  P  P     . A   A 1 26 ? 15.432  15.516  13.350  1.00 61.00  ? 26  A   A P     1 
ATOM   538  O  OP1   . A   A 1 26 ? 16.392  16.634  13.522  1.00 63.69  ? 26  A   A OP1   1 
ATOM   539  O  OP2   . A   A 1 26 ? 15.398  14.411  14.348  1.00 53.77  ? 26  A   A OP2   1 
ATOM   540  O  "O5'" . A   A 1 26 ? 13.949  16.106  13.330  1.00 49.76  ? 26  A   A "O5'" 1 
ATOM   541  C  "C5'" . A   A 1 26 ? 13.680  17.328  12.674  1.00 50.03  ? 26  A   A "C5'" 1 
ATOM   542  C  "C4'" . A   A 1 26 ? 12.202  17.582  12.540  1.00 49.89  ? 26  A   A "C4'" 1 
ATOM   543  O  "O4'" . A   A 1 26 ? 11.534  16.433  11.951  1.00 52.51  ? 26  A   A "O4'" 1 
ATOM   544  C  "C3'" . A   A 1 26 ? 11.426  17.817  13.821  1.00 43.36  ? 26  A   A "C3'" 1 
ATOM   545  O  "O3'" . A   A 1 26 ? 11.644  19.107  14.361  1.00 44.91  ? 26  A   A "O3'" 1 
ATOM   546  C  "C2'" . A   A 1 26 ? 9.999   17.567  13.354  1.00 47.76  ? 26  A   A "C2'" 1 
ATOM   547  O  "O2'" . A   A 1 26 ? 9.554   18.643  12.542  1.00 44.08  ? 26  A   A "O2'" 1 
ATOM   548  C  "C1'" . A   A 1 26 ? 10.207  16.364  12.436  1.00 46.55  ? 26  A   A "C1'" 1 
ATOM   549  N  N9    . A   A 1 26 ? 10.020  15.089  13.149  1.00 46.63  ? 26  A   A N9    1 
ATOM   550  C  C8    . A   A 1 26 ? 10.968  14.180  13.553  1.00 44.86  ? 26  A   A C8    1 
ATOM   551  N  N7    . A   A 1 26 ? 10.462  13.140  14.172  1.00 43.56  ? 26  A   A N7    1 
ATOM   552  C  C5    . A   A 1 26 ? 9.100   13.391  14.175  1.00 44.03  ? 26  A   A C5    1 
ATOM   553  C  C6    . A   A 1 26 ? 8.009   12.666  14.678  1.00 44.32  ? 26  A   A C6    1 
ATOM   554  N  N6    . A   A 1 26 ? 8.119   11.493  15.296  1.00 40.55  ? 26  A   A N6    1 
ATOM   555  N  N1    . A   A 1 26 ? 6.785   13.189  14.506  1.00 39.77  ? 26  A   A N1    1 
ATOM   556  C  C2    . A   A 1 26 ? 6.651   14.366  13.887  1.00 45.18  ? 26  A   A C2    1 
ATOM   557  N  N3    . A   A 1 26 ? 7.595   15.143  13.370  1.00 46.78  ? 26  A   A N3    1 
ATOM   558  C  C4    . A   A 1 26 ? 8.809   14.585  13.550  1.00 43.07  ? 26  A   A C4    1 
ATOM   559  P  P     . G   A 1 27 ? 11.394  19.423  15.918  1.00 48.17  ? 27  G   A P     1 
ATOM   560  O  OP1   . G   A 1 27 ? 11.892  20.815  16.102  1.00 51.65  ? 27  G   A OP1   1 
ATOM   561  O  OP2   . G   A 1 27 ? 11.925  18.345  16.780  1.00 43.39  ? 27  G   A OP2   1 
ATOM   562  O  "O5'" . G   A 1 27 ? 9.803   19.445  16.059  1.00 43.29  ? 27  G   A "O5'" 1 
ATOM   563  C  "C5'" . G   A 1 27 ? 9.002   20.303  15.247  1.00 43.65  ? 27  G   A "C5'" 1 
ATOM   564  C  "C4'" . G   A 1 27 ? 7.531   20.065  15.483  1.00 45.16  ? 27  G   A "C4'" 1 
ATOM   565  O  "O4'" . G   A 1 27 ? 7.183   18.719  15.067  1.00 46.00  ? 27  G   A "O4'" 1 
ATOM   566  C  "C3'" . G   A 1 27 ? 7.087   20.139  16.935  1.00 45.30  ? 27  G   A "C3'" 1 
ATOM   567  O  "O3'" . G   A 1 27 ? 6.783   21.461  17.324  1.00 46.83  ? 27  G   A "O3'" 1 
ATOM   568  C  "C2'" . G   A 1 27 ? 5.869   19.230  16.979  1.00 43.35  ? 27  G   A "C2'" 1 
ATOM   569  O  "O2'" . G   A 1 27 ? 4.731   19.921  16.493  1.00 46.26  ? 27  G   A "O2'" 1 
ATOM   570  C  "C1'" . G   A 1 27 ? 6.241   18.164  15.955  1.00 46.09  ? 27  G   A "C1'" 1 
ATOM   571  N  N9    . G   A 1 27 ? 6.823   16.934  16.530  1.00 42.63  ? 27  G   A N9    1 
ATOM   572  C  C8    . G   A 1 27 ? 8.154   16.591  16.565  1.00 39.58  ? 27  G   A C8    1 
ATOM   573  N  N7    . G   A 1 27 ? 8.366   15.407  17.063  1.00 41.66  ? 27  G   A N7    1 
ATOM   574  C  C5    . G   A 1 27 ? 7.087   14.930  17.358  1.00 41.63  ? 27  G   A C5    1 
ATOM   575  C  C6    . G   A 1 27 ? 6.682   13.696  17.928  1.00 43.55  ? 27  G   A C6    1 
ATOM   576  O  O6    . G   A 1 27 ? 7.402   12.752  18.280  1.00 41.33  ? 27  G   A O6    1 
ATOM   577  N  N1    . G   A 1 27 ? 5.296   13.612  18.062  1.00 40.07  ? 27  G   A N1    1 
ATOM   578  C  C2    . G   A 1 27 ? 4.419   14.607  17.688  1.00 41.91  ? 27  G   A C2    1 
ATOM   579  N  N2    . G   A 1 27 ? 3.129   14.334  17.903  1.00 39.24  ? 27  G   A N2    1 
ATOM   580  N  N3    . G   A 1 27 ? 4.783   15.768  17.154  1.00 39.75  ? 27  G   A N3    1 
ATOM   581  C  C4    . G   A 1 27 ? 6.124   15.859  17.028  1.00 42.28  ? 27  G   A C4    1 
ATOM   582  P  P     . C   A 1 28 ? 7.065   21.928  18.823  1.00 49.84  ? 28  C   A P     1 
ATOM   583  O  OP1   . C   A 1 28 ? 6.980   23.410  18.831  1.00 48.08  ? 28  C   A OP1   1 
ATOM   584  O  OP2   . C   A 1 28 ? 8.246   21.204  19.348  1.00 45.38  ? 28  C   A OP2   1 
ATOM   585  O  "O5'" . C   A 1 28 ? 5.830   21.340  19.638  1.00 41.69  ? 28  C   A "O5'" 1 
ATOM   586  C  "C5'" . C   A 1 28 ? 4.490   21.553  19.220  1.00 42.12  ? 28  C   A "C5'" 1 
ATOM   587  C  "C4'" . C   A 1 28 ? 3.541   20.728  20.048  1.00 42.95  ? 28  C   A "C4'" 1 
ATOM   588  O  "O4'" . C   A 1 28 ? 3.826   19.312  19.828  1.00 43.19  ? 28  C   A "O4'" 1 
ATOM   589  C  "C3'" . C   A 1 28 ? 3.650   20.953  21.560  1.00 36.55  ? 28  C   A "C3'" 1 
ATOM   590  O  "O3'" . C   A 1 28 ? 2.364   20.763  22.171  1.00 45.30  ? 28  C   A "O3'" 1 
ATOM   591  C  "C2'" . C   A 1 28 ? 4.587   19.822  21.979  1.00 37.47  ? 28  C   A "C2'" 1 
ATOM   592  O  "O2'" . C   A 1 28 ? 4.561   19.458  23.346  1.00 37.50  ? 28  C   A "O2'" 1 
ATOM   593  C  "C1'" . C   A 1 28 ? 4.107   18.696  21.074  1.00 41.91  ? 28  C   A "C1'" 1 
ATOM   594  N  N1    . C   A 1 28 ? 5.101   17.629  20.912  1.00 40.23  ? 28  C   A N1    1 
ATOM   595  C  C2    . C   A 1 28 ? 4.726   16.302  21.163  1.00 41.84  ? 28  C   A C2    1 
ATOM   596  O  O2    . C   A 1 28 ? 3.550   16.038  21.452  1.00 39.99  ? 28  C   A O2    1 
ATOM   597  N  N3    . C   A 1 28 ? 5.652   15.319  21.058  1.00 39.69  ? 28  C   A N3    1 
ATOM   598  C  C4    . C   A 1 28 ? 6.919   15.620  20.753  1.00 41.93  ? 28  C   A C4    1 
ATOM   599  N  N4    . C   A 1 28 ? 7.798   14.608  20.666  1.00 37.31  ? 28  C   A N4    1 
ATOM   600  C  C5    . C   A 1 28 ? 7.337   16.967  20.522  1.00 41.53  ? 28  C   A C5    1 
ATOM   601  C  C6    . C   A 1 28 ? 6.408   17.934  20.623  1.00 43.53  ? 28  C   A C6    1 
ATOM   602  P  P     . U   A 1 29 ? 1.218   21.889  22.024  1.00 45.41  ? 29  U   A P     1 
ATOM   603  O  OP1   . U   A 1 29 ? 0.174   21.407  21.107  1.00 37.71  ? 29  U   A OP1   1 
ATOM   604  O  OP2   . U   A 1 29 ? 1.908   23.181  21.768  1.00 46.73  ? 29  U   A OP2   1 
ATOM   605  O  "O5'" . U   A 1 29 ? 0.592   22.006  23.478  1.00 42.17  ? 29  U   A "O5'" 1 
ATOM   606  C  "C5'" . U   A 1 29 ? 1.373   22.482  24.564  1.00 41.17  ? 29  U   A "C5'" 1 
ATOM   607  C  "C4'" . U   A 1 29 ? 0.741   22.103  25.872  1.00 40.23  ? 29  U   A "C4'" 1 
ATOM   608  O  "O4'" . U   A 1 29 ? -0.610  22.611  25.893  1.00 40.11  ? 29  U   A "O4'" 1 
ATOM   609  C  "C3'" . U   A 1 29 ? 0.581   20.608  26.097  1.00 39.38  ? 29  U   A "C3'" 1 
ATOM   610  O  "O3'" . U   A 1 29 ? 1.749   20.014  26.631  1.00 42.73  ? 29  U   A "O3'" 1 
ATOM   611  C  "C2'" . U   A 1 29 ? -0.621  20.529  27.027  1.00 38.98  ? 29  U   A "C2'" 1 
ATOM   612  O  "O2'" . U   A 1 29 ? -0.242  20.830  28.355  1.00 37.02  ? 29  U   A "O2'" 1 
ATOM   613  C  "C1'" . U   A 1 29 ? -1.470  21.689  26.523  1.00 41.02  ? 29  U   A "C1'" 1 
ATOM   614  N  N1    . U   A 1 29 ? -2.504  21.269  25.559  1.00 40.18  ? 29  U   A N1    1 
ATOM   615  C  C2    . U   A 1 29 ? -3.647  20.747  26.117  1.00 37.53  ? 29  U   A C2    1 
ATOM   616  O  O2    . U   A 1 29 ? -3.774  20.620  27.315  1.00 41.00  ? 29  U   A O2    1 
ATOM   617  N  N3    . U   A 1 29 ? -4.612  20.378  25.232  1.00 42.09  ? 29  U   A N3    1 
ATOM   618  C  C4    . U   A 1 29 ? -4.532  20.495  23.859  1.00 38.17  ? 29  U   A C4    1 
ATOM   619  O  O4    . U   A 1 29 ? -5.488  20.128  23.196  1.00 38.21  ? 29  U   A O4    1 
ATOM   620  C  C5    . U   A 1 29 ? -3.317  21.056  23.355  1.00 39.16  ? 29  U   A C5    1 
ATOM   621  C  C6    . U   A 1 29 ? -2.357  21.420  24.205  1.00 38.81  ? 29  U   A C6    1 
ATOM   622  P  P     . U   A 1 30 ? 2.216   18.587  26.079  1.00 44.26  ? 30  U   A P     1 
ATOM   623  O  OP1   . U   A 1 30 ? 3.321   18.109  26.952  1.00 43.27  ? 30  U   A OP1   1 
ATOM   624  O  OP2   . U   A 1 30 ? 2.363   18.678  24.598  1.00 44.43  ? 30  U   A OP2   1 
ATOM   625  O  "O5'" . U   A 1 30 ? 0.959   17.657  26.361  1.00 43.82  ? 30  U   A "O5'" 1 
ATOM   626  C  "C5'" . U   A 1 30 ? 0.667   17.254  27.693  1.00 44.59  ? 30  U   A "C5'" 1 
ATOM   627  C  "C4'" . U   A 1 30 ? 0.104   15.858  27.730  1.00 45.12  ? 30  U   A "C4'" 1 
ATOM   628  O  "O4'" . U   A 1 30 ? -1.236  15.878  27.182  1.00 43.09  ? 30  U   A "O4'" 1 
ATOM   629  C  "C3'" . U   A 1 30 ? 0.884   14.828  26.916  1.00 45.57  ? 30  U   A "C3'" 1 
ATOM   630  O  "O3'" . U   A 1 30 ? 0.801   13.557  27.557  1.00 47.01  ? 30  U   A "O3'" 1 
ATOM   631  C  "C2'" . U   A 1 30 ? 0.115   14.783  25.601  1.00 42.67  ? 30  U   A "C2'" 1 
ATOM   632  O  "O2'" . U   A 1 30 ? 0.259   13.574  24.881  1.00 44.13  ? 30  U   A "O2'" 1 
ATOM   633  C  "C1'" . U   A 1 30 ? -1.313  14.981  26.085  1.00 45.32  ? 30  U   A "C1'" 1 
ATOM   634  N  N1    . U   A 1 30 ? -2.209  15.559  25.073  1.00 46.73  ? 30  U   A N1    1 
ATOM   635  C  C2    . U   A 1 30 ? -3.277  14.782  24.681  1.00 43.37  ? 30  U   A C2    1 
ATOM   636  O  O2    . U   A 1 30 ? -3.478  13.683  25.143  1.00 45.17  ? 30  U   A O2    1 
ATOM   637  N  N3    . U   A 1 30 ? -4.103  15.340  23.746  1.00 46.77  ? 30  U   A N3    1 
ATOM   638  C  C4    . U   A 1 30 ? -3.960  16.580  23.165  1.00 46.96  ? 30  U   A C4    1 
ATOM   639  O  O4    . U   A 1 30 ? -4.787  16.944  22.322  1.00 52.62  ? 30  U   A O4    1 
ATOM   640  C  C5    . U   A 1 30 ? -2.825  17.329  23.615  1.00 46.77  ? 30  U   A C5    1 
ATOM   641  C  C6    . U   A 1 30 ? -1.995  16.809  24.533  1.00 48.28  ? 30  U   A C6    1 
ATOM   642  P  P     . C   A 1 31 ? 2.085   12.984  28.332  1.00 47.17  ? 31  C   A P     1 
ATOM   643  O  OP1   . C   A 1 31 ? 1.660   11.713  28.950  1.00 51.57  ? 31  C   A OP1   1 
ATOM   644  O  OP2   . C   A 1 31 ? 2.713   14.052  29.152  1.00 43.78  ? 31  C   A OP2   1 
ATOM   645  O  "O5'" . C   A 1 31 ? 3.123   12.685  27.164  1.00 38.81  ? 31  C   A "O5'" 1 
ATOM   646  C  "C5'" . C   A 1 31 ? 2.974   11.529  26.348  1.00 40.59  ? 31  C   A "C5'" 1 
ATOM   647  C  "C4'" . C   A 1 31 ? 4.318   11.034  25.877  1.00 42.17  ? 31  C   A "C4'" 1 
ATOM   648  O  "O4'" . C   A 1 31 ? 4.843   11.968  24.904  1.00 41.85  ? 31  C   A "O4'" 1 
ATOM   649  C  "C3'" . C   A 1 31 ? 5.382   10.915  26.970  1.00 42.95  ? 31  C   A "C3'" 1 
ATOM   650  O  "O3'" . C   A 1 31 ? 6.253   9.825   26.675  1.00 46.43  ? 31  C   A "O3'" 1 
ATOM   651  C  "C2'" . C   A 1 31 ? 6.150   12.219  26.829  1.00 42.72  ? 31  C   A "C2'" 1 
ATOM   652  O  "O2'" . C   A 1 31 ? 7.476   12.165  27.303  1.00 45.82  ? 31  C   A "O2'" 1 
ATOM   653  C  "C1'" . C   A 1 31 ? 6.106   12.432  25.323  1.00 41.39  ? 31  C   A "C1'" 1 
ATOM   654  N  N1    . C   A 1 31 ? 6.250   13.837  24.931  1.00 45.22  ? 31  C   A N1    1 
ATOM   655  C  C2    . C   A 1 31 ? 7.472   14.281  24.413  1.00 41.01  ? 31  C   A C2    1 
ATOM   656  O  O2    . C   A 1 31 ? 8.408   13.477  24.281  1.00 39.74  ? 31  C   A O2    1 
ATOM   657  N  N3    . C   A 1 31 ? 7.602   15.573  24.070  1.00 39.38  ? 31  C   A N3    1 
ATOM   658  C  C4    . C   A 1 31 ? 6.574   16.407  24.234  1.00 40.10  ? 31  C   A C4    1 
ATOM   659  N  N4    . C   A 1 31 ? 6.733   17.678  23.877  1.00 40.94  ? 31  C   A N4    1 
ATOM   660  C  C5    . C   A 1 31 ? 5.327   15.986  24.762  1.00 40.64  ? 31  C   A C5    1 
ATOM   661  C  C6    . C   A 1 31 ? 5.205   14.701  25.098  1.00 44.89  ? 31  C   A C6    1 
ATOM   662  P  P     . G   A 1 32 ? 5.884   8.347   27.188  1.00 47.45  ? 32  G   A P     1 
ATOM   663  O  OP1   . G   A 1 32 ? 5.253   8.420   28.533  1.00 47.36  ? 32  G   A OP1   1 
ATOM   664  O  OP2   . G   A 1 32 ? 7.080   7.505   26.949  1.00 49.48  ? 32  G   A OP2   1 
ATOM   665  O  "O5'" . G   A 1 32 ? 4.748   7.866   26.181  1.00 43.91  ? 32  G   A "O5'" 1 
ATOM   666  C  "C5'" . G   A 1 32 ? 3.472   7.448   26.642  1.00 42.54  ? 32  G   A "C5'" 1 
ATOM   667  C  "C4'" . G   A 1 32 ? 2.556   7.222   25.473  1.00 42.95  ? 32  G   A "C4'" 1 
ATOM   668  O  "O4'" . G   A 1 32 ? 2.421   8.471   24.755  1.00 43.49  ? 32  G   A "O4'" 1 
ATOM   669  C  "C3'" . G   A 1 32 ? 3.064   6.230   24.438  1.00 43.39  ? 32  G   A "C3'" 1 
ATOM   670  O  "O3'" . G   A 1 32 ? 2.690   4.901   24.735  1.00 43.48  ? 32  G   A "O3'" 1 
ATOM   671  C  "C2'" . G   A 1 32 ? 2.472   6.741   23.133  1.00 43.69  ? 32  G   A "C2'" 1 
ATOM   672  O  "O2'" . G   A 1 32 ? 1.127   6.305   22.973  1.00 41.06  ? 32  G   A "O2'" 1 
ATOM   673  C  "C1'" . G   A 1 32 ? 2.476   8.249   23.365  1.00 42.83  ? 32  G   A "C1'" 1 
ATOM   674  N  N9    . G   A 1 32 ? 3.706   8.886   22.871  1.00 40.50  ? 32  G   A N9    1 
ATOM   675  C  C8    . G   A 1 32 ? 4.927   8.299   22.633  1.00 43.93  ? 32  G   A C8    1 
ATOM   676  N  N7    . G   A 1 32 ? 5.824   9.149   22.209  1.00 43.04  ? 32  G   A N7    1 
ATOM   677  C  C5    . G   A 1 32 ? 5.160   10.378  22.183  1.00 41.45  ? 32  G   A C5    1 
ATOM   678  C  C6    . G   A 1 32 ? 5.606   11.682  21.816  1.00 44.00  ? 32  G   A C6    1 
ATOM   679  O  O6    . G   A 1 32 ? 6.724   12.052  21.421  1.00 40.22  ? 32  G   A O6    1 
ATOM   680  N  N1    . G   A 1 32 ? 4.592   12.629  21.946  1.00 39.07  ? 32  G   A N1    1 
ATOM   681  C  C2    . G   A 1 32 ? 3.310   12.379  22.367  1.00 44.58  ? 32  G   A C2    1 
ATOM   682  N  N2    . G   A 1 32 ? 2.481   13.447  22.420  1.00 40.19  ? 32  G   A N2    1 
ATOM   683  N  N3    . G   A 1 32 ? 2.887   11.169  22.712  1.00 41.50  ? 32  G   A N3    1 
ATOM   684  C  C4    . G   A 1 32 ? 3.851   10.225  22.592  1.00 44.35  ? 32  G   A C4    1 
ATOM   685  P  P     . A   A 1 33 ? 3.809   3.759   24.902  1.00 44.60  ? 33  A   A P     1 
ATOM   686  O  OP1   . A   A 1 33 ? 3.055   2.492   25.047  1.00 45.35  ? 33  A   A OP1   1 
ATOM   687  O  OP2   . A   A 1 33 ? 4.768   4.211   25.935  1.00 44.97  ? 33  A   A OP2   1 
ATOM   688  O  "O5'" . A   A 1 33 ? 4.582   3.762   23.504  1.00 41.61  ? 33  A   A "O5'" 1 
ATOM   689  C  "C5'" . A   A 1 33 ? 3.910   3.424   22.301  1.00 37.07  ? 33  A   A "C5'" 1 
ATOM   690  C  "C4'" . A   A 1 33 ? 4.572   4.059   21.105  1.00 42.59  ? 33  A   A "C4'" 1 
ATOM   691  O  "O4'" . A   A 1 33 ? 5.818   3.390   20.812  1.00 38.57  ? 33  A   A "O4'" 1 
ATOM   692  C  "C3'" . A   A 1 33 ? 3.779   3.959   19.819  1.00 43.65  ? 33  A   A "C3'" 1 
ATOM   693  O  "O3'" . A   A 1 33 ? 2.837   5.002   19.727  1.00 48.98  ? 33  A   A "O3'" 1 
ATOM   694  C  "C2'" . A   A 1 33 ? 4.849   4.020   18.737  1.00 42.76  ? 33  A   A "C2'" 1 
ATOM   695  O  "O2'" . A   A 1 33 ? 5.218   5.370   18.472  1.00 38.60  ? 33  A   A "O2'" 1 
ATOM   696  C  "C1'" . A   A 1 33 ? 6.023   3.328   19.421  1.00 40.07  ? 33  A   A "C1'" 1 
ATOM   697  N  N9    . A   A 1 33 ? 6.203   1.916   19.031  1.00 42.88  ? 33  A   A N9    1 
ATOM   698  C  C8    . A   A 1 33 ? 5.344   0.825   19.019  1.00 42.19  ? 33  A   A C8    1 
ATOM   699  N  N7    . A   A 1 33 ? 5.922   -0.295  18.619  1.00 43.44  ? 33  A   A N7    1 
ATOM   700  C  C5    . A   A 1 33 ? 7.241   0.087   18.363  1.00 45.30  ? 33  A   A C5    1 
ATOM   701  C  C6    . A   A 1 33 ? 8.385   -0.604  17.895  1.00 48.08  ? 33  A   A C6    1 
ATOM   702  N  N6    . A   A 1 33 ? 8.420   -1.917  17.589  1.00 48.10  ? 33  A   A N6    1 
ATOM   703  N  N1    . A   A 1 33 ? 9.536   0.109   17.751  1.00 51.33  ? 33  A   A N1    1 
ATOM   704  C  C2    . A   A 1 33 ? 9.521   1.425   18.034  1.00 47.10  ? 33  A   A C2    1 
ATOM   705  N  N3    . A   A 1 33 ? 8.521   2.179   18.485  1.00 47.23  ? 33  A   A N3    1 
ATOM   706  C  C4    . A   A 1 33 ? 7.410   1.442   18.623  1.00 41.76  ? 33  A   A C4    1 
ATOM   707  P  P     . C   A 1 34 ? 1.454   4.755   18.960  1.00 53.61  ? 34  C   A P     1 
ATOM   708  O  OP1   . C   A 1 34 ? 0.698   3.817   19.814  1.00 46.50  ? 34  C   A OP1   1 
ATOM   709  O  OP2   . C   A 1 34 ? 1.765   4.432   17.542  1.00 46.33  ? 34  C   A OP2   1 
ATOM   710  O  "O5'" . C   A 1 34 ? 0.763   6.186   18.957  1.00 48.94  ? 34  C   A "O5'" 1 
ATOM   711  C  "C5'" . C   A 1 34 ? -0.227  6.532   19.910  1.00 45.73  ? 34  C   A "C5'" 1 
ATOM   712  C  "C4'" . C   A 1 34 ? -0.506  8.010   19.861  1.00 45.36  ? 34  C   A "C4'" 1 
ATOM   713  O  "O4'" . C   A 1 34 ? 0.512   8.707   20.623  1.00 48.36  ? 34  C   A "O4'" 1 
ATOM   714  C  "C3'" . C   A 1 34 ? -0.432  8.644   18.473  1.00 48.88  ? 34  C   A "C3'" 1 
ATOM   715  O  "O3'" . C   A 1 34 ? -1.619  8.494   17.699  1.00 46.95  ? 34  C   A "O3'" 1 
ATOM   716  C  "C2'" . C   A 1 34 ? -0.077  10.085  18.783  1.00 44.68  ? 34  C   A "C2'" 1 
ATOM   717  O  "O2'" . C   A 1 34 ? -1.220  10.784  19.249  1.00 43.79  ? 34  C   A "O2'" 1 
ATOM   718  C  "C1'" . C   A 1 34 ? 0.869   9.907   19.972  1.00 47.97  ? 34  C   A "C1'" 1 
ATOM   719  N  N1    . C   A 1 34 ? 2.306   9.851   19.583  1.00 44.88  ? 34  C   A N1    1 
ATOM   720  C  C2    . C   A 1 34 ? 2.937   11.048  19.240  1.00 44.52  ? 34  C   A C2    1 
ATOM   721  O  O2    . C   A 1 34 ? 2.261   12.089  19.253  1.00 40.12  ? 34  C   A O2    1 
ATOM   722  N  N3    . C   A 1 34 ? 4.250   11.042  18.897  1.00 39.57  ? 34  C   A N3    1 
ATOM   723  C  C4    . C   A 1 34 ? 4.946   9.896   18.900  1.00 47.55  ? 34  C   A C4    1 
ATOM   724  N  N4    . C   A 1 34 ? 6.244   9.943   18.572  1.00 42.11  ? 34  C   A N4    1 
ATOM   725  C  C5    . C   A 1 34 ? 4.334   8.656   19.256  1.00 44.28  ? 34  C   A C5    1 
ATOM   726  C  C6    . C   A 1 34 ? 3.030   8.687   19.588  1.00 46.77  ? 34  C   A C6    1 
ATOM   727  P  P     . U   A 1 35 ? -1.511  8.229   16.115  1.00 52.04  ? 35  U   A P     1 
ATOM   728  O  OP1   . U   A 1 35 ? -2.825  7.796   15.583  1.00 53.44  ? 35  U   A OP1   1 
ATOM   729  O  OP2   . U   A 1 35 ? -0.344  7.346   15.896  1.00 51.55  ? 35  U   A OP2   1 
ATOM   730  O  "O5'" . U   A 1 35 ? -1.196  9.669   15.512  1.00 51.46  ? 35  U   A "O5'" 1 
ATOM   731  C  "C5'" . U   A 1 35 ? -2.024  10.784  15.812  1.00 51.55  ? 35  U   A "C5'" 1 
ATOM   732  C  "C4'" . U   A 1 35 ? -1.409  12.074  15.330  1.00 51.67  ? 35  U   A "C4'" 1 
ATOM   733  O  "O4'" . U   A 1 35 ? -0.287  12.442  16.179  1.00 52.16  ? 35  U   A "O4'" 1 
ATOM   734  C  "C3'" . U   A 1 35 ? -0.800  12.048  13.937  1.00 53.52  ? 35  U   A "C3'" 1 
ATOM   735  O  "O3'" . U   A 1 35 ? -1.748  12.145  12.900  1.00 57.17  ? 35  U   A "O3'" 1 
ATOM   736  C  "C2'" . U   A 1 35 ? 0.153   13.226  13.985  1.00 49.91  ? 35  U   A "C2'" 1 
ATOM   737  O  "O2'" . U   A 1 35 ? -0.585  14.433  13.897  1.00 53.69  ? 35  U   A "O2'" 1 
ATOM   738  C  "C1'" . U   A 1 35 ? 0.707   13.090  15.404  1.00 48.15  ? 35  U   A "C1'" 1 
ATOM   739  N  N1    . U   A 1 35 ? 1.946   12.268  15.438  1.00 46.91  ? 35  U   A N1    1 
ATOM   740  C  C2    . U   A 1 35 ? 3.167   12.870  15.140  1.00 48.87  ? 35  U   A C2    1 
ATOM   741  O  O2    . U   A 1 35 ? 3.281   14.047  14.846  1.00 48.34  ? 35  U   A O2    1 
ATOM   742  N  N3    . U   A 1 35 ? 4.269   12.045  15.198  1.00 43.18  ? 35  U   A N3    1 
ATOM   743  C  C4    . U   A 1 35 ? 4.285   10.700  15.508  1.00 46.17  ? 35  U   A C4    1 
ATOM   744  O  O4    . U   A 1 35 ? 5.353   10.088  15.519  1.00 46.93  ? 35  U   A O4    1 
ATOM   745  C  C5    . U   A 1 35 ? 2.996   10.147  15.804  1.00 47.23  ? 35  U   A C5    1 
ATOM   746  C  C6    . U   A 1 35 ? 1.905   10.929  15.757  1.00 46.92  ? 35  U   A C6    1 
ATOM   747  P  P     . G   A 1 36 ? -1.445  11.431  11.494  1.00 60.06  ? 36  G   A P     1 
ATOM   748  O  OP1   . G   A 1 36 ? -2.704  11.515  10.705  1.00 60.33  ? 36  G   A OP1   1 
ATOM   749  O  OP2   . G   A 1 36 ? -0.781  10.123  11.734  1.00 53.13  ? 36  G   A OP2   1 
ATOM   750  O  "O5'" . G   A 1 36 ? -0.344  12.365  10.821  1.00 55.34  ? 36  G   A "O5'" 1 
ATOM   751  C  "C5'" . G   A 1 36 ? -0.614  13.733  10.572  1.00 55.53  ? 36  G   A "C5'" 1 
ATOM   752  C  "C4'" . G   A 1 36 ? 0.640   14.490  10.212  1.00 55.89  ? 36  G   A "C4'" 1 
ATOM   753  O  "O4'" . G   A 1 36 ? 1.581   14.457  11.316  1.00 55.49  ? 36  G   A "O4'" 1 
ATOM   754  C  "C3'" . G   A 1 36 ? 1.445   13.943  9.048   1.00 56.11  ? 36  G   A "C3'" 1 
ATOM   755  O  "O3'" . G   A 1 36 ? 0.899   14.255  7.785   1.00 54.87  ? 36  G   A "O3'" 1 
ATOM   756  C  "C2'" . G   A 1 36 ? 2.813   14.557  9.289   1.00 51.96  ? 36  G   A "C2'" 1 
ATOM   757  O  "O2'" . G   A 1 36 ? 2.810   15.924  8.925   1.00 54.87  ? 36  G   A "O2'" 1 
ATOM   758  C  "C1'" . G   A 1 36 ? 2.903   14.476  10.814  1.00 52.37  ? 36  G   A "C1'" 1 
ATOM   759  N  N9    . G   A 1 36 ? 3.598   13.256  11.252  1.00 49.40  ? 36  G   A N9    1 
ATOM   760  C  C8    . G   A 1 36 ? 3.058   12.115  11.792  1.00 51.87  ? 36  G   A C8    1 
ATOM   761  N  N7    . G   A 1 36 ? 3.958   11.205  12.071  1.00 51.36  ? 36  G   A N7    1 
ATOM   762  C  C5    . G   A 1 36 ? 5.154   11.791  11.687  1.00 48.28  ? 36  G   A C5    1 
ATOM   763  C  C6    . G   A 1 36 ? 6.472   11.288  11.752  1.00 47.96  ? 36  G   A C6    1 
ATOM   764  O  O6    . G   A 1 36 ? 6.863   10.197  12.178  1.00 48.51  ? 36  G   A O6    1 
ATOM   765  N  N1    . G   A 1 36 ? 7.376   12.206  11.253  1.00 46.62  ? 36  G   A N1    1 
ATOM   766  C  C2    . G   A 1 36 ? 7.082   13.448  10.757  1.00 47.43  ? 36  G   A C2    1 
ATOM   767  N  N2    . G   A 1 36 ? 8.128   14.170  10.330  1.00 46.12  ? 36  G   A N2    1 
ATOM   768  N  N3    . G   A 1 36 ? 5.856   13.941  10.696  1.00 49.89  ? 36  G   A N3    1 
ATOM   769  C  C4    . G   A 1 36 ? 4.954   13.051  11.171  1.00 48.52  ? 36  G   A C4    1 
ATOM   770  P  P     . G   A 1 37 ? 1.126   13.230  6.579   1.00 63.28  ? 37  G   A P     1 
ATOM   771  O  OP1   . G   A 1 37 ? 0.162   13.612  5.508   1.00 58.16  ? 37  G   A OP1   1 
ATOM   772  O  OP2   . G   A 1 37 ? 1.141   11.855  7.134   1.00 59.04  ? 37  G   A OP2   1 
ATOM   773  O  "O5'" . G   A 1 37 ? 2.633   13.494  6.129   1.00 57.28  ? 37  G   A "O5'" 1 
ATOM   774  C  "C5'" . G   A 1 37 ? 3.054   14.790  5.732   1.00 55.68  ? 37  G   A "C5'" 1 
ATOM   775  C  "C4'" . G   A 1 37 ? 4.546   14.859  5.525   1.00 49.33  ? 37  G   A "C4'" 1 
ATOM   776  O  "O4'" . G   A 1 37 ? 5.250   14.676  6.785   1.00 54.57  ? 37  G   A "O4'" 1 
ATOM   777  C  "C3'" . G   A 1 37 ? 5.162   13.804  4.626   1.00 53.44  ? 37  G   A "C3'" 1 
ATOM   778  O  "O3'" . G   A 1 37 ? 4.942   14.037  3.248   1.00 55.81  ? 37  G   A "O3'" 1 
ATOM   779  C  "C2'" . G   A 1 37 ? 6.626   13.865  5.032   1.00 52.19  ? 37  G   A "C2'" 1 
ATOM   780  O  "O2'" . G   A 1 37 ? 7.225   15.035  4.500   1.00 50.24  ? 37  G   A "O2'" 1 
ATOM   781  C  "C1'" . G   A 1 37 ? 6.497   14.055  6.545   1.00 51.18  ? 37  G   A "C1'" 1 
ATOM   782  N  N9    . G   A 1 37 ? 6.534   12.770  7.264   1.00 50.65  ? 37  G   A N9    1 
ATOM   783  C  C8    . G   A 1 37 ? 5.468   12.079  7.785   1.00 49.42  ? 37  G   A C8    1 
ATOM   784  N  N7    . G   A 1 37 ? 5.824   10.961  8.356   1.00 48.81  ? 37  G   A N7    1 
ATOM   785  C  C5    . G   A 1 37 ? 7.205   10.909  8.215   1.00 48.80  ? 37  G   A C5    1 
ATOM   786  C  C6    . G   A 1 37 ? 8.148   9.937   8.644   1.00 47.12  ? 37  G   A C6    1 
ATOM   787  O  O6    . G   A 1 37 ? 7.934   8.888   9.261   1.00 50.09  ? 37  G   A O6    1 
ATOM   788  N  N1    . G   A 1 37 ? 9.453   10.272  8.293   1.00 46.78  ? 37  G   A N1    1 
ATOM   789  C  C2    . G   A 1 37 ? 9.799   11.414  7.599   1.00 48.13  ? 37  G   A C2    1 
ATOM   790  N  N2    . G   A 1 37 ? 11.103  11.597  7.328   1.00 45.84  ? 37  G   A N2    1 
ATOM   791  N  N3    . G   A 1 37 ? 8.930   12.326  7.203   1.00 47.25  ? 37  G   A N3    1 
ATOM   792  C  C4    . G   A 1 37 ? 7.659   12.017  7.537   1.00 49.78  ? 37  G   A C4    1 
ATOM   793  P  P     . G   A 1 38 ? 4.843   12.797  2.235   1.00 49.89  ? 38  G   A P     1 
ATOM   794  O  OP1   . G   A 1 38 ? 4.286   13.271  0.943   1.00 55.54  ? 38  G   A OP1   1 
ATOM   795  O  OP2   . G   A 1 38 ? 4.136   11.722  2.970   1.00 52.93  ? 38  G   A OP2   1 
ATOM   796  O  "O5'" . G   A 1 38 ? 6.359   12.356  2.014   1.00 48.37  ? 38  G   A "O5'" 1 
ATOM   797  C  "C5'" . G   A 1 38 ? 7.340   13.293  1.597   1.00 52.16  ? 38  G   A "C5'" 1 
ATOM   798  C  "C4'" . G   A 1 38 ? 8.740   12.727  1.671   1.00 53.88  ? 38  G   A "C4'" 1 
ATOM   799  O  "O4'" . G   A 1 38 ? 9.137   12.559  3.056   1.00 53.47  ? 38  G   A "O4'" 1 
ATOM   800  C  "C3'" . G   A 1 38 ? 8.967   11.353  1.055   1.00 50.61  ? 38  G   A "C3'" 1 
ATOM   801  O  "O3'" . G   A 1 38 ? 9.123   11.398  -0.352  1.00 51.68  ? 38  G   A "O3'" 1 
ATOM   802  C  "C2'" . G   A 1 38 ? 10.213  10.868  1.787   1.00 49.93  ? 38  G   A "C2'" 1 
ATOM   803  O  "O2'" . G   A 1 38 ? 11.381  11.478  1.261   1.00 56.66  ? 38  G   A "O2'" 1 
ATOM   804  C  "C1'" . G   A 1 38 ? 9.980   11.431  3.184   1.00 48.57  ? 38  G   A "C1'" 1 
ATOM   805  N  N9    . G   A 1 38 ? 9.315   10.450  4.062   1.00 48.88  ? 38  G   A N9    1 
ATOM   806  C  C8    . G   A 1 38 ? 7.998   10.435  4.455   1.00 45.10  ? 38  G   A C8    1 
ATOM   807  N  N7    . G   A 1 38 ? 7.718   9.431   5.239   1.00 50.23  ? 38  G   A N7    1 
ATOM   808  C  C5    . G   A 1 38 ? 8.925   8.744   5.367   1.00 46.43  ? 38  G   A C5    1 
ATOM   809  C  C6    . G   A 1 38 ? 9.262   7.566   6.089   1.00 46.95  ? 38  G   A C6    1 
ATOM   810  O  O6    . G   A 1 38 ? 8.523   6.867   6.798   1.00 45.39  ? 38  G   A O6    1 
ATOM   811  N  N1    . G   A 1 38 ? 10.608  7.227   5.935   1.00 43.00  ? 38  G   A N1    1 
ATOM   812  C  C2    . G   A 1 38 ? 11.511  7.932   5.176   1.00 45.30  ? 38  G   A C2    1 
ATOM   813  N  N2    . G   A 1 38 ? 12.770  7.474   5.131   1.00 46.38  ? 38  G   A N2    1 
ATOM   814  N  N3    . G   A 1 38 ? 11.207  9.028   4.509   1.00 48.51  ? 38  G   A N3    1 
ATOM   815  C  C4    . G   A 1 38 ? 9.915   9.368   4.648   1.00 45.23  ? 38  G   A C4    1 
ATOM   816  P  P     . A   A 1 39 ? 8.683   10.152  -1.271  1.00 56.20  ? 39  A   A P     1 
ATOM   817  O  OP1   . A   A 1 39 ? 8.801   10.594  -2.684  1.00 54.72  ? 39  A   A OP1   1 
ATOM   818  O  OP2   . A   A 1 39 ? 7.423   9.549   -0.778  1.00 48.49  ? 39  A   A OP2   1 
ATOM   819  O  "O5'" . A   A 1 39 ? 9.807   9.059   -1.018  1.00 52.74  ? 39  A   A "O5'" 1 
ATOM   820  C  "C5'" . A   A 1 39 ? 11.165  9.323   -1.323  1.00 51.85  ? 39  A   A "C5'" 1 
ATOM   821  C  "C4'" . A   A 1 39 ? 12.054  8.224   -0.806  1.00 48.48  ? 39  A   A "C4'" 1 
ATOM   822  O  "O4'" . A   A 1 39 ? 12.019  8.212   0.647   1.00 47.75  ? 39  A   A "O4'" 1 
ATOM   823  C  "C3'" . A   A 1 39 ? 11.649  6.814   -1.196  1.00 47.80  ? 39  A   A "C3'" 1 
ATOM   824  O  "O3'" . A   A 1 39 ? 12.071  6.460   -2.500  1.00 43.88  ? 39  A   A "O3'" 1 
ATOM   825  C  "C2'" . A   A 1 39 ? 12.284  5.976   -0.094  1.00 43.70  ? 39  A   A "C2'" 1 
ATOM   826  O  "O2'" . A   A 1 39 ? 13.683  5.840   -0.313  1.00 45.27  ? 39  A   A "O2'" 1 
ATOM   827  C  "C1'" . A   A 1 39 ? 12.075  6.882   1.120   1.00 46.81  ? 39  A   A "C1'" 1 
ATOM   828  N  N9    . A   A 1 39 ? 10.811  6.583   1.827   1.00 46.33  ? 39  A   A N9    1 
ATOM   829  C  C8    . A   A 1 39 ? 9.579   7.191   1.684   1.00 45.44  ? 39  A   A C8    1 
ATOM   830  N  N7    . A   A 1 39 ? 8.642   6.703   2.470   1.00 42.32  ? 39  A   A N7    1 
ATOM   831  C  C5    . A   A 1 39 ? 9.301   5.710   3.180   1.00 41.87  ? 39  A   A C5    1 
ATOM   832  C  C6    . A   A 1 39 ? 8.870   4.816   4.174   1.00 38.30  ? 39  A   A C6    1 
ATOM   833  N  N6    . A   A 1 39 ? 7.630   4.772   4.652   1.00 39.15  ? 39  A   A N6    1 
ATOM   834  N  N1    . A   A 1 39 ? 9.765   3.954   4.678   1.00 38.01  ? 39  A   A N1    1 
ATOM   835  C  C2    . A   A 1 39 ? 11.021  3.990   4.210   1.00 42.40  ? 39  A   A C2    1 
ATOM   836  N  N3    . A   A 1 39 ? 11.555  4.783   3.279   1.00 41.34  ? 39  A   A N3    1 
ATOM   837  C  C4    . A   A 1 39 ? 10.631  5.625   2.795   1.00 42.81  ? 39  A   A C4    1 
ATOM   838  P  P     . C   A 1 40 ? 11.199  5.454   -3.390  1.00 47.77  ? 40  C   A P     1 
ATOM   839  O  OP1   . C   A 1 40 ? 11.823  5.444   -4.739  1.00 54.20  ? 40  C   A OP1   1 
ATOM   840  O  OP2   . C   A 1 40 ? 9.760   5.759   -3.244  1.00 43.72  ? 40  C   A OP2   1 
ATOM   841  O  "O5'" . C   A 1 40 ? 11.472  4.032   -2.747  1.00 46.03  ? 40  C   A "O5'" 1 
ATOM   842  C  "C5'" . C   A 1 40 ? 12.792  3.517   -2.639  1.00 44.97  ? 40  C   A "C5'" 1 
ATOM   843  C  "C4'" . C   A 1 40 ? 12.816  2.321   -1.725  1.00 43.30  ? 40  C   A "C4'" 1 
ATOM   844  O  "O4'" . C   A 1 40 ? 12.462  2.732   -0.379  1.00 43.83  ? 40  C   A "O4'" 1 
ATOM   845  C  "C3'" . C   A 1 40 ? 11.808  1.230   -2.041  1.00 45.44  ? 40  C   A "C3'" 1 
ATOM   846  O  "O3'" . C   A 1 40 ? 12.223  0.376   -3.088  1.00 46.26  ? 40  C   A "O3'" 1 
ATOM   847  C  "C2'" . C   A 1 40 ? 11.678  0.513   -0.709  1.00 37.64  ? 40  C   A "C2'" 1 
ATOM   848  O  "O2'" . C   A 1 40 ? 12.790  -0.337  -0.497  1.00 43.00  ? 40  C   A "O2'" 1 
ATOM   849  C  "C1'" . C   A 1 40 ? 11.765  1.683   0.269   1.00 39.75  ? 40  C   A "C1'" 1 
ATOM   850  N  N1    . C   A 1 40 ? 10.421  2.162   0.672   1.00 36.02  ? 40  C   A N1    1 
ATOM   851  C  C2    . C   A 1 40 ? 9.757   1.474   1.708   1.00 38.10  ? 40  C   A C2    1 
ATOM   852  O  O2    . C   A 1 40 ? 10.292  0.487   2.241   1.00 37.28  ? 40  C   A O2    1 
ATOM   853  N  N3    . C   A 1 40 ? 8.528   1.891   2.098   1.00 36.61  ? 40  C   A N3    1 
ATOM   854  C  C4    . C   A 1 40 ? 7.944   2.934   1.515   1.00 35.89  ? 40  C   A C4    1 
ATOM   855  N  N4    . C   A 1 40 ? 6.730   3.294   1.958   1.00 38.12  ? 40  C   A N4    1 
ATOM   856  C  C5    . C   A 1 40 ? 8.598   3.658   0.469   1.00 40.90  ? 40  C   A C5    1 
ATOM   857  C  C6    . C   A 1 40 ? 9.822   3.243   0.083   1.00 37.18  ? 40  C   A C6    1 
ATOM   858  P  P     . U   A 1 41 ? 11.156  -0.185  -4.145  1.00 47.35  ? 41  U   A P     1 
ATOM   859  O  OP1   . U   A 1 41 ? 11.989  -0.839  -5.203  1.00 48.59  ? 41  U   A OP1   1 
ATOM   860  O  OP2   . U   A 1 41 ? 10.178  0.877   -4.477  1.00 42.18  ? 41  U   A OP2   1 
ATOM   861  O  "O5'" . U   A 1 41 ? 10.367  -1.321  -3.361  1.00 43.06  ? 41  U   A "O5'" 1 
ATOM   862  C  "C5'" . U   A 1 41 ? 11.044  -2.452  -2.847  1.00 41.59  ? 41  U   A "C5'" 1 
ATOM   863  C  "C4'" . U   A 1 41 ? 10.261  -3.100  -1.731  1.00 42.67  ? 41  U   A "C4'" 1 
ATOM   864  O  "O4'" . U   A 1 41 ? 10.084  -2.153  -0.640  1.00 42.64  ? 41  U   A "O4'" 1 
ATOM   865  C  "C3'" . U   A 1 41 ? 8.844   -3.533  -2.054  1.00 42.24  ? 41  U   A "C3'" 1 
ATOM   866  O  "O3'" . U   A 1 41 ? 8.772   -4.755  -2.777  1.00 42.46  ? 41  U   A "O3'" 1 
ATOM   867  C  "C2'" . U   A 1 41 ? 8.224   -3.608  -0.666  1.00 39.88  ? 41  U   A "C2'" 1 
ATOM   868  O  "O2'" . U   A 1 41 ? 8.715   -4.743  0.017   1.00 36.28  ? 41  U   A "O2'" 1 
ATOM   869  C  "C1'" . U   A 1 41 ? 8.840   -2.381  -0.006  1.00 38.66  ? 41  U   A "C1'" 1 
ATOM   870  N  N1    . U   A 1 41 ? 7.960   -1.198  -0.172  1.00 37.95  ? 41  U   A N1    1 
ATOM   871  C  C2    . U   A 1 41 ? 6.891   -1.096  0.696   1.00 35.85  ? 41  U   A C2    1 
ATOM   872  O  O2    . U   A 1 41 ? 6.653   -1.898  1.592   1.00 35.83  ? 41  U   A O2    1 
ATOM   873  N  N3    . U   A 1 41 ? 6.090   -0.014  0.478   1.00 34.37  ? 41  U   A N3    1 
ATOM   874  C  C4    . U   A 1 41 ? 6.211   0.955   -0.472  1.00 34.24  ? 41  U   A C4    1 
ATOM   875  O  O4    . U   A 1 41 ? 5.391   1.870   -0.496  1.00 35.67  ? 41  U   A O4    1 
ATOM   876  C  C5    . U   A 1 41 ? 7.344   0.788   -1.336  1.00 38.61  ? 41  U   A C5    1 
ATOM   877  C  C6    . U   A 1 41 ? 8.147   -0.267  -1.165  1.00 35.52  ? 41  U   A C6    1 
ATOM   878  P  P     . A   A 1 42 ? 7.475   -5.101  -3.662  1.00 42.17  ? 42  A   A P     1 
ATOM   879  O  OP1   . A   A 1 42 ? 7.589   -6.475  -4.199  1.00 41.98  ? 42  A   A OP1   1 
ATOM   880  O  OP2   . A   A 1 42 ? 7.209   -3.955  -4.556  1.00 45.21  ? 42  A   A OP2   1 
ATOM   881  O  "O5'" . A   A 1 42 ? 6.275   -5.165  -2.624  1.00 39.50  ? 42  A   A "O5'" 1 
ATOM   882  C  "C5'" . A   A 1 42 ? 6.198   -6.215  -1.683  1.00 41.40  ? 42  A   A "C5'" 1 
ATOM   883  C  "C4'" . A   A 1 42 ? 5.093   -5.962  -0.694  1.00 41.83  ? 42  A   A "C4'" 1 
ATOM   884  O  "O4'" . A   A 1 42 ? 5.249   -4.655  -0.085  1.00 42.04  ? 42  A   A "O4'" 1 
ATOM   885  C  "C3'" . A   A 1 42 ? 3.698   -5.913  -1.280  1.00 39.59  ? 42  A   A "C3'" 1 
ATOM   886  O  "O3'" . A   A 1 42 ? 3.187   -7.202  -1.561  1.00 40.43  ? 42  A   A "O3'" 1 
ATOM   887  C  "C2'" . A   A 1 42 ? 2.938   -5.149  -0.203  1.00 36.93  ? 42  A   A "C2'" 1 
ATOM   888  O  "O2'" . A   A 1 42 ? 2.741   -5.975  0.932   1.00 36.43  ? 42  A   A "O2'" 1 
ATOM   889  C  "C1'" . A   A 1 42 ? 3.972   -4.103  0.187   1.00 36.32  ? 42  A   A "C1'" 1 
ATOM   890  N  N9    . A   A 1 42 ? 3.829   -2.833  -0.558  1.00 34.84  ? 42  A   A N9    1 
ATOM   891  C  C8    . A   A 1 42 ? 4.581   -2.395  -1.627  1.00 37.20  ? 42  A   A C8    1 
ATOM   892  N  N7    . A   A 1 42 ? 4.233   -1.197  -2.067  1.00 32.75  ? 42  A   A N7    1 
ATOM   893  C  C5    . A   A 1 42 ? 3.173   -0.830  -1.237  1.00 34.03  ? 42  A   A C5    1 
ATOM   894  C  C6    . A   A 1 42 ? 2.373   0.322   -1.179  1.00 35.09  ? 42  A   A C6    1 
ATOM   895  N  N6    . A   A 1 42 ? 2.503   1.373   -2.010  1.00 37.96  ? 42  A   A N6    1 
ATOM   896  N  N1    . A   A 1 42 ? 1.417   0.370   -0.217  1.00 35.27  ? 42  A   A N1    1 
ATOM   897  C  C2    . A   A 1 42 ? 1.276   -0.664  0.616   1.00 36.03  ? 42  A   A C2    1 
ATOM   898  N  N3    . A   A 1 42 ? 1.973   -1.796  0.660   1.00 36.85  ? 42  A   A N3    1 
ATOM   899  C  C4    . A   A 1 42 ? 2.916   -1.824  -0.308  1.00 33.50  ? 42  A   A C4    1 
ATOM   900  P  P     . C   A 1 43 ? 2.255   -7.464  -2.845  1.00 42.74  ? 43  C   A P     1 
ATOM   901  O  OP1   . C   A 1 43 ? 2.131   -8.941  -2.946  1.00 44.85  ? 43  C   A OP1   1 
ATOM   902  O  OP2   . C   A 1 43 ? 2.711   -6.653  -4.007  1.00 38.81  ? 43  C   A OP2   1 
ATOM   903  O  "O5'" . C   A 1 43 ? 0.834   -6.930  -2.379  1.00 40.20  ? 43  C   A "O5'" 1 
ATOM   904  C  "C5'" . C   A 1 43 ? 0.257   -7.402  -1.176  1.00 37.96  ? 43  C   A "C5'" 1 
ATOM   905  C  "C4'" . C   A 1 43 ? -0.817  -6.471  -0.701  1.00 38.18  ? 43  C   A "C4'" 1 
ATOM   906  O  "O4'" . C   A 1 43 ? -0.235  -5.194  -0.334  1.00 38.15  ? 43  C   A "O4'" 1 
ATOM   907  C  "C3'" . C   A 1 43 ? -1.859  -6.097  -1.735  1.00 36.50  ? 43  C   A "C3'" 1 
ATOM   908  O  "O3'" . C   A 1 43 ? -2.827  -7.105  -1.936  1.00 39.32  ? 43  C   A "O3'" 1 
ATOM   909  C  "C2'" . C   A 1 43 ? -2.419  -4.809  -1.167  1.00 37.88  ? 43  C   A "C2'" 1 
ATOM   910  O  "O2'" . C   A 1 43 ? -3.248  -5.096  -0.054  1.00 35.04  ? 43  C   A "O2'" 1 
ATOM   911  C  "C1'" . C   A 1 43 ? -1.143  -4.154  -0.639  1.00 37.68  ? 43  C   A "C1'" 1 
ATOM   912  N  N1    . C   A 1 43 ? -0.526  -3.261  -1.641  1.00 34.21  ? 43  C   A N1    1 
ATOM   913  C  C2    . C   A 1 43 ? -1.051  -1.982  -1.758  1.00 36.23  ? 43  C   A C2    1 
ATOM   914  O  O2    . C   A 1 43 ? -1.999  -1.668  -1.023  1.00 37.38  ? 43  C   A O2    1 
ATOM   915  N  N3    . C   A 1 43 ? -0.518  -1.138  -2.661  1.00 38.96  ? 43  C   A N3    1 
ATOM   916  C  C4    . C   A 1 43 ? 0.507   -1.544  -3.422  1.00 41.00  ? 43  C   A C4    1 
ATOM   917  N  N4    . C   A 1 43 ? 1.010   -0.686  -4.307  1.00 35.69  ? 43  C   A N4    1 
ATOM   918  C  C5    . C   A 1 43 ? 1.062   -2.852  -3.331  1.00 37.63  ? 43  C   A C5    1 
ATOM   919  C  C6    . C   A 1 43 ? 0.506   -3.672  -2.435  1.00 34.69  ? 43  C   A C6    1 
ATOM   920  P  P     . G   A 1 44 ? -3.360  -7.400  -3.422  1.00 42.86  ? 44  G   A P     1 
ATOM   921  O  OP1   . G   A 1 44 ? -4.169  -8.636  -3.258  1.00 42.18  ? 44  G   A OP1   1 
ATOM   922  O  OP2   . G   A 1 44 ? -2.253  -7.322  -4.427  1.00 38.10  ? 44  G   A OP2   1 
ATOM   923  O  "O5'" . G   A 1 44 ? -4.364  -6.207  -3.705  1.00 39.36  ? 44  G   A "O5'" 1 
ATOM   924  C  "C5'" . G   A 1 44 ? -5.581  -6.141  -2.985  1.00 38.44  ? 44  G   A "C5'" 1 
ATOM   925  C  "C4'" . G   A 1 44 ? -6.266  -4.812  -3.152  1.00 40.53  ? 44  G   A "C4'" 1 
ATOM   926  O  "O4'" . G   A 1 44 ? -5.405  -3.727  -2.717  1.00 41.60  ? 44  G   A "O4'" 1 
ATOM   927  C  "C3'" . G   A 1 44 ? -6.631  -4.429  -4.567  1.00 37.91  ? 44  G   A "C3'" 1 
ATOM   928  O  "O3'" . G   A 1 44 ? -7.764  -5.128  -5.047  1.00 40.82  ? 44  G   A "O3'" 1 
ATOM   929  C  "C2'" . G   A 1 44 ? -6.820  -2.923  -4.448  1.00 38.27  ? 44  G   A "C2'" 1 
ATOM   930  O  "O2'" . G   A 1 44 ? -8.052  -2.618  -3.806  1.00 40.28  ? 44  G   A "O2'" 1 
ATOM   931  C  "C1'" . G   A 1 44 ? -5.686  -2.570  -3.487  1.00 36.40  ? 44  G   A "C1'" 1 
ATOM   932  N  N9    . G   A 1 44 ? -4.465  -2.190  -4.206  1.00 35.28  ? 44  G   A N9    1 
ATOM   933  C  C8    . G   A 1 44 ? -3.306  -2.924  -4.305  1.00 36.96  ? 44  G   A C8    1 
ATOM   934  N  N7    . G   A 1 44 ? -2.379  -2.302  -4.985  1.00 39.30  ? 44  G   A N7    1 
ATOM   935  C  C5    . G   A 1 44 ? -2.975  -1.103  -5.367  1.00 37.97  ? 44  G   A C5    1 
ATOM   936  C  C6    . G   A 1 44 ? -2.465  -0.029  -6.132  1.00 40.47  ? 44  G   A C6    1 
ATOM   937  O  O6    . G   A 1 44 ? -1.333  0.101   -6.635  1.00 37.71  ? 44  G   A O6    1 
ATOM   938  N  N1    . G   A 1 44 ? -3.419  0.984   -6.257  1.00 41.63  ? 44  G   A N1    1 
ATOM   939  C  C2    . G   A 1 44 ? -4.687  0.965   -5.735  1.00 39.18  ? 44  G   A C2    1 
ATOM   940  N  N2    . G   A 1 44 ? -5.454  2.036   -5.985  1.00 39.40  ? 44  G   A N2    1 
ATOM   941  N  N3    . G   A 1 44 ? -5.171  -0.034  -5.020  1.00 37.31  ? 44  G   A N3    1 
ATOM   942  C  C4    . G   A 1 44 ? -4.265  -1.025  -4.887  1.00 36.95  ? 44  G   A C4    1 
ATOM   943  P  P     . G   A 1 45 ? -7.872  -5.491  -6.601  1.00 43.02  ? 45  G   A P     1 
ATOM   944  O  OP1   . G   A 1 45 ? -9.038  -6.385  -6.744  1.00 44.89  ? 45  G   A OP1   1 
ATOM   945  O  OP2   . G   A 1 45 ? -6.550  -5.929  -7.123  1.00 40.34  ? 45  G   A OP2   1 
ATOM   946  O  "O5'" . G   A 1 45 ? -8.193  -4.102  -7.306  1.00 39.11  ? 45  G   A "O5'" 1 
ATOM   947  C  "C5'" . G   A 1 45 ? -9.338  -3.350  -6.942  1.00 40.48  ? 45  G   A "C5'" 1 
ATOM   948  C  "C4'" . G   A 1 45 ? -9.376  -2.026  -7.663  1.00 42.22  ? 45  G   A "C4'" 1 
ATOM   949  O  "O4'" . G   A 1 45 ? -8.294  -1.186  -7.189  1.00 42.23  ? 45  G   A "O4'" 1 
ATOM   950  C  "C3'" . G   A 1 45 ? -9.171  -2.065  -9.169  1.00 43.55  ? 45  G   A "C3'" 1 
ATOM   951  O  "O3'" . G   A 1 45 ? -10.328 -2.440  -9.894  1.00 42.24  ? 45  G   A "O3'" 1 
ATOM   952  C  "C2'" . G   A 1 45 ? -8.704  -0.650  -9.471  1.00 42.05  ? 45  G   A "C2'" 1 
ATOM   953  O  "O2'" . G   A 1 45 ? -9.796  0.249   -9.525  1.00 41.12  ? 45  G   A "O2'" 1 
ATOM   954  C  "C1'" . G   A 1 45 ? -7.868  -0.333  -8.227  1.00 44.35  ? 45  G   A "C1'" 1 
ATOM   955  N  N9    . G   A 1 45 ? -6.437  -0.556  -8.482  1.00 38.22  ? 45  G   A N9    1 
ATOM   956  C  C8    . G   A 1 45 ? -5.641  -1.624  -8.154  1.00 44.03  ? 45  G   A C8    1 
ATOM   957  N  N7    . G   A 1 45 ? -4.407  -1.479  -8.569  1.00 38.64  ? 45  G   A N7    1 
ATOM   958  C  C5    . G   A 1 45 ? -4.406  -0.255  -9.215  1.00 38.29  ? 45  G   A C5    1 
ATOM   959  C  C6    . G   A 1 45 ? -3.371  0.450   -9.867  1.00 42.00  ? 45  G   A C6    1 
ATOM   960  O  O6    . G   A 1 45 ? -2.193  0.093   -10.013 1.00 42.46  ? 45  G   A O6    1 
ATOM   961  N  N1    . G   A 1 45 ? -3.816  1.680   -10.375 1.00 40.93  ? 45  G   A N1    1 
ATOM   962  C  C2    . G   A 1 45 ? -5.104  2.155   -10.285 1.00 44.23  ? 45  G   A C2    1 
ATOM   963  N  N2    . G   A 1 45 ? -5.369  3.350   -10.846 1.00 46.64  ? 45  G   A N2    1 
ATOM   964  N  N3    . G   A 1 45 ? -6.072  1.501   -9.673  1.00 43.16  ? 45  G   A N3    1 
ATOM   965  C  C4    . G   A 1 45 ? -5.653  0.322   -9.172  1.00 43.73  ? 45  G   A C4    1 
ATOM   966  P  P     . G   A 1 46 ? -10.209 -3.405  -11.175 1.00 47.35  ? 46  G   A P     1 
ATOM   967  O  OP1   . G   A 1 46 ? -11.563 -3.437  -11.785 1.00 54.27  ? 46  G   A OP1   1 
ATOM   968  O  OP2   . G   A 1 46 ? -9.556  -4.684  -10.831 1.00 39.43  ? 46  G   A OP2   1 
ATOM   969  O  "O5'" . G   A 1 46 ? -9.249  -2.636  -12.181 1.00 46.60  ? 46  G   A "O5'" 1 
ATOM   970  C  "C5'" . G   A 1 46 ? -9.646  -1.424  -12.796 1.00 47.87  ? 46  G   A "C5'" 1 
ATOM   971  C  "C4'" . G   A 1 46 ? -8.485  -0.788  -13.510 1.00 44.38  ? 46  G   A "C4'" 1 
ATOM   972  O  "O4'" . G   A 1 46 ? -7.431  -0.509  -12.557 1.00 47.49  ? 46  G   A "O4'" 1 
ATOM   973  C  "C3'" . G   A 1 46 ? -7.803  -1.638  -14.568 1.00 47.04  ? 46  G   A "C3'" 1 
ATOM   974  O  "O3'" . G   A 1 46 ? -8.501  -1.647  -15.807 1.00 49.45  ? 46  G   A "O3'" 1 
ATOM   975  C  "C2'" . G   A 1 46 ? -6.417  -1.008  -14.647 1.00 48.15  ? 46  G   A "C2'" 1 
ATOM   976  O  "O2'" . G   A 1 46 ? -6.450  0.186   -15.417 1.00 48.05  ? 46  G   A "O2'" 1 
ATOM   977  C  "C1'" . G   A 1 46 ? -6.170  -0.638  -13.179 1.00 44.21  ? 46  G   A "C1'" 1 
ATOM   978  N  N9    . G   A 1 46 ? -5.387  -1.684  -12.482 1.00 43.41  ? 46  G   A N9    1 
ATOM   979  C  C8    . G   A 1 46 ? -5.830  -2.794  -11.799 1.00 44.25  ? 46  G   A C8    1 
ATOM   980  N  N7    . G   A 1 46 ? -4.860  -3.542  -11.323 1.00 40.99  ? 46  G   A N7    1 
ATOM   981  C  C5    . G   A 1 46 ? -3.705  -2.891  -11.726 1.00 44.41  ? 46  G   A C5    1 
ATOM   982  C  C6    . G   A 1 46 ? -2.341  -3.222  -11.518 1.00 40.10  ? 46  G   A C6    1 
ATOM   983  O  O6    . G   A 1 46 ? -1.906  -4.198  -10.914 1.00 40.30  ? 46  G   A O6    1 
ATOM   984  N  N1    . G   A 1 46 ? -1.476  -2.294  -12.095 1.00 39.31  ? 46  G   A N1    1 
ATOM   985  C  C2    . G   A 1 46 ? -1.894  -1.180  -12.792 1.00 42.39  ? 46  G   A C2    1 
ATOM   986  N  N2    . G   A 1 46 ? -0.954  -0.369  -13.291 1.00 38.86  ? 46  G   A N2    1 
ATOM   987  N  N3    . G   A 1 46 ? -3.159  -0.869  -12.995 1.00 42.82  ? 46  G   A N3    1 
ATOM   988  C  C4    . G   A 1 46 ? -4.007  -1.759  -12.446 1.00 43.80  ? 46  G   A C4    1 
ATOM   989  P  P     . A   A 1 47 ? -9.159  -3.011  -16.372 1.00 50.92  ? 47  A   A P     1 
ATOM   990  O  OP1   . A   A 1 47 ? -10.622 -2.930  -16.130 1.00 51.62  ? 47  A   A OP1   1 
ATOM   991  O  OP2   . A   A 1 47 ? -8.436  -4.183  -15.834 1.00 45.66  ? 47  A   A OP2   1 
ATOM   992  O  "O5'" . A   A 1 47 ? -8.881  -2.926  -17.936 1.00 46.84  ? 47  A   A "O5'" 1 
ATOM   993  C  "C5'" . A   A 1 47 ? -9.470  -1.898  -18.718 1.00 48.42  ? 47  A   A "C5'" 1 
ATOM   994  C  "C4'" . A   A 1 47 ? -8.504  -1.343  -19.733 1.00 47.68  ? 47  A   A "C4'" 1 
ATOM   995  O  "O4'" . A   A 1 47 ? -7.357  -0.767  -19.054 1.00 50.17  ? 47  A   A "O4'" 1 
ATOM   996  C  "C3'" . A   A 1 47 ? -7.896  -2.348  -20.698 1.00 49.42  ? 47  A   A "C3'" 1 
ATOM   997  O  "O3'" . A   A 1 47 ? -8.750  -2.656  -21.787 1.00 52.82  ? 47  A   A "O3'" 1 
ATOM   998  C  "C2'" . A   A 1 47 ? -6.601  -1.660  -21.114 1.00 48.55  ? 47  A   A "C2'" 1 
ATOM   999  O  "O2'" . A   A 1 47 ? -6.869  -0.629  -22.052 1.00 51.97  ? 47  A   A "O2'" 1 
ATOM   1000 C  "C1'" . A   A 1 47 ? -6.180  -1.012  -19.799 1.00 47.41  ? 47  A   A "C1'" 1 
ATOM   1001 N  N9    . A   A 1 47 ? -5.340  -1.924  -19.006 1.00 48.33  ? 47  A   A N9    1 
ATOM   1002 C  C8    . A   A 1 47 ? -5.718  -2.570  -17.858 1.00 46.50  ? 47  A   A C8    1 
ATOM   1003 N  N7    . A   A 1 47 ? -4.788  -3.349  -17.364 1.00 44.28  ? 47  A   A N7    1 
ATOM   1004 C  C5    . A   A 1 47 ? -3.727  -3.210  -18.245 1.00 43.60  ? 47  A   A C5    1 
ATOM   1005 C  C6    . A   A 1 47 ? -2.443  -3.779  -18.265 1.00 42.46  ? 47  A   A C6    1 
ATOM   1006 N  N6    . A   A 1 47 ? -1.986  -4.643  -17.350 1.00 41.27  ? 47  A   A N6    1 
ATOM   1007 N  N1    . A   A 1 47 ? -1.638  -3.431  -19.287 1.00 44.22  ? 47  A   A N1    1 
ATOM   1008 C  C2    . A   A 1 47 ? -2.084  -2.567  -20.217 1.00 44.21  ? 47  A   A C2    1 
ATOM   1009 N  N3    . A   A 1 47 ? -3.270  -1.965  -20.301 1.00 47.11  ? 47  A   A N3    1 
ATOM   1010 C  C4    . A   A 1 47 ? -4.054  -2.333  -19.271 1.00 44.89  ? 47  A   A C4    1 
ATOM   1011 P  P     . G   A 1 48 ? -8.842  -4.160  -22.341 1.00 53.63  ? 48  G   A P     1 
ATOM   1012 O  OP1   . G   A 1 48 ? -9.551  -4.139  -23.649 1.00 58.49  ? 48  G   A OP1   1 
ATOM   1013 O  OP2   . G   A 1 48 ? -9.381  -4.989  -21.237 1.00 54.79  ? 48  G   A OP2   1 
ATOM   1014 O  "O5'" . G   A 1 48 ? -7.330  -4.557  -22.643 1.00 47.31  ? 48  G   A "O5'" 1 
ATOM   1015 C  "C5'" . G   A 1 48 ? -6.659  -4.038  -23.772 1.00 45.71  ? 48  G   A "C5'" 1 
ATOM   1016 C  "C4'" . G   A 1 48 ? -5.242  -4.521  -23.816 1.00 44.80  ? 48  G   A "C4'" 1 
ATOM   1017 O  "O4'" . G   A 1 48 ? -4.579  -4.145  -22.586 1.00 48.90  ? 48  G   A "O4'" 1 
ATOM   1018 C  "C3'" . G   A 1 48 ? -5.063  -6.026  -23.886 1.00 46.81  ? 48  G   A "C3'" 1 
ATOM   1019 O  "O3'" . G   A 1 48 ? -5.160  -6.519  -25.207 1.00 48.05  ? 48  G   A "O3'" 1 
ATOM   1020 C  "C2'" . G   A 1 48 ? -3.688  -6.230  -23.275 1.00 42.15  ? 48  G   A "C2'" 1 
ATOM   1021 O  "O2'" . G   A 1 48 ? -2.680  -5.918  -24.223 1.00 43.11  ? 48  G   A "O2'" 1 
ATOM   1022 C  "C1'" . G   A 1 48 ? -3.673  -5.151  -22.199 1.00 44.09  ? 48  G   A "C1'" 1 
ATOM   1023 N  N9    . G   A 1 48 ? -4.100  -5.667  -20.890 1.00 42.94  ? 48  G   A N9    1 
ATOM   1024 C  C8    . G   A 1 48 ? -5.296  -5.436  -20.263 1.00 42.45  ? 48  G   A C8    1 
ATOM   1025 N  N7    . G   A 1 48 ? -5.375  -6.017  -19.097 1.00 42.23  ? 48  G   A N7    1 
ATOM   1026 C  C5    . G   A 1 48 ? -4.153  -6.670  -18.956 1.00 44.54  ? 48  G   A C5    1 
ATOM   1027 C  C6    . G   A 1 48 ? -3.646  -7.467  -17.895 1.00 43.14  ? 48  G   A C6    1 
ATOM   1028 O  O6    . G   A 1 48 ? -4.183  -7.790  -16.822 1.00 41.98  ? 48  G   A O6    1 
ATOM   1029 N  N1    . G   A 1 48 ? -2.360  -7.921  -18.176 1.00 43.33  ? 48  G   A N1    1 
ATOM   1030 C  C2    . G   A 1 48 ? -1.639  -7.648  -19.315 1.00 47.24  ? 48  G   A C2    1 
ATOM   1031 N  N2    . G   A 1 48 ? -0.414  -8.198  -19.377 1.00 42.70  ? 48  G   A N2    1 
ATOM   1032 N  N3    . G   A 1 48 ? -2.100  -6.901  -20.307 1.00 43.53  ? 48  G   A N3    1 
ATOM   1033 C  C4    . G   A 1 48 ? -3.351  -6.454  -20.056 1.00 42.39  ? 48  G   A C4    1 
ATOM   1034 P  P     . C   A 1 49 ? -5.765  -7.985  -25.471 1.00 49.58  ? 49  C   A P     1 
ATOM   1035 O  OP1   . C   A 1 49 ? -5.747  -8.236  -26.933 1.00 51.57  ? 49  C   A OP1   1 
ATOM   1036 O  OP2   . C   A 1 49 ? -6.980  -8.119  -24.641 1.00 47.52  ? 49  C   A OP2   1 
ATOM   1037 O  "O5'" . C   A 1 49 ? -4.654  -8.953  -24.895 1.00 46.45  ? 49  C   A "O5'" 1 
ATOM   1038 C  "C5'" . C   A 1 49 ? -3.363  -8.979  -25.472 1.00 44.81  ? 49  C   A "C5'" 1 
ATOM   1039 C  "C4'" . C   A 1 49 ? -2.450  -9.827  -24.639 1.00 47.14  ? 49  C   A "C4'" 1 
ATOM   1040 O  "O4'" . C   A 1 49 ? -2.263  -9.192  -23.344 1.00 43.41  ? 49  C   A "O4'" 1 
ATOM   1041 C  "C3'" . C   A 1 49 ? -3.003  -11.194 -24.284 1.00 44.83  ? 49  C   A "C3'" 1 
ATOM   1042 O  "O3'" . C   A 1 49 ? -2.902  -12.153 -25.323 1.00 44.97  ? 49  C   A "O3'" 1 
ATOM   1043 C  "C2'" . C   A 1 49 ? -2.215  -11.537 -23.030 1.00 40.68  ? 49  C   A "C2'" 1 
ATOM   1044 O  "O2'" . C   A 1 49 ? -0.881  -11.871 -23.367 1.00 43.31  ? 49  C   A "O2'" 1 
ATOM   1045 C  "C1'" . C   A 1 49 ? -2.194  -10.182 -22.334 1.00 41.43  ? 49  C   A "C1'" 1 
ATOM   1046 N  N1    . C   A 1 49 ? -3.349  -10.029 -21.415 1.00 38.90  ? 49  C   A N1    1 
ATOM   1047 C  C2    . C   A 1 49 ? -3.232  -10.595 -20.131 1.00 38.64  ? 49  C   A C2    1 
ATOM   1048 O  O2    . C   A 1 49 ? -2.187  -11.190 -19.805 1.00 36.76  ? 49  C   A O2    1 
ATOM   1049 N  N3    . C   A 1 49 ? -4.255  -10.496 -19.262 1.00 33.98  ? 49  C   A N3    1 
ATOM   1050 C  C4    . C   A 1 49 ? -5.371  -9.862  -19.598 1.00 38.48  ? 49  C   A C4    1 
ATOM   1051 N  N4    . C   A 1 49 ? -6.343  -9.815  -18.668 1.00 36.43  ? 49  C   A N4    1 
ATOM   1052 C  C5    . C   A 1 49 ? -5.531  -9.285  -20.902 1.00 39.07  ? 49  C   A C5    1 
ATOM   1053 C  C6    . C   A 1 49 ? -4.507  -9.385  -21.769 1.00 39.66  ? 49  C   A C6    1 
ATOM   1054 P  P     . G   A 1 50 ? -3.984  -13.341 -25.386 1.00 45.49  ? 50  G   A P     1 
ATOM   1055 O  OP1   . G   A 1 50 ? -3.854  -14.000 -26.710 1.00 44.05  ? 50  G   A OP1   1 
ATOM   1056 O  OP2   . G   A 1 50 ? -5.266  -12.738 -24.944 1.00 39.32  ? 50  G   A OP2   1 
ATOM   1057 O  "O5'" . G   A 1 50 ? -3.512  -14.358 -24.252 1.00 41.89  ? 50  G   A "O5'" 1 
ATOM   1058 C  "C5'" . G   A 1 50 ? -2.220  -14.930 -24.301 1.00 39.65  ? 50  G   A "C5'" 1 
ATOM   1059 C  "C4'" . G   A 1 50 ? -1.945  -15.740 -23.065 1.00 41.16  ? 50  G   A "C4'" 1 
ATOM   1060 O  "O4'" . G   A 1 50 ? -2.002  -14.891 -21.889 1.00 43.63  ? 50  G   A "O4'" 1 
ATOM   1061 C  "C3'" . G   A 1 50 ? -2.926  -16.848 -22.750 1.00 40.97  ? 50  G   A "C3'" 1 
ATOM   1062 O  "O3'" . G   A 1 50 ? -2.711  -18.011 -23.529 1.00 41.70  ? 50  G   A "O3'" 1 
ATOM   1063 C  "C2'" . G   A 1 50 ? -2.695  -17.074 -21.264 1.00 37.29  ? 50  G   A "C2'" 1 
ATOM   1064 O  "O2'" . G   A 1 50 ? -1.503  -17.815 -21.072 1.00 44.41  ? 50  G   A "O2'" 1 
ATOM   1065 C  "C1'" . G   A 1 50 ? -2.457  -15.643 -20.779 1.00 42.76  ? 50  G   A "C1'" 1 
ATOM   1066 N  N9    . G   A 1 50 ? -3.694  -15.030 -20.258 1.00 38.41  ? 50  G   A N9    1 
ATOM   1067 C  C8    . G   A 1 50 ? -4.466  -14.074 -20.866 1.00 37.27  ? 50  G   A C8    1 
ATOM   1068 N  N7    . G   A 1 50 ? -5.505  -13.726 -20.138 1.00 40.06  ? 50  G   A N7    1 
ATOM   1069 C  C5    . G   A 1 50 ? -5.415  -14.519 -18.998 1.00 35.96  ? 50  G   A C5    1 
ATOM   1070 C  C6    . G   A 1 50 ? -6.262  -14.591 -17.866 1.00 37.47  ? 50  G   A C6    1 
ATOM   1071 O  O6    . G   A 1 50 ? -7.288  -13.947 -17.641 1.00 38.54  ? 50  G   A O6    1 
ATOM   1072 N  N1    . G   A 1 50 ? -5.806  -15.539 -16.947 1.00 40.25  ? 50  G   A N1    1 
ATOM   1073 C  C2    . G   A 1 50 ? -4.664  -16.295 -17.102 1.00 41.36  ? 50  G   A C2    1 
ATOM   1074 N  N2    . G   A 1 50 ? -4.359  -17.144 -16.110 1.00 38.41  ? 50  G   A N2    1 
ATOM   1075 N  N3    . G   A 1 50 ? -3.870  -16.222 -18.158 1.00 39.69  ? 50  G   A N3    1 
ATOM   1076 C  C4    . G   A 1 50 ? -4.300  -15.323 -19.055 1.00 34.99  ? 50  G   A C4    1 
ATOM   1077 P  P     . C   A 1 51 ? -3.962  -18.916 -23.943 1.00 44.88  ? 51  C   A P     1 
ATOM   1078 O  OP1   . C   A 1 51 ? -3.451  -19.938 -24.884 1.00 43.54  ? 51  C   A OP1   1 
ATOM   1079 O  OP2   . C   A 1 51 ? -5.133  -18.046 -24.272 1.00 39.05  ? 51  C   A OP2   1 
ATOM   1080 O  "O5'" . C   A 1 51 ? -4.393  -19.628 -22.588 1.00 42.79  ? 51  C   A "O5'" 1 
ATOM   1081 C  "C5'" . C   A 1 51 ? -3.508  -20.490 -21.893 1.00 41.40  ? 51  C   A "C5'" 1 
ATOM   1082 C  "C4'" . C   A 1 51 ? -4.081  -20.862 -20.553 1.00 42.66  ? 51  C   A "C4'" 1 
ATOM   1083 O  "O4'" . C   A 1 51 ? -4.202  -19.671 -19.725 1.00 41.64  ? 51  C   A "O4'" 1 
ATOM   1084 C  "C3'" . C   A 1 51 ? -5.488  -21.436 -20.575 1.00 40.95  ? 51  C   A "C3'" 1 
ATOM   1085 O  "O3'" . C   A 1 51 ? -5.536  -22.813 -20.924 1.00 40.93  ? 51  C   A "O3'" 1 
ATOM   1086 C  "C2'" . C   A 1 51 ? -5.984  -21.128 -19.171 1.00 43.15  ? 51  C   A "C2'" 1 
ATOM   1087 O  "O2'" . C   A 1 51 ? -5.381  -22.009 -18.237 1.00 43.29  ? 51  C   A "O2'" 1 
ATOM   1088 C  "C1'" . C   A 1 51 ? -5.377  -19.746 -18.946 1.00 42.24  ? 51  C   A "C1'" 1 
ATOM   1089 N  N1    . C   A 1 51 ? -6.294  -18.642 -19.336 1.00 36.48  ? 51  C   A N1    1 
ATOM   1090 C  C2    . C   A 1 51 ? -7.241  -18.270 -18.377 1.00 41.47  ? 51  C   A C2    1 
ATOM   1091 O  O2    . C   A 1 51 ? -7.261  -18.894 -17.298 1.00 39.73  ? 51  C   A O2    1 
ATOM   1092 N  N3    . C   A 1 51 ? -8.100  -17.262 -18.643 1.00 38.11  ? 51  C   A N3    1 
ATOM   1093 C  C4    . C   A 1 51 ? -8.043  -16.634 -19.817 1.00 40.00  ? 51  C   A C4    1 
ATOM   1094 N  N4    . C   A 1 51 ? -8.923  -15.647 -20.021 1.00 41.95  ? 51  C   A N4    1 
ATOM   1095 C  C5    . C   A 1 51 ? -7.084  -16.989 -20.824 1.00 39.19  ? 51  C   A C5    1 
ATOM   1096 C  C6    . C   A 1 51 ? -6.235  -17.991 -20.538 1.00 38.34  ? 51  C   A C6    1 
ATOM   1097 P  P     . C   A 1 52 ? -6.834  -23.417 -21.664 1.00 43.04  ? 52  C   A P     1 
ATOM   1098 O  OP1   . C   A 1 52 ? -6.548  -24.820 -22.047 1.00 50.12  ? 52  C   A OP1   1 
ATOM   1099 O  OP2   . C   A 1 52 ? -7.311  -22.478 -22.707 1.00 41.79  ? 52  C   A OP2   1 
ATOM   1100 O  "O5'" . C   A 1 52 ? -7.941  -23.435 -20.517 1.00 43.02  ? 52  C   A "O5'" 1 
ATOM   1101 C  "C5'" . C   A 1 52 ? -7.745  -24.189 -19.331 1.00 46.44  ? 52  C   A "C5'" 1 
ATOM   1102 C  "C4'" . C   A 1 52 ? -8.904  -24.018 -18.384 1.00 46.23  ? 52  C   A "C4'" 1 
ATOM   1103 O  "O4'" . C   A 1 52 ? -8.909  -22.667 -17.852 1.00 43.87  ? 52  C   A "O4'" 1 
ATOM   1104 C  "C3'" . C   A 1 52 ? -10.289 -24.175 -18.993 1.00 48.82  ? 52  C   A "C3'" 1 
ATOM   1105 O  "O3'" . C   A 1 52 ? -10.680 -25.531 -19.150 1.00 49.75  ? 52  C   A "O3'" 1 
ATOM   1106 C  "C2'" . C   A 1 52 ? -11.161 -23.396 -18.020 1.00 48.65  ? 52  C   A "C2'" 1 
ATOM   1107 O  "O2'" . C   A 1 52 ? -11.386 -24.162 -16.850 1.00 52.02  ? 52  C   A "O2'" 1 
ATOM   1108 C  "C1'" . C   A 1 52 ? -10.238 -22.235 -17.651 1.00 48.28  ? 52  C   A "C1'" 1 
ATOM   1109 N  N1    . C   A 1 52 ? -10.494 -21.041 -18.493 1.00 49.18  ? 52  C   A N1    1 
ATOM   1110 C  C2    . C   A 1 52 ? -11.519 -20.182 -18.090 1.00 51.26  ? 52  C   A C2    1 
ATOM   1111 O  O2    . C   A 1 52 ? -12.136 -20.446 -17.045 1.00 53.36  ? 52  C   A O2    1 
ATOM   1112 N  N3    . C   A 1 52 ? -11.796 -19.082 -18.826 1.00 47.72  ? 52  C   A N3    1 
ATOM   1113 C  C4    . C   A 1 52 ? -11.103 -18.827 -19.932 1.00 46.51  ? 52  C   A C4    1 
ATOM   1114 N  N4    . C   A 1 52 ? -11.423 -17.723 -20.619 1.00 46.41  ? 52  C   A N4    1 
ATOM   1115 C  C5    . C   A 1 52 ? -10.056 -19.693 -20.376 1.00 43.39  ? 52  C   A C5    1 
ATOM   1116 C  C6    . C   A 1 52 ? -9.790  -20.781 -19.642 1.00 44.21  ? 52  C   A C6    1 
ATOM   1117 P  P     . U   A 1 53 ? -11.691 -25.939 -20.333 1.00 53.80  ? 53  U   A P     1 
ATOM   1118 O  OP1   . U   A 1 53 ? -11.903 -27.401 -20.249 1.00 54.26  ? 53  U   A OP1   1 
ATOM   1119 O  OP2   . U   A 1 53 ? -11.216 -25.333 -21.610 1.00 53.32  ? 53  U   A OP2   1 
ATOM   1120 O  "O5'" . U   A 1 53 ? -13.055 -25.213 -19.937 1.00 54.47  ? 53  U   A "O5'" 1 
ATOM   1121 C  "C5'" . U   A 1 53 ? -13.790 -25.603 -18.782 1.00 49.32  ? 53  U   A "C5'" 1 
ATOM   1122 C  "C4'" . U   A 1 53 ? -15.012 -24.739 -18.594 1.00 56.92  ? 53  U   A "C4'" 1 
ATOM   1123 O  "O4'" . U   A 1 53 ? -14.602 -23.372 -18.313 1.00 52.66  ? 53  U   A "O4'" 1 
ATOM   1124 C  "C3'" . U   A 1 53 ? -15.926 -24.608 -19.808 1.00 56.81  ? 53  U   A "C3'" 1 
ATOM   1125 O  "O3'" . U   A 1 53 ? -16.813 -25.702 -19.967 1.00 60.54  ? 53  U   A "O3'" 1 
ATOM   1126 C  "C2'" . U   A 1 53 ? -16.632 -23.282 -19.558 1.00 60.04  ? 53  U   A "C2'" 1 
ATOM   1127 O  "O2'" . U   A 1 53 ? -17.696 -23.443 -18.629 1.00 64.49  ? 53  U   A "O2'" 1 
ATOM   1128 C  "C1'" . U   A 1 53 ? -15.515 -22.463 -18.901 1.00 61.84  ? 53  U   A "C1'" 1 
ATOM   1129 N  N1    . U   A 1 53 ? -14.804 -21.633 -19.905 1.00 55.17  ? 53  U   A N1    1 
ATOM   1130 C  C2    . U   A 1 53 ? -15.322 -20.376 -20.176 1.00 53.47  ? 53  U   A C2    1 
ATOM   1131 O  O2    . U   A 1 53 ? -16.295 -19.924 -19.604 1.00 58.71  ? 53  U   A O2    1 
ATOM   1132 N  N3    . U   A 1 53 ? -14.652 -19.649 -21.127 1.00 54.07  ? 53  U   A N3    1 
ATOM   1133 C  C4    . U   A 1 53 ? -13.538 -20.056 -21.833 1.00 55.07  ? 53  U   A C4    1 
ATOM   1134 O  O4    . U   A 1 53 ? -13.040 -19.296 -22.665 1.00 53.78  ? 53  U   A O4    1 
ATOM   1135 C  C5    . U   A 1 53 ? -13.066 -21.375 -21.511 1.00 55.25  ? 53  U   A C5    1 
ATOM   1136 C  C6    . U   A 1 53 ? -13.703 -22.105 -20.584 1.00 54.74  ? 53  U   A C6    1 
HETATM 1137 N  N1    . SPM B 2 .  ? 12.138  10.769  18.927  1.00 64.54  ? 201 SPM A N1    1 
HETATM 1138 C  C2    . SPM B 2 .  ? 11.350  11.706  19.712  1.00 62.25  ? 201 SPM A C2    1 
HETATM 1139 C  C3    . SPM B 2 .  ? 9.853   11.493  19.492  1.00 50.85  ? 201 SPM A C3    1 
HETATM 1140 C  C4    . SPM B 2 .  ? 9.302   10.287  20.253  1.00 48.69  ? 201 SPM A C4    1 
HETATM 1141 N  N5    . SPM B 2 .  ? 9.325   10.444  21.703  1.00 51.97  ? 201 SPM A N5    1 
HETATM 1142 C  C6    . SPM B 2 .  ? 8.992   9.327   22.569  1.00 49.44  ? 201 SPM A C6    1 
HETATM 1143 C  C7    . SPM B 2 .  ? 9.176   9.645   24.053  1.00 49.24  ? 201 SPM A C7    1 
HETATM 1144 C  C8    . SPM B 2 .  ? 9.431   8.367   24.852  1.00 47.93  ? 201 SPM A C8    1 
HETATM 1145 C  C9    . SPM B 2 .  ? 10.140  8.612   26.184  1.00 53.33  ? 201 SPM A C9    1 
HETATM 1146 N  N10   . SPM B 2 .  ? 9.217   8.925   27.263  1.00 53.21  ? 201 SPM A N10   1 
HETATM 1147 C  C11   . SPM B 2 .  ? 9.630   9.728   28.394  1.00 55.25  ? 201 SPM A C11   1 
HETATM 1148 C  C12   . SPM B 2 .  ? 8.801   9.400   29.628  1.00 49.31  ? 201 SPM A C12   1 
HETATM 1149 C  C13   . SPM B 2 .  ? 9.488   9.892   30.896  1.00 57.12  ? 201 SPM A C13   1 
HETATM 1150 N  N14   . SPM B 2 .  ? 8.601   9.694   32.028  1.00 59.89  ? 201 SPM A N14   1 
HETATM 1151 N  N9    . GUN C 3 .  ? 3.393   2.478   1.443   1.00 37.22  ? 202 GUN A N9    1 
HETATM 1152 C  C8    . GUN C 3 .  ? 2.569   3.430   1.951   1.00 34.13  ? 202 GUN A C8    1 
HETATM 1153 N  N7    . GUN C 3 .  ? 1.983   2.982   3.094   1.00 33.00  ? 202 GUN A N7    1 
HETATM 1154 C  C5    . GUN C 3 .  ? 2.416   1.729   3.311   1.00 34.79  ? 202 GUN A C5    1 
HETATM 1155 C  C6    . GUN C 3 .  ? 2.192   0.705   4.347   1.00 36.97  ? 202 GUN A C6    1 
HETATM 1156 O  O6    . GUN C 3 .  ? 1.414   0.942   5.306   1.00 34.99  ? 202 GUN A O6    1 
HETATM 1157 N  N1    . GUN C 3 .  ? 2.819   -0.473  4.220   1.00 33.70  ? 202 GUN A N1    1 
HETATM 1158 C  C2    . GUN C 3 .  ? 3.647   -0.742  3.211   1.00 33.60  ? 202 GUN A C2    1 
HETATM 1159 N  N2    . GUN C 3 .  ? 4.237   -1.957  3.179   1.00 32.75  ? 202 GUN A N2    1 
HETATM 1160 N  N3    . GUN C 3 .  ? 3.918   0.157   2.234   1.00 34.25  ? 202 GUN A N3    1 
HETATM 1161 C  C4    . GUN C 3 .  ? 3.349   1.393   2.235   1.00 35.14  ? 202 GUN A C4    1 
HETATM 1162 MG MG    . MG  D 4 .  ? -3.118  -5.824  -7.953  1.00 54.85  ? 203 MG  A MG    1 
HETATM 1163 MG MG    . MG  E 4 .  ? -8.178  -10.169 -14.932 1.00 59.36  ? 204 MG  A MG    1 
HETATM 1164 MG MG    . MG  F 4 .  ? 5.975   6.454   7.567   1.00 55.24  ? 205 MG  A MG    1 
HETATM 1165 MG MG    . MG  G 4 .  ? -18.918 -24.816 -18.270 1.00 60.48  ? 206 MG  A MG    1 
HETATM 1166 O  O     . HOH H 5 .  ? -17.423 -25.961 -22.060 1.00 54.90  ? 301 HOH A O     1 
HETATM 1167 O  O     . HOH H 5 .  ? -5.393  -18.576 -13.636 1.00 42.76  ? 302 HOH A O     1 
HETATM 1168 O  O     . HOH H 5 .  ? 5.376   4.099   8.304   1.00 35.58  ? 303 HOH A O     1 
HETATM 1169 O  O     . HOH H 5 .  ? -0.696  -18.122 -18.624 1.00 43.16  ? 304 HOH A O     1 
HETATM 1170 O  O     . HOH H 5 .  ? 1.191   3.360   6.392   1.00 41.80  ? 305 HOH A O     1 
HETATM 1171 O  O     . HOH H 5 .  ? 7.000   5.697   24.939  1.00 44.80  ? 306 HOH A O     1 
HETATM 1172 O  O     . HOH H 5 .  ? 4.291   3.787   5.579   1.00 38.36  ? 307 HOH A O     1 
HETATM 1173 O  O     . HOH H 5 .  ? -4.407  -5.362  -9.344  1.00 45.20  ? 308 HOH A O     1 
HETATM 1174 O  O     . HOH H 5 .  ? -7.592  -6.245  -17.448 1.00 44.08  ? 309 HOH A O     1 
HETATM 1175 O  O     . HOH H 5 .  ? -2.983  -3.898  -8.398  1.00 46.39  ? 310 HOH A O     1 
HETATM 1176 O  O     . HOH H 5 .  ? 9.454   1.077   11.654  1.00 36.87  ? 311 HOH A O     1 
HETATM 1177 O  O     . HOH H 5 .  ? 4.441   -3.996  -5.189  1.00 47.38  ? 312 HOH A O     1 
HETATM 1178 O  O     . HOH H 5 .  ? 5.434   7.871   5.933   1.00 55.08  ? 313 HOH A O     1 
HETATM 1179 O  O     . HOH H 5 .  ? -7.634  -12.178 -21.279 1.00 35.51  ? 314 HOH A O     1 
HETATM 1180 O  O     . HOH H 5 .  ? 0.328   -5.014  -9.180  1.00 48.13  ? 315 HOH A O     1 
HETATM 1181 O  O     . HOH H 5 .  ? 8.290   3.584   11.127  1.00 35.09  ? 316 HOH A O     1 
HETATM 1182 O  O     . HOH H 5 .  ? 3.356   2.197   8.401   1.00 43.41  ? 317 HOH A O     1 
HETATM 1183 O  O     . HOH H 5 .  ? 12.832  3.179   12.320  1.00 46.89  ? 318 HOH A O     1 
HETATM 1184 O  O     . HOH H 5 .  ? -7.121  -8.300  -15.568 1.00 40.72  ? 319 HOH A O     1 
HETATM 1185 O  O     . HOH H 5 .  ? -7.889  -11.463 -12.474 1.00 47.77  ? 320 HOH A O     1 
HETATM 1186 O  O     . HOH H 5 .  ? 0.321   -3.919  12.262  1.00 48.13  ? 321 HOH A O     1 
HETATM 1187 O  O     . HOH H 5 .  ? 5.872   8.240   2.167   1.00 50.33  ? 322 HOH A O     1 
HETATM 1188 O  O     . HOH H 5 .  ? 4.808   6.992   9.198   1.00 54.69  ? 323 HOH A O     1 
HETATM 1189 O  O     . HOH H 5 .  ? -0.511  -3.078  13.909  1.00 49.49  ? 324 HOH A O     1 
# 
